data_1F2A
# 
_entry.id   1F2A 
# 
_audit_conform.dict_name       mmcif_pdbx.dic 
_audit_conform.dict_version    5.398 
_audit_conform.dict_location   http://mmcif.pdb.org/dictionaries/ascii/mmcif_pdbx.dic 
# 
loop_
_database_2.database_id 
_database_2.database_code 
_database_2.pdbx_database_accession 
_database_2.pdbx_DOI 
PDB   1F2A         pdb_00001f2a 10.2210/pdb1f2a/pdb 
RCSB  RCSB011156   ?            ?                   
WWPDB D_1000011156 ?            ?                   
# 
loop_
_pdbx_audit_revision_history.ordinal 
_pdbx_audit_revision_history.data_content_type 
_pdbx_audit_revision_history.major_revision 
_pdbx_audit_revision_history.minor_revision 
_pdbx_audit_revision_history.revision_date 
1 'Structure model' 1 0 2000-07-26 
2 'Structure model' 1 1 2008-04-27 
3 'Structure model' 1 2 2011-07-13 
4 'Structure model' 1 3 2024-11-06 
# 
_pdbx_audit_revision_details.ordinal             1 
_pdbx_audit_revision_details.revision_ordinal    1 
_pdbx_audit_revision_details.data_content_type   'Structure model' 
_pdbx_audit_revision_details.provider            repository 
_pdbx_audit_revision_details.type                'Initial release' 
_pdbx_audit_revision_details.description         ? 
_pdbx_audit_revision_details.details             ? 
# 
loop_
_pdbx_audit_revision_group.ordinal 
_pdbx_audit_revision_group.revision_ordinal 
_pdbx_audit_revision_group.data_content_type 
_pdbx_audit_revision_group.group 
1 2 'Structure model' 'Version format compliance' 
2 3 'Structure model' 'Version format compliance' 
3 4 'Structure model' 'Data collection'           
4 4 'Structure model' 'Database references'       
5 4 'Structure model' 'Derived calculations'      
6 4 'Structure model' 'Structure summary'         
# 
loop_
_pdbx_audit_revision_category.ordinal 
_pdbx_audit_revision_category.revision_ordinal 
_pdbx_audit_revision_category.data_content_type 
_pdbx_audit_revision_category.category 
1 4 'Structure model' chem_comp_atom            
2 4 'Structure model' chem_comp_bond            
3 4 'Structure model' database_2                
4 4 'Structure model' pdbx_entry_details        
5 4 'Structure model' pdbx_modification_feature 
6 4 'Structure model' struct_conn               
7 4 'Structure model' struct_site               
# 
loop_
_pdbx_audit_revision_item.ordinal 
_pdbx_audit_revision_item.revision_ordinal 
_pdbx_audit_revision_item.data_content_type 
_pdbx_audit_revision_item.item 
1  4 'Structure model' '_database_2.pdbx_DOI'                
2  4 'Structure model' '_database_2.pdbx_database_accession' 
3  4 'Structure model' '_struct_conn.pdbx_leaving_atom_flag' 
4  4 'Structure model' '_struct_conn.ptnr1_auth_comp_id'     
5  4 'Structure model' '_struct_conn.ptnr1_auth_seq_id'      
6  4 'Structure model' '_struct_conn.ptnr1_label_asym_id'    
7  4 'Structure model' '_struct_conn.ptnr1_label_atom_id'    
8  4 'Structure model' '_struct_conn.ptnr1_label_comp_id'    
9  4 'Structure model' '_struct_conn.ptnr1_label_seq_id'     
10 4 'Structure model' '_struct_conn.ptnr2_auth_comp_id'     
11 4 'Structure model' '_struct_conn.ptnr2_auth_seq_id'      
12 4 'Structure model' '_struct_conn.ptnr2_label_asym_id'    
13 4 'Structure model' '_struct_conn.ptnr2_label_atom_id'    
14 4 'Structure model' '_struct_conn.ptnr2_label_comp_id'    
15 4 'Structure model' '_struct_conn.ptnr2_label_seq_id'     
16 4 'Structure model' '_struct_site.pdbx_auth_asym_id'      
17 4 'Structure model' '_struct_site.pdbx_auth_comp_id'      
18 4 'Structure model' '_struct_site.pdbx_auth_seq_id'       
# 
_pdbx_database_status.status_code                     REL 
_pdbx_database_status.entry_id                        1F2A 
_pdbx_database_status.recvd_initial_deposition_date   2000-05-23 
_pdbx_database_status.deposit_site                    RCSB 
_pdbx_database_status.process_site                    RCSB 
_pdbx_database_status.SG_entry                        . 
_pdbx_database_status.pdb_format_compatible           Y 
_pdbx_database_status.status_code_mr                  ? 
_pdbx_database_status.status_code_sf                  ? 
_pdbx_database_status.status_code_cs                  ? 
_pdbx_database_status.status_code_nmr_data            ? 
_pdbx_database_status.methods_development_category    ? 
# 
loop_
_pdbx_database_related.db_name 
_pdbx_database_related.db_id 
_pdbx_database_related.details 
_pdbx_database_related.content_type 
PDB 1F29 'Same protein bound to VS1.'                   unspecified 
PDB 1F2B 'Same protein bound to VS3.'                   unspecified 
PDB 1F2C 'Same protein bound to VS4.'                   unspecified 
PDB 1AIM 'Contains same protein bound to FMK inhibitor' unspecified 
PDB 2AIM 'Contains same protein bound to FMK inhibitor' unspecified 
PDB 1EWL 'SAME PROTEIN, WRR-99 INHIBITOR'               unspecified 
PDB 1EWM 'SAME PROTEIN, WRR-112 INHIBITOR'              unspecified 
PDB 1EWO 'SAME PROTEIN, WRR-204 INHIBITOR'              unspecified 
PDB 1EWP 'SAME PROTEIN, MOR-LEU-HPQ INHIBITOR'          unspecified 
# 
loop_
_audit_author.name 
_audit_author.pdbx_ordinal 
'Brinen, L.S.'     1 
'Hansell, E.'      2 
'Roush, W.R.'      3 
'McKerrow, J.H.'   4 
'Fletterick, R.J.' 5 
# 
loop_
_citation.id 
_citation.title 
_citation.journal_abbrev 
_citation.journal_volume 
_citation.page_first 
_citation.page_last 
_citation.year 
_citation.journal_id_ASTM 
_citation.country 
_citation.journal_id_ISSN 
_citation.journal_id_CSD 
_citation.book_publisher 
_citation.pdbx_database_id_PubMed 
_citation.pdbx_database_id_DOI 
primary 
;A target within the target: probing cruzain's P1' site to define structural determinants for the Chagas' disease protease.
;
'Structure Fold.Des.' 8   831 840 2000 FODEFH UK 0969-2126 1263 ? 10997902 '10.1016/S0969-2126(00)00173-8' 
1       
;The Crystal Structure of Cruzain: a Therapeutic Target for Chagas' Disease
;
J.Mol.Biol.           247 251 259 1995 JMOBAK UK 0022-2836 0070 ? ?        10.1006/jmbi.1994.0137          
# 
loop_
_citation_author.citation_id 
_citation_author.name 
_citation_author.ordinal 
_citation_author.identifier_ORCID 
primary 'Brinen, L.S.'     1  ? 
primary 'Hansell, E.'      2  ? 
primary 'Cheng, J.'        3  ? 
primary 'Roush, W.R.'      4  ? 
primary 'McKerrow, J.H.'   5  ? 
primary 'Fletterick, R.J.' 6  ? 
1       'McGrath, M.E.'    7  ? 
1       'Eakin, A.E.'      8  ? 
1       'Engel, J.C.'      9  ? 
1       'McKerrow, J.H.'   10 ? 
1       'Craik, C.S.'      11 ? 
1       'Fletterick, R.J.' 12 ? 
# 
loop_
_entity.id 
_entity.type 
_entity.src_method 
_entity.pdbx_description 
_entity.formula_weight 
_entity.pdbx_number_of_molecules 
_entity.pdbx_ec 
_entity.pdbx_mutation 
_entity.pdbx_fragment 
_entity.details 
1 polymer     man CRUZAIN                                                                                   22715.133 1  3.4.22.- 
? 'CATALYTIC DOMAIN' ? 
2 non-polymer syn '3-[N-[BENZYLOXYCARBONYL]-PHENYLALANINYL-AMINO]-5-PHENYL-PENTANE-1-SULFONYLMETHYLBENZENE' 598.752   1  ?        
? ?                  ? 
3 water       nat water                                                                                     18.015    81 ?        
? ?                  ? 
# 
_entity_name_com.entity_id   1 
_entity_name_com.name        'CRUZIPAIN, CRUZAINE' 
# 
_entity_poly.entity_id                      1 
_entity_poly.type                           'polypeptide(L)' 
_entity_poly.nstd_linkage                   no 
_entity_poly.nstd_monomer                   no 
_entity_poly.pdbx_seq_one_letter_code       
;APAAVDWRARGAVTAVKDQGQCGSCWAFSAIGNVECQWFLAGHPLTNLSEQMLVSCDKTDSGCSGGLMNNAFEWIVQENN
GAVYTEDSYPYASGEGISPPCTTSGHTVGATITGHVELPQDEAQIAAWLAVNGPVAVAVDASSWMTYTGGVMTSCVSEQL
DHGVLLVGYNDSAAVPYWIIKNSWTTQWGEEGYIRIAKGSNQCLVKEEASSAVVG
;
_entity_poly.pdbx_seq_one_letter_code_can   
;APAAVDWRARGAVTAVKDQGQCGSCWAFSAIGNVECQWFLAGHPLTNLSEQMLVSCDKTDSGCSGGLMNNAFEWIVQENN
GAVYTEDSYPYASGEGISPPCTTSGHTVGATITGHVELPQDEAQIAAWLAVNGPVAVAVDASSWMTYTGGVMTSCVSEQL
DHGVLLVGYNDSAAVPYWIIKNSWTTQWGEEGYIRIAKGSNQCLVKEEASSAVVG
;
_entity_poly.pdbx_strand_id                 A 
_entity_poly.pdbx_target_identifier         ? 
# 
loop_
_pdbx_entity_nonpoly.entity_id 
_pdbx_entity_nonpoly.name 
_pdbx_entity_nonpoly.comp_id 
2 '3-[N-[BENZYLOXYCARBONYL]-PHENYLALANINYL-AMINO]-5-PHENYL-PENTANE-1-SULFONYLMETHYLBENZENE' VS2 
3 water                                                                                     HOH 
# 
loop_
_entity_poly_seq.entity_id 
_entity_poly_seq.num 
_entity_poly_seq.mon_id 
_entity_poly_seq.hetero 
1 1   ALA n 
1 2   PRO n 
1 3   ALA n 
1 4   ALA n 
1 5   VAL n 
1 6   ASP n 
1 7   TRP n 
1 8   ARG n 
1 9   ALA n 
1 10  ARG n 
1 11  GLY n 
1 12  ALA n 
1 13  VAL n 
1 14  THR n 
1 15  ALA n 
1 16  VAL n 
1 17  LYS n 
1 18  ASP n 
1 19  GLN n 
1 20  GLY n 
1 21  GLN n 
1 22  CYS n 
1 23  GLY n 
1 24  SER n 
1 25  CYS n 
1 26  TRP n 
1 27  ALA n 
1 28  PHE n 
1 29  SER n 
1 30  ALA n 
1 31  ILE n 
1 32  GLY n 
1 33  ASN n 
1 34  VAL n 
1 35  GLU n 
1 36  CYS n 
1 37  GLN n 
1 38  TRP n 
1 39  PHE n 
1 40  LEU n 
1 41  ALA n 
1 42  GLY n 
1 43  HIS n 
1 44  PRO n 
1 45  LEU n 
1 46  THR n 
1 47  ASN n 
1 48  LEU n 
1 49  SER n 
1 50  GLU n 
1 51  GLN n 
1 52  MET n 
1 53  LEU n 
1 54  VAL n 
1 55  SER n 
1 56  CYS n 
1 57  ASP n 
1 58  LYS n 
1 59  THR n 
1 60  ASP n 
1 61  SER n 
1 62  GLY n 
1 63  CYS n 
1 64  SER n 
1 65  GLY n 
1 66  GLY n 
1 67  LEU n 
1 68  MET n 
1 69  ASN n 
1 70  ASN n 
1 71  ALA n 
1 72  PHE n 
1 73  GLU n 
1 74  TRP n 
1 75  ILE n 
1 76  VAL n 
1 77  GLN n 
1 78  GLU n 
1 79  ASN n 
1 80  ASN n 
1 81  GLY n 
1 82  ALA n 
1 83  VAL n 
1 84  TYR n 
1 85  THR n 
1 86  GLU n 
1 87  ASP n 
1 88  SER n 
1 89  TYR n 
1 90  PRO n 
1 91  TYR n 
1 92  ALA n 
1 93  SER n 
1 94  GLY n 
1 95  GLU n 
1 96  GLY n 
1 97  ILE n 
1 98  SER n 
1 99  PRO n 
1 100 PRO n 
1 101 CYS n 
1 102 THR n 
1 103 THR n 
1 104 SER n 
1 105 GLY n 
1 106 HIS n 
1 107 THR n 
1 108 VAL n 
1 109 GLY n 
1 110 ALA n 
1 111 THR n 
1 112 ILE n 
1 113 THR n 
1 114 GLY n 
1 115 HIS n 
1 116 VAL n 
1 117 GLU n 
1 118 LEU n 
1 119 PRO n 
1 120 GLN n 
1 121 ASP n 
1 122 GLU n 
1 123 ALA n 
1 124 GLN n 
1 125 ILE n 
1 126 ALA n 
1 127 ALA n 
1 128 TRP n 
1 129 LEU n 
1 130 ALA n 
1 131 VAL n 
1 132 ASN n 
1 133 GLY n 
1 134 PRO n 
1 135 VAL n 
1 136 ALA n 
1 137 VAL n 
1 138 ALA n 
1 139 VAL n 
1 140 ASP n 
1 141 ALA n 
1 142 SER n 
1 143 SER n 
1 144 TRP n 
1 145 MET n 
1 146 THR n 
1 147 TYR n 
1 148 THR n 
1 149 GLY n 
1 150 GLY n 
1 151 VAL n 
1 152 MET n 
1 153 THR n 
1 154 SER n 
1 155 CYS n 
1 156 VAL n 
1 157 SER n 
1 158 GLU n 
1 159 GLN n 
1 160 LEU n 
1 161 ASP n 
1 162 HIS n 
1 163 GLY n 
1 164 VAL n 
1 165 LEU n 
1 166 LEU n 
1 167 VAL n 
1 168 GLY n 
1 169 TYR n 
1 170 ASN n 
1 171 ASP n 
1 172 SER n 
1 173 ALA n 
1 174 ALA n 
1 175 VAL n 
1 176 PRO n 
1 177 TYR n 
1 178 TRP n 
1 179 ILE n 
1 180 ILE n 
1 181 LYS n 
1 182 ASN n 
1 183 SER n 
1 184 TRP n 
1 185 THR n 
1 186 THR n 
1 187 GLN n 
1 188 TRP n 
1 189 GLY n 
1 190 GLU n 
1 191 GLU n 
1 192 GLY n 
1 193 TYR n 
1 194 ILE n 
1 195 ARG n 
1 196 ILE n 
1 197 ALA n 
1 198 LYS n 
1 199 GLY n 
1 200 SER n 
1 201 ASN n 
1 202 GLN n 
1 203 CYS n 
1 204 LEU n 
1 205 VAL n 
1 206 LYS n 
1 207 GLU n 
1 208 GLU n 
1 209 ALA n 
1 210 SER n 
1 211 SER n 
1 212 ALA n 
1 213 VAL n 
1 214 VAL n 
1 215 GLY n 
# 
_entity_src_gen.entity_id                          1 
_entity_src_gen.pdbx_src_id                        1 
_entity_src_gen.pdbx_alt_source_flag               sample 
_entity_src_gen.pdbx_seq_type                      ? 
_entity_src_gen.pdbx_beg_seq_num                   ? 
_entity_src_gen.pdbx_end_seq_num                   ? 
_entity_src_gen.gene_src_common_name               ? 
_entity_src_gen.gene_src_genus                     Trypanosoma 
_entity_src_gen.pdbx_gene_src_gene                 ? 
_entity_src_gen.gene_src_species                   ? 
_entity_src_gen.gene_src_strain                    ? 
_entity_src_gen.gene_src_tissue                    ? 
_entity_src_gen.gene_src_tissue_fraction           ? 
_entity_src_gen.gene_src_details                   ? 
_entity_src_gen.pdbx_gene_src_fragment             ? 
_entity_src_gen.pdbx_gene_src_scientific_name      'Trypanosoma cruzi' 
_entity_src_gen.pdbx_gene_src_ncbi_taxonomy_id     5693 
_entity_src_gen.pdbx_gene_src_variant              ? 
_entity_src_gen.pdbx_gene_src_cell_line            ? 
_entity_src_gen.pdbx_gene_src_atcc                 ? 
_entity_src_gen.pdbx_gene_src_organ                ? 
_entity_src_gen.pdbx_gene_src_organelle            ? 
_entity_src_gen.pdbx_gene_src_cell                 ? 
_entity_src_gen.pdbx_gene_src_cellular_location    ? 
_entity_src_gen.host_org_common_name               ? 
_entity_src_gen.pdbx_host_org_scientific_name      'Escherichia coli' 
_entity_src_gen.pdbx_host_org_ncbi_taxonomy_id     562 
_entity_src_gen.host_org_genus                     Escherichia 
_entity_src_gen.pdbx_host_org_gene                 ? 
_entity_src_gen.pdbx_host_org_organ                ? 
_entity_src_gen.host_org_species                   ? 
_entity_src_gen.pdbx_host_org_tissue               ? 
_entity_src_gen.pdbx_host_org_tissue_fraction      ? 
_entity_src_gen.pdbx_host_org_strain               ? 
_entity_src_gen.pdbx_host_org_variant              ? 
_entity_src_gen.pdbx_host_org_cell_line            ? 
_entity_src_gen.pdbx_host_org_atcc                 ? 
_entity_src_gen.pdbx_host_org_culture_collection   ? 
_entity_src_gen.pdbx_host_org_cell                 ? 
_entity_src_gen.pdbx_host_org_organelle            ? 
_entity_src_gen.pdbx_host_org_cellular_location    ? 
_entity_src_gen.pdbx_host_org_vector_type          ? 
_entity_src_gen.pdbx_host_org_vector               ? 
_entity_src_gen.host_org_details                   ? 
_entity_src_gen.expression_system_id               ? 
_entity_src_gen.plasmid_name                       DH5ALPHA 
_entity_src_gen.plasmid_details                    ? 
_entity_src_gen.pdbx_description                   ? 
# 
loop_
_chem_comp.id 
_chem_comp.type 
_chem_comp.mon_nstd_flag 
_chem_comp.name 
_chem_comp.pdbx_synonyms 
_chem_comp.formula 
_chem_comp.formula_weight 
ALA 'L-peptide linking' y ALANINE                                                                                   ? 'C3 H7 N O2' 
89.093  
ARG 'L-peptide linking' y ARGININE                                                                                  ? 
'C6 H15 N4 O2 1'  175.209 
ASN 'L-peptide linking' y ASPARAGINE                                                                                ? 
'C4 H8 N2 O3'     132.118 
ASP 'L-peptide linking' y 'ASPARTIC ACID'                                                                           ? 'C4 H7 N O4' 
133.103 
CYS 'L-peptide linking' y CYSTEINE                                                                                  ? 
'C3 H7 N O2 S'    121.158 
GLN 'L-peptide linking' y GLUTAMINE                                                                                 ? 
'C5 H10 N2 O3'    146.144 
GLU 'L-peptide linking' y 'GLUTAMIC ACID'                                                                           ? 'C5 H9 N O4' 
147.129 
GLY 'peptide linking'   y GLYCINE                                                                                   ? 'C2 H5 N O2' 
75.067  
HIS 'L-peptide linking' y HISTIDINE                                                                                 ? 
'C6 H10 N3 O2 1'  156.162 
HOH non-polymer         . WATER                                                                                     ? 'H2 O' 
18.015  
ILE 'L-peptide linking' y ISOLEUCINE                                                                                ? 
'C6 H13 N O2'     131.173 
LEU 'L-peptide linking' y LEUCINE                                                                                   ? 
'C6 H13 N O2'     131.173 
LYS 'L-peptide linking' y LYSINE                                                                                    ? 
'C6 H15 N2 O2 1'  147.195 
MET 'L-peptide linking' y METHIONINE                                                                                ? 
'C5 H11 N O2 S'   149.211 
PHE 'L-peptide linking' y PHENYLALANINE                                                                             ? 
'C9 H11 N O2'     165.189 
PRO 'L-peptide linking' y PROLINE                                                                                   ? 'C5 H9 N O2' 
115.130 
SER 'L-peptide linking' y SERINE                                                                                    ? 'C3 H7 N O3' 
105.093 
THR 'L-peptide linking' y THREONINE                                                                                 ? 'C4 H9 N O3' 
119.119 
TRP 'L-peptide linking' y TRYPTOPHAN                                                                                ? 
'C11 H12 N2 O2'   204.225 
TYR 'L-peptide linking' y TYROSINE                                                                                  ? 
'C9 H11 N O3'     181.189 
VAL 'L-peptide linking' y VALINE                                                                                    ? 
'C5 H11 N O2'     117.146 
VS2 non-polymer         . '3-[N-[BENZYLOXYCARBONYL]-PHENYLALANINYL-AMINO]-5-PHENYL-PENTANE-1-SULFONYLMETHYLBENZENE' ? 
'C35 H38 N2 O5 S' 598.752 
# 
loop_
_pdbx_poly_seq_scheme.asym_id 
_pdbx_poly_seq_scheme.entity_id 
_pdbx_poly_seq_scheme.seq_id 
_pdbx_poly_seq_scheme.mon_id 
_pdbx_poly_seq_scheme.ndb_seq_num 
_pdbx_poly_seq_scheme.pdb_seq_num 
_pdbx_poly_seq_scheme.auth_seq_num 
_pdbx_poly_seq_scheme.pdb_mon_id 
_pdbx_poly_seq_scheme.auth_mon_id 
_pdbx_poly_seq_scheme.pdb_strand_id 
_pdbx_poly_seq_scheme.pdb_ins_code 
_pdbx_poly_seq_scheme.hetero 
A 1 1   ALA 1   1   1   ALA ALA A . n 
A 1 2   PRO 2   2   2   PRO PRO A . n 
A 1 3   ALA 3   3   3   ALA ALA A . n 
A 1 4   ALA 4   4   4   ALA ALA A . n 
A 1 5   VAL 5   5   5   VAL VAL A . n 
A 1 6   ASP 6   6   6   ASP ASP A . n 
A 1 7   TRP 7   7   7   TRP TRP A . n 
A 1 8   ARG 8   8   8   ARG ARG A . n 
A 1 9   ALA 9   9   9   ALA ALA A . n 
A 1 10  ARG 10  10  10  ARG ARG A . n 
A 1 11  GLY 11  11  11  GLY GLY A . n 
A 1 12  ALA 12  12  12  ALA ALA A . n 
A 1 13  VAL 13  13  13  VAL VAL A . n 
A 1 14  THR 14  14  14  THR THR A . n 
A 1 15  ALA 15  15  15  ALA ALA A . n 
A 1 16  VAL 16  16  16  VAL VAL A . n 
A 1 17  LYS 17  17  17  LYS LYS A . n 
A 1 18  ASP 18  18  18  ASP ASP A . n 
A 1 19  GLN 19  19  19  GLN GLN A . n 
A 1 20  GLY 20  20  20  GLY GLY A . n 
A 1 21  GLN 21  21  21  GLN GLN A . n 
A 1 22  CYS 22  22  22  CYS CYS A . n 
A 1 23  GLY 23  23  23  GLY GLY A . n 
A 1 24  SER 24  24  24  SER SER A . n 
A 1 25  CYS 25  25  25  CYS CYS A . n 
A 1 26  TRP 26  26  26  TRP TRP A . n 
A 1 27  ALA 27  27  27  ALA ALA A . n 
A 1 28  PHE 28  28  28  PHE PHE A . n 
A 1 29  SER 29  29  29  SER SER A . n 
A 1 30  ALA 30  30  30  ALA ALA A . n 
A 1 31  ILE 31  31  31  ILE ILE A . n 
A 1 32  GLY 32  32  32  GLY GLY A . n 
A 1 33  ASN 33  33  33  ASN ASN A . n 
A 1 34  VAL 34  34  34  VAL VAL A . n 
A 1 35  GLU 35  35  35  GLU GLU A . n 
A 1 36  CYS 36  36  36  CYS CYS A . n 
A 1 37  GLN 37  37  37  GLN GLN A . n 
A 1 38  TRP 38  38  38  TRP TRP A . n 
A 1 39  PHE 39  39  39  PHE PHE A . n 
A 1 40  LEU 40  40  40  LEU LEU A . n 
A 1 41  ALA 41  41  41  ALA ALA A . n 
A 1 42  GLY 42  42  42  GLY GLY A . n 
A 1 43  HIS 43  43  43  HIS HIS A . n 
A 1 44  PRO 44  44  44  PRO PRO A . n 
A 1 45  LEU 45  45  45  LEU LEU A . n 
A 1 46  THR 46  46  46  THR THR A . n 
A 1 47  ASN 47  47  47  ASN ASN A . n 
A 1 48  LEU 48  48  48  LEU LEU A . n 
A 1 49  SER 49  49  49  SER SER A . n 
A 1 50  GLU 50  50  50  GLU GLU A . n 
A 1 51  GLN 51  51  51  GLN GLN A . n 
A 1 52  MET 52  52  52  MET MET A . n 
A 1 53  LEU 53  53  53  LEU LEU A . n 
A 1 54  VAL 54  54  54  VAL VAL A . n 
A 1 55  SER 55  55  55  SER SER A . n 
A 1 56  CYS 56  56  56  CYS CYS A . n 
A 1 57  ASP 57  57  57  ASP ASP A . n 
A 1 58  LYS 58  58  58  LYS LYS A . n 
A 1 59  THR 59  59  59  THR THR A . n 
A 1 60  ASP 60  60  60  ASP ASP A . n 
A 1 61  SER 61  61  61  SER SER A . n 
A 1 62  GLY 62  62  62  GLY GLY A . n 
A 1 63  CYS 63  63  63  CYS CYS A . n 
A 1 64  SER 64  64  64  SER SER A . n 
A 1 65  GLY 65  65  65  GLY GLY A . n 
A 1 66  GLY 66  66  66  GLY GLY A . n 
A 1 67  LEU 67  67  67  LEU LEU A . n 
A 1 68  MET 68  68  68  MET MET A . n 
A 1 69  ASN 69  69  69  ASN ASN A . n 
A 1 70  ASN 70  70  70  ASN ASN A . n 
A 1 71  ALA 71  71  71  ALA ALA A . n 
A 1 72  PHE 72  72  72  PHE PHE A . n 
A 1 73  GLU 73  73  73  GLU GLU A . n 
A 1 74  TRP 74  74  74  TRP TRP A . n 
A 1 75  ILE 75  75  75  ILE ILE A . n 
A 1 76  VAL 76  76  76  VAL VAL A . n 
A 1 77  GLN 77  77  77  GLN GLN A . n 
A 1 78  GLU 78  78  78  GLU GLU A . n 
A 1 79  ASN 79  78  78  ASN ASN A A n 
A 1 80  ASN 80  78  78  ASN ASN A B n 
A 1 81  GLY 81  78  78  GLY GLY A C n 
A 1 82  ALA 82  79  79  ALA ALA A . n 
A 1 83  VAL 83  80  80  VAL VAL A . n 
A 1 84  TYR 84  81  81  TYR TYR A . n 
A 1 85  THR 85  82  82  THR THR A . n 
A 1 86  GLU 86  83  83  GLU GLU A . n 
A 1 87  ASP 87  84  84  ASP ASP A . n 
A 1 88  SER 88  85  85  SER SER A . n 
A 1 89  TYR 89  86  86  TYR TYR A . n 
A 1 90  PRO 90  87  87  PRO PRO A . n 
A 1 91  TYR 91  88  88  TYR TYR A . n 
A 1 92  ALA 92  89  89  ALA ALA A . n 
A 1 93  SER 93  89  89  SER SER A A n 
A 1 94  GLY 94  89  89  GLY GLY A B n 
A 1 95  GLU 95  89  89  GLU GLU A C n 
A 1 96  GLY 96  90  90  GLY GLY A . n 
A 1 97  ILE 97  91  91  ILE ILE A . n 
A 1 98  SER 98  92  92  SER SER A . n 
A 1 99  PRO 99  93  93  PRO PRO A . n 
A 1 100 PRO 100 94  94  PRO PRO A . n 
A 1 101 CYS 101 95  95  CYS CYS A . n 
A 1 102 THR 102 96  96  THR THR A . n 
A 1 103 THR 103 97  97  THR THR A . n 
A 1 104 SER 104 98  98  SER SER A . n 
A 1 105 GLY 105 99  99  GLY GLY A . n 
A 1 106 HIS 106 100 100 HIS HIS A . n 
A 1 107 THR 107 101 101 THR THR A . n 
A 1 108 VAL 108 102 102 VAL VAL A . n 
A 1 109 GLY 109 103 103 GLY GLY A . n 
A 1 110 ALA 110 105 105 ALA ALA A . n 
A 1 111 THR 111 106 106 THR THR A . n 
A 1 112 ILE 112 107 107 ILE ILE A . n 
A 1 113 THR 113 108 108 THR THR A . n 
A 1 114 GLY 114 109 109 GLY GLY A . n 
A 1 115 HIS 115 110 110 HIS HIS A . n 
A 1 116 VAL 116 111 111 VAL VAL A . n 
A 1 117 GLU 117 112 112 GLU GLU A . n 
A 1 118 LEU 118 113 113 LEU LEU A . n 
A 1 119 PRO 119 114 114 PRO PRO A . n 
A 1 120 GLN 120 115 115 GLN GLN A . n 
A 1 121 ASP 121 116 116 ASP ASP A . n 
A 1 122 GLU 122 117 117 GLU GLU A . n 
A 1 123 ALA 123 118 118 ALA ALA A . n 
A 1 124 GLN 124 119 119 GLN GLN A . n 
A 1 125 ILE 125 120 120 ILE ILE A . n 
A 1 126 ALA 126 121 121 ALA ALA A . n 
A 1 127 ALA 127 122 122 ALA ALA A . n 
A 1 128 TRP 128 123 123 TRP TRP A . n 
A 1 129 LEU 129 124 124 LEU LEU A . n 
A 1 130 ALA 130 125 125 ALA ALA A . n 
A 1 131 VAL 131 126 126 VAL VAL A . n 
A 1 132 ASN 132 127 127 ASN ASN A . n 
A 1 133 GLY 133 128 128 GLY GLY A . n 
A 1 134 PRO 134 129 129 PRO PRO A . n 
A 1 135 VAL 135 130 130 VAL VAL A . n 
A 1 136 ALA 136 131 131 ALA ALA A . n 
A 1 137 VAL 137 132 132 VAL VAL A . n 
A 1 138 ALA 138 133 133 ALA ALA A . n 
A 1 139 VAL 139 134 134 VAL VAL A . n 
A 1 140 ASP 140 135 135 ASP ASP A . n 
A 1 141 ALA 141 136 136 ALA ALA A . n 
A 1 142 SER 142 139 139 SER SER A . n 
A 1 143 SER 143 140 140 SER SER A . n 
A 1 144 TRP 144 141 141 TRP TRP A . n 
A 1 145 MET 145 142 142 MET MET A . n 
A 1 146 THR 146 143 143 THR THR A . n 
A 1 147 TYR 147 144 144 TYR TYR A . n 
A 1 148 THR 148 145 145 THR THR A . n 
A 1 149 GLY 149 146 146 GLY GLY A . n 
A 1 150 GLY 150 147 147 GLY GLY A . n 
A 1 151 VAL 151 148 148 VAL VAL A . n 
A 1 152 MET 152 149 149 MET MET A . n 
A 1 153 THR 153 151 151 THR THR A . n 
A 1 154 SER 154 152 152 SER SER A . n 
A 1 155 CYS 155 153 153 CYS CYS A . n 
A 1 156 VAL 156 154 154 VAL VAL A . n 
A 1 157 SER 157 155 155 SER SER A . n 
A 1 158 GLU 158 156 156 GLU GLU A . n 
A 1 159 GLN 159 156 156 GLN GLN A A n 
A 1 160 LEU 160 157 157 LEU LEU A . n 
A 1 161 ASP 161 158 158 ASP ASP A . n 
A 1 162 HIS 162 159 159 HIS HIS A . n 
A 1 163 GLY 163 160 160 GLY GLY A . n 
A 1 164 VAL 164 161 161 VAL VAL A . n 
A 1 165 LEU 165 162 162 LEU LEU A . n 
A 1 166 LEU 166 163 163 LEU LEU A . n 
A 1 167 VAL 167 164 164 VAL VAL A . n 
A 1 168 GLY 168 165 165 GLY GLY A . n 
A 1 169 TYR 169 166 166 TYR TYR A . n 
A 1 170 ASN 170 167 167 ASN ASN A . n 
A 1 171 ASP 171 167 167 ASP ASP A A n 
A 1 172 SER 172 167 167 SER SER A B n 
A 1 173 ALA 173 167 167 ALA ALA A C n 
A 1 174 ALA 174 167 167 ALA ALA A D n 
A 1 175 VAL 175 168 168 VAL VAL A . n 
A 1 176 PRO 176 169 169 PRO PRO A . n 
A 1 177 TYR 177 170 170 TYR TYR A . n 
A 1 178 TRP 178 171 171 TRP TRP A . n 
A 1 179 ILE 179 172 172 ILE ILE A . n 
A 1 180 ILE 180 173 173 ILE ILE A . n 
A 1 181 LYS 181 174 174 LYS LYS A . n 
A 1 182 ASN 182 175 175 ASN ASN A . n 
A 1 183 SER 183 176 176 SER SER A . n 
A 1 184 TRP 184 177 177 TRP TRP A . n 
A 1 185 THR 185 178 178 THR THR A . n 
A 1 186 THR 186 179 179 THR THR A . n 
A 1 187 GLN 187 180 180 GLN GLN A . n 
A 1 188 TRP 188 181 181 TRP TRP A . n 
A 1 189 GLY 189 182 182 GLY GLY A . n 
A 1 190 GLU 190 183 183 GLU GLU A . n 
A 1 191 GLU 191 184 184 GLU GLU A . n 
A 1 192 GLY 192 185 185 GLY GLY A . n 
A 1 193 TYR 193 186 186 TYR TYR A . n 
A 1 194 ILE 194 187 187 ILE ILE A . n 
A 1 195 ARG 195 188 188 ARG ARG A . n 
A 1 196 ILE 196 189 189 ILE ILE A . n 
A 1 197 ALA 197 190 190 ALA ALA A . n 
A 1 198 LYS 198 191 191 LYS LYS A . n 
A 1 199 GLY 199 192 192 GLY GLY A . n 
A 1 200 SER 200 193 193 SER SER A . n 
A 1 201 ASN 201 198 198 ASN ASN A . n 
A 1 202 GLN 202 199 199 GLN GLN A . n 
A 1 203 CYS 203 200 200 CYS CYS A . n 
A 1 204 LEU 204 201 201 LEU LEU A . n 
A 1 205 VAL 205 202 202 VAL VAL A . n 
A 1 206 LYS 206 203 203 LYS LYS A . n 
A 1 207 GLU 207 204 204 GLU GLU A . n 
A 1 208 GLU 208 205 205 GLU GLU A . n 
A 1 209 ALA 209 206 206 ALA ALA A . n 
A 1 210 SER 210 207 207 SER SER A . n 
A 1 211 SER 211 208 208 SER SER A . n 
A 1 212 ALA 212 209 209 ALA ALA A . n 
A 1 213 VAL 213 210 210 VAL VAL A . n 
A 1 214 VAL 214 211 211 VAL VAL A . n 
A 1 215 GLY 215 212 212 GLY GLY A . n 
# 
loop_
_pdbx_nonpoly_scheme.asym_id 
_pdbx_nonpoly_scheme.entity_id 
_pdbx_nonpoly_scheme.mon_id 
_pdbx_nonpoly_scheme.ndb_seq_num 
_pdbx_nonpoly_scheme.pdb_seq_num 
_pdbx_nonpoly_scheme.auth_seq_num 
_pdbx_nonpoly_scheme.pdb_mon_id 
_pdbx_nonpoly_scheme.auth_mon_id 
_pdbx_nonpoly_scheme.pdb_strand_id 
_pdbx_nonpoly_scheme.pdb_ins_code 
B 2 VS2 1  300 300 VS2 VS2 A . 
C 3 HOH 1  301 1   HOH HOH A . 
C 3 HOH 2  302 2   HOH HOH A . 
C 3 HOH 3  303 3   HOH HOH A . 
C 3 HOH 4  304 4   HOH HOH A . 
C 3 HOH 5  305 5   HOH HOH A . 
C 3 HOH 6  306 6   HOH HOH A . 
C 3 HOH 7  307 7   HOH HOH A . 
C 3 HOH 8  308 8   HOH HOH A . 
C 3 HOH 9  309 9   HOH HOH A . 
C 3 HOH 10 310 10  HOH HOH A . 
C 3 HOH 11 311 11  HOH HOH A . 
C 3 HOH 12 312 12  HOH HOH A . 
C 3 HOH 13 313 13  HOH HOH A . 
C 3 HOH 14 314 14  HOH HOH A . 
C 3 HOH 15 315 15  HOH HOH A . 
C 3 HOH 16 316 16  HOH HOH A . 
C 3 HOH 17 317 17  HOH HOH A . 
C 3 HOH 18 318 18  HOH HOH A . 
C 3 HOH 19 319 19  HOH HOH A . 
C 3 HOH 20 320 20  HOH HOH A . 
C 3 HOH 21 321 21  HOH HOH A . 
C 3 HOH 22 322 22  HOH HOH A . 
C 3 HOH 23 323 23  HOH HOH A . 
C 3 HOH 24 324 24  HOH HOH A . 
C 3 HOH 25 325 25  HOH HOH A . 
C 3 HOH 26 326 26  HOH HOH A . 
C 3 HOH 27 327 27  HOH HOH A . 
C 3 HOH 28 328 28  HOH HOH A . 
C 3 HOH 29 329 29  HOH HOH A . 
C 3 HOH 30 330 30  HOH HOH A . 
C 3 HOH 31 331 31  HOH HOH A . 
C 3 HOH 32 332 32  HOH HOH A . 
C 3 HOH 33 333 33  HOH HOH A . 
C 3 HOH 34 334 34  HOH HOH A . 
C 3 HOH 35 335 35  HOH HOH A . 
C 3 HOH 36 336 36  HOH HOH A . 
C 3 HOH 37 337 37  HOH HOH A . 
C 3 HOH 38 338 38  HOH HOH A . 
C 3 HOH 39 339 39  HOH HOH A . 
C 3 HOH 40 340 40  HOH HOH A . 
C 3 HOH 41 341 41  HOH HOH A . 
C 3 HOH 42 342 42  HOH HOH A . 
C 3 HOH 43 343 43  HOH HOH A . 
C 3 HOH 44 344 44  HOH HOH A . 
C 3 HOH 45 345 45  HOH HOH A . 
C 3 HOH 46 346 46  HOH HOH A . 
C 3 HOH 47 347 47  HOH HOH A . 
C 3 HOH 48 348 48  HOH HOH A . 
C 3 HOH 49 349 49  HOH HOH A . 
C 3 HOH 50 350 50  HOH HOH A . 
C 3 HOH 51 351 51  HOH HOH A . 
C 3 HOH 52 352 52  HOH HOH A . 
C 3 HOH 53 353 53  HOH HOH A . 
C 3 HOH 54 354 54  HOH HOH A . 
C 3 HOH 55 355 55  HOH HOH A . 
C 3 HOH 56 356 56  HOH HOH A . 
C 3 HOH 57 357 57  HOH HOH A . 
C 3 HOH 58 358 58  HOH HOH A . 
C 3 HOH 59 359 59  HOH HOH A . 
C 3 HOH 60 360 60  HOH HOH A . 
C 3 HOH 61 361 61  HOH HOH A . 
C 3 HOH 62 362 62  HOH HOH A . 
C 3 HOH 63 363 63  HOH HOH A . 
C 3 HOH 64 364 64  HOH HOH A . 
C 3 HOH 65 365 65  HOH HOH A . 
C 3 HOH 66 366 66  HOH HOH A . 
C 3 HOH 67 367 67  HOH HOH A . 
C 3 HOH 68 368 68  HOH HOH A . 
C 3 HOH 69 369 69  HOH HOH A . 
C 3 HOH 70 370 70  HOH HOH A . 
C 3 HOH 71 371 71  HOH HOH A . 
C 3 HOH 72 372 72  HOH HOH A . 
C 3 HOH 73 373 73  HOH HOH A . 
C 3 HOH 74 374 74  HOH HOH A . 
C 3 HOH 75 375 75  HOH HOH A . 
C 3 HOH 76 376 76  HOH HOH A . 
C 3 HOH 77 377 77  HOH HOH A . 
C 3 HOH 78 378 79  HOH HOH A . 
C 3 HOH 79 379 80  HOH HOH A . 
C 3 HOH 80 380 81  HOH HOH A . 
C 3 HOH 81 381 82  HOH HOH A . 
# 
loop_
_software.name 
_software.classification 
_software.version 
_software.citation_id 
_software.pdbx_ordinal 
DENZO     'data reduction' .     ? 1 
SCALEPACK 'data scaling'   .     ? 2 
AMoRE     phasing          .     ? 3 
X-PLOR    refinement       3.843 ? 4 
# 
_cell.entry_id           1F2A 
_cell.length_a           44.990 
_cell.length_b           51.280 
_cell.length_c           45.400 
_cell.angle_alpha        90.00 
_cell.angle_beta         116.09 
_cell.angle_gamma        90.00 
_cell.Z_PDB              2 
_cell.pdbx_unique_axis   ? 
# 
_symmetry.entry_id                         1F2A 
_symmetry.space_group_name_H-M             'P 1 21 1' 
_symmetry.pdbx_full_space_group_name_H-M   ? 
_symmetry.cell_setting                     ? 
_symmetry.Int_Tables_number                4 
# 
_exptl.entry_id          1F2A 
_exptl.method            'X-RAY DIFFRACTION' 
_exptl.crystals_number   1 
# 
_exptl_crystal.id                    1 
_exptl_crystal.density_meas          ? 
_exptl_crystal.density_percent_sol   40.58 
_exptl_crystal.density_Matthews      2.07 
_exptl_crystal.description           ? 
# 
_exptl_crystal_grow.crystal_id      1 
_exptl_crystal_grow.method          'VAPOR DIFFUSION, HANGING DROP' 
_exptl_crystal_grow.pH              6.5 
_exptl_crystal_grow.temp            291 
_exptl_crystal_grow.temp_details    ? 
_exptl_crystal_grow.pdbx_details    'sodium citrate; micro seeding, pH 6.5, VAPOR DIFFUSION, HANGING DROP, temperature 291K' 
_exptl_crystal_grow.pdbx_pH_range   ? 
# 
_diffrn.id                     1 
_diffrn.ambient_temp           298.0 
_diffrn.ambient_temp_details   ? 
_diffrn.crystal_id             1 
# 
_diffrn_detector.diffrn_id              1 
_diffrn_detector.detector               'IMAGE PLATE' 
_diffrn_detector.type                   MARRESEARCH 
_diffrn_detector.pdbx_collection_date   1998-05-12 
_diffrn_detector.details                ? 
# 
_diffrn_radiation.diffrn_id                        1 
_diffrn_radiation.wavelength_id                    1 
_diffrn_radiation.monochromator                    ? 
_diffrn_radiation.pdbx_monochromatic_or_laue_m_l   M 
_diffrn_radiation.pdbx_diffrn_protocol             'SINGLE WAVELENGTH' 
_diffrn_radiation.pdbx_scattering_type             x-ray 
# 
_diffrn_radiation_wavelength.id           1 
_diffrn_radiation_wavelength.wavelength   1.5418 
_diffrn_radiation_wavelength.wt           1.0 
# 
_diffrn_source.diffrn_id                   1 
_diffrn_source.source                      'ROTATING ANODE' 
_diffrn_source.type                        'RIGAKU RU200' 
_diffrn_source.pdbx_wavelength             1.5418 
_diffrn_source.pdbx_synchrotron_site       ? 
_diffrn_source.pdbx_synchrotron_beamline   ? 
_diffrn_source.pdbx_wavelength_list        ? 
# 
_reflns.entry_id                     1F2A 
_reflns.observed_criterion_sigma_I   0.0 
_reflns.observed_criterion_sigma_F   0.0 
_reflns.d_resolution_low             30.0 
_reflns.d_resolution_high            1.6 
_reflns.number_obs                   23603 
_reflns.number_all                   24660 
_reflns.percent_possible_obs         95.7 
_reflns.pdbx_Rmerge_I_obs            0.059 
_reflns.pdbx_Rsym_value              ? 
_reflns.pdbx_netI_over_sigmaI        16.5 
_reflns.B_iso_Wilson_estimate        15.4 
_reflns.pdbx_redundancy              5.6 
_reflns.R_free_details               ? 
_reflns.limit_h_max                  ? 
_reflns.limit_h_min                  ? 
_reflns.limit_k_max                  ? 
_reflns.limit_k_min                  ? 
_reflns.limit_l_max                  ? 
_reflns.limit_l_min                  ? 
_reflns.observed_criterion_F_max     ? 
_reflns.observed_criterion_F_min     ? 
_reflns.pdbx_diffrn_id               1 
_reflns.pdbx_ordinal                 1 
# 
_reflns_shell.d_res_high             1.60 
_reflns_shell.d_res_low              1.65 
_reflns_shell.percent_possible_obs   ? 
_reflns_shell.percent_possible_all   82.8 
_reflns_shell.Rmerge_I_obs           0.191 
_reflns_shell.meanI_over_sigI_obs    ? 
_reflns_shell.pdbx_Rsym_value        ? 
_reflns_shell.pdbx_redundancy        1.5 
_reflns_shell.number_unique_all      ? 
_reflns_shell.pdbx_diffrn_id         ? 
_reflns_shell.pdbx_ordinal           1 
# 
_refine.entry_id                                 1F2A 
_refine.ls_number_reflns_obs                     23153 
_refine.ls_number_reflns_all                     27175 
_refine.pdbx_ls_sigma_I                          2.0 
_refine.pdbx_ls_sigma_F                          2.0 
_refine.pdbx_data_cutoff_high_absF               ? 
_refine.pdbx_data_cutoff_low_absF                ? 
_refine.ls_d_res_low                             30.0 
_refine.ls_d_res_high                            1.6 
_refine.ls_percent_reflns_obs                    85.2 
_refine.ls_R_factor_obs                          ? 
_refine.ls_R_factor_all                          ? 
_refine.ls_R_factor_R_work                       0.184 
_refine.ls_R_factor_R_free                       0.219 
_refine.ls_R_factor_R_free_error                 ? 
_refine.ls_R_factor_R_free_error_details         ? 
_refine.ls_percent_reflns_R_free                 ? 
_refine.ls_number_reflns_R_free                  2319 
_refine.ls_number_parameters                     ? 
_refine.ls_number_restraints                     ? 
_refine.occupancy_min                            ? 
_refine.occupancy_max                            ? 
_refine.B_iso_mean                               ? 
_refine.aniso_B[1][1]                            ? 
_refine.aniso_B[2][2]                            ? 
_refine.aniso_B[3][3]                            ? 
_refine.aniso_B[1][2]                            ? 
_refine.aniso_B[1][3]                            ? 
_refine.aniso_B[2][3]                            ? 
_refine.solvent_model_details                    ? 
_refine.solvent_model_param_ksol                 ? 
_refine.solvent_model_param_bsol                 ? 
_refine.pdbx_ls_cross_valid_method               ? 
_refine.details                                  ? 
_refine.pdbx_starting_model                      ? 
_refine.pdbx_method_to_determine_struct          ? 
_refine.pdbx_isotropic_thermal_model             ? 
_refine.pdbx_stereochemistry_target_values       'Engh & Huber' 
_refine.pdbx_stereochem_target_val_spec_case     ? 
_refine.pdbx_R_Free_selection_details            random 
_refine.pdbx_overall_ESU_R_Free                  ? 
_refine.overall_SU_B                             ? 
_refine.ls_redundancy_reflns_obs                 ? 
_refine.B_iso_min                                ? 
_refine.B_iso_max                                ? 
_refine.overall_SU_ML                            ? 
_refine.pdbx_overall_ESU_R                       ? 
_refine.pdbx_data_cutoff_high_rms_absF           ? 
_refine.pdbx_refine_id                           'X-RAY DIFFRACTION' 
_refine.pdbx_diffrn_id                           1 
_refine.pdbx_TLS_residual_ADP_flag               ? 
_refine.correlation_coeff_Fo_to_Fc               ? 
_refine.correlation_coeff_Fo_to_Fc_free          ? 
_refine.pdbx_solvent_vdw_probe_radii             ? 
_refine.pdbx_solvent_ion_probe_radii             ? 
_refine.pdbx_solvent_shrinkage_radii             ? 
_refine.pdbx_overall_phase_error                 ? 
_refine.overall_SU_R_Cruickshank_DPI             ? 
_refine.pdbx_overall_SU_R_free_Cruickshank_DPI   ? 
_refine.pdbx_overall_SU_R_Blow_DPI               ? 
_refine.pdbx_overall_SU_R_free_Blow_DPI          ? 
# 
_refine_hist.pdbx_refine_id                   'X-RAY DIFFRACTION' 
_refine_hist.cycle_id                         LAST 
_refine_hist.pdbx_number_atoms_protein        1644 
_refine_hist.pdbx_number_atoms_nucleic_acid   0 
_refine_hist.pdbx_number_atoms_ligand         43 
_refine_hist.number_atoms_solvent             81 
_refine_hist.number_atoms_total               1768 
_refine_hist.d_res_high                       1.6 
_refine_hist.d_res_low                        30.0 
# 
loop_
_refine_ls_restr.type 
_refine_ls_restr.dev_ideal 
_refine_ls_restr.dev_ideal_target 
_refine_ls_restr.weight 
_refine_ls_restr.number 
_refine_ls_restr.pdbx_refine_id 
_refine_ls_restr.pdbx_restraint_function 
x_bond_d           0.006 ? ? ? 'X-RAY DIFFRACTION' ? 
x_angle_deg        1.4   ? ? ? 'X-RAY DIFFRACTION' ? 
x_dihedral_angle_d 24.2  ? ? ? 'X-RAY DIFFRACTION' ? 
x_improper_angle_d 0.92  ? ? ? 'X-RAY DIFFRACTION' ? 
# 
_struct.entry_id                  1F2A 
_struct.title                     'CRYSTAL STRUCTURE ANALYSIS OF CRUZAIN BOUND TO A VINYL SULFONE DERIVED INHIBITOR (II)' 
_struct.pdbx_model_details        ? 
_struct.pdbx_CASP_flag            ? 
_struct.pdbx_model_type_details   ? 
# 
_struct_keywords.entry_id        1F2A 
_struct_keywords.pdbx_keywords   HYDROLASE 
_struct_keywords.text            
;cysteine protease, covalent inhibitor, vinyl sulfone derived, P1' pocket, HYDROLASE
;
# 
loop_
_struct_asym.id 
_struct_asym.pdbx_blank_PDB_chainid_flag 
_struct_asym.pdbx_modified 
_struct_asym.entity_id 
_struct_asym.details 
A N N 1 ? 
B N N 2 ? 
C N N 3 ? 
# 
_struct_ref.id                         1 
_struct_ref.db_code                    CYSP_TRYCR 
_struct_ref.db_name                    UNP 
_struct_ref.entity_id                  1 
_struct_ref.pdbx_db_accession          P25779 
_struct_ref.pdbx_align_begin           123 
_struct_ref.pdbx_seq_one_letter_code   
;APAAVDWRARGAVTAVKDQGQCGSCWAFSAIGNVECQWFLAGHPLTNLSEQMLVSCDKTDSGCSGGLMNNAFEWIVQENN
GAVYTEDSYPYASGEGISPPCTTSGHTVGATITGHVELPQDEAQIAAWLAVNGPVAVAVDASSWMTYTGGVMTSCVSEQL
DHGVLLVGYNDSAAVPYWIIKNSWTTQWGEEGYIRIAKGSNQCLVKEEASSAVVG
;
_struct_ref.pdbx_db_isoform            ? 
# 
_struct_ref_seq.align_id                      1 
_struct_ref_seq.ref_id                        1 
_struct_ref_seq.pdbx_PDB_id_code              1F2A 
_struct_ref_seq.pdbx_strand_id                A 
_struct_ref_seq.seq_align_beg                 1 
_struct_ref_seq.pdbx_seq_align_beg_ins_code   ? 
_struct_ref_seq.seq_align_end                 215 
_struct_ref_seq.pdbx_seq_align_end_ins_code   ? 
_struct_ref_seq.pdbx_db_accession             P25779 
_struct_ref_seq.db_align_beg                  123 
_struct_ref_seq.pdbx_db_align_beg_ins_code    ? 
_struct_ref_seq.db_align_end                  337 
_struct_ref_seq.pdbx_db_align_end_ins_code    ? 
_struct_ref_seq.pdbx_auth_seq_align_beg       1 
_struct_ref_seq.pdbx_auth_seq_align_end       212 
# 
_pdbx_struct_assembly.id                   1 
_pdbx_struct_assembly.details              author_defined_assembly 
_pdbx_struct_assembly.method_details       ? 
_pdbx_struct_assembly.oligomeric_details   monomeric 
_pdbx_struct_assembly.oligomeric_count     1 
# 
_pdbx_struct_assembly_gen.assembly_id       1 
_pdbx_struct_assembly_gen.oper_expression   1 
_pdbx_struct_assembly_gen.asym_id_list      A,B,C 
# 
_pdbx_struct_oper_list.id                   1 
_pdbx_struct_oper_list.type                 'identity operation' 
_pdbx_struct_oper_list.name                 1_555 
_pdbx_struct_oper_list.symmetry_operation   x,y,z 
_pdbx_struct_oper_list.matrix[1][1]         1.0000000000 
_pdbx_struct_oper_list.matrix[1][2]         0.0000000000 
_pdbx_struct_oper_list.matrix[1][3]         0.0000000000 
_pdbx_struct_oper_list.vector[1]            0.0000000000 
_pdbx_struct_oper_list.matrix[2][1]         0.0000000000 
_pdbx_struct_oper_list.matrix[2][2]         1.0000000000 
_pdbx_struct_oper_list.matrix[2][3]         0.0000000000 
_pdbx_struct_oper_list.vector[2]            0.0000000000 
_pdbx_struct_oper_list.matrix[3][1]         0.0000000000 
_pdbx_struct_oper_list.matrix[3][2]         0.0000000000 
_pdbx_struct_oper_list.matrix[3][3]         1.0000000000 
_pdbx_struct_oper_list.vector[3]            0.0000000000 
# 
loop_
_struct_conf.conf_type_id 
_struct_conf.id 
_struct_conf.pdbx_PDB_helix_id 
_struct_conf.beg_label_comp_id 
_struct_conf.beg_label_asym_id 
_struct_conf.beg_label_seq_id 
_struct_conf.pdbx_beg_PDB_ins_code 
_struct_conf.end_label_comp_id 
_struct_conf.end_label_asym_id 
_struct_conf.end_label_seq_id 
_struct_conf.pdbx_end_PDB_ins_code 
_struct_conf.beg_auth_comp_id 
_struct_conf.beg_auth_asym_id 
_struct_conf.beg_auth_seq_id 
_struct_conf.end_auth_comp_id 
_struct_conf.end_auth_asym_id 
_struct_conf.end_auth_seq_id 
_struct_conf.pdbx_PDB_helix_class 
_struct_conf.details 
_struct_conf.pdbx_PDB_helix_length 
HELX_P HELX_P1 1 ARG A 8   ? GLY A 11  ? ARG A 8   GLY A 11  5 ? 4  
HELX_P HELX_P2 2 SER A 24  ? ALA A 41  ? SER A 24  ALA A 41  1 ? 18 
HELX_P HELX_P3 3 SER A 49  ? ASP A 57  ? SER A 49  ASP A 57  1 ? 9  
HELX_P HELX_P4 4 SER A 61  ? GLY A 65  ? SER A 61  GLY A 65  5 ? 5  
HELX_P HELX_P5 6 ASP A 121 ? GLY A 133 ? ASP A 116 GLY A 128 1 ? 13 
HELX_P HELX_P6 7 ALA A 141 ? TYR A 147 ? ALA A 136 TYR A 144 5 ? 7  
HELX_P HELX_P7 8 ASN A 201 ? VAL A 205 ? ASN A 198 VAL A 202 5 ? 5  
# 
_struct_conf_type.id          HELX_P 
_struct_conf_type.criteria    ? 
_struct_conf_type.reference   ? 
# 
loop_
_struct_conn.id 
_struct_conn.conn_type_id 
_struct_conn.pdbx_leaving_atom_flag 
_struct_conn.pdbx_PDB_id 
_struct_conn.ptnr1_label_asym_id 
_struct_conn.ptnr1_label_comp_id 
_struct_conn.ptnr1_label_seq_id 
_struct_conn.ptnr1_label_atom_id 
_struct_conn.pdbx_ptnr1_label_alt_id 
_struct_conn.pdbx_ptnr1_PDB_ins_code 
_struct_conn.pdbx_ptnr1_standard_comp_id 
_struct_conn.ptnr1_symmetry 
_struct_conn.ptnr2_label_asym_id 
_struct_conn.ptnr2_label_comp_id 
_struct_conn.ptnr2_label_seq_id 
_struct_conn.ptnr2_label_atom_id 
_struct_conn.pdbx_ptnr2_label_alt_id 
_struct_conn.pdbx_ptnr2_PDB_ins_code 
_struct_conn.ptnr1_auth_asym_id 
_struct_conn.ptnr1_auth_comp_id 
_struct_conn.ptnr1_auth_seq_id 
_struct_conn.ptnr2_auth_asym_id 
_struct_conn.ptnr2_auth_comp_id 
_struct_conn.ptnr2_auth_seq_id 
_struct_conn.ptnr2_symmetry 
_struct_conn.pdbx_ptnr3_label_atom_id 
_struct_conn.pdbx_ptnr3_label_seq_id 
_struct_conn.pdbx_ptnr3_label_comp_id 
_struct_conn.pdbx_ptnr3_label_asym_id 
_struct_conn.pdbx_ptnr3_label_alt_id 
_struct_conn.pdbx_ptnr3_PDB_ins_code 
_struct_conn.details 
_struct_conn.pdbx_dist_value 
_struct_conn.pdbx_value_order 
_struct_conn.pdbx_role 
disulf1 disulf ?    ? A CYS 22  SG ? ? ? 1_555 A CYS 63  SG  ? ? A CYS 22  A CYS 63  1_555 ? ? ? ? ? ? ? 2.030 ? ? 
disulf2 disulf ?    ? A CYS 56  SG ? ? ? 1_555 A CYS 101 SG  ? ? A CYS 56  A CYS 95  1_555 ? ? ? ? ? ? ? 2.030 ? ? 
disulf3 disulf ?    ? A CYS 155 SG ? ? ? 1_555 A CYS 203 SG  ? ? A CYS 153 A CYS 200 1_555 ? ? ? ? ? ? ? 2.029 ? ? 
covale1 covale none ? A CYS 25  SG ? ? ? 1_555 B VS2 .   C27 ? ? A CYS 25  A VS2 300 1_555 ? ? ? ? ? ? ? 1.842 ? ? 
# 
loop_
_struct_conn_type.id 
_struct_conn_type.criteria 
_struct_conn_type.reference 
disulf ? ? 
covale ? ? 
# 
loop_
_pdbx_modification_feature.ordinal 
_pdbx_modification_feature.label_comp_id 
_pdbx_modification_feature.label_asym_id 
_pdbx_modification_feature.label_seq_id 
_pdbx_modification_feature.label_alt_id 
_pdbx_modification_feature.modified_residue_label_comp_id 
_pdbx_modification_feature.modified_residue_label_asym_id 
_pdbx_modification_feature.modified_residue_label_seq_id 
_pdbx_modification_feature.modified_residue_label_alt_id 
_pdbx_modification_feature.auth_comp_id 
_pdbx_modification_feature.auth_asym_id 
_pdbx_modification_feature.auth_seq_id 
_pdbx_modification_feature.PDB_ins_code 
_pdbx_modification_feature.symmetry 
_pdbx_modification_feature.modified_residue_auth_comp_id 
_pdbx_modification_feature.modified_residue_auth_asym_id 
_pdbx_modification_feature.modified_residue_auth_seq_id 
_pdbx_modification_feature.modified_residue_PDB_ins_code 
_pdbx_modification_feature.modified_residue_symmetry 
_pdbx_modification_feature.comp_id_linking_atom 
_pdbx_modification_feature.modified_residue_id_linking_atom 
_pdbx_modification_feature.modified_residue_id 
_pdbx_modification_feature.ref_pcm_id 
_pdbx_modification_feature.ref_comp_id 
_pdbx_modification_feature.type 
_pdbx_modification_feature.category 
1 VS2 B .   ? CYS A 25  ? VS2 A 300 ? 1_555 CYS A 25  ? 1_555 C27 SG CYS 1 VS2 None 'Covalent chemical modification' 
2 CYS A 22  ? CYS A 63  ? CYS A 22  ? 1_555 CYS A 63  ? 1_555 SG  SG .   . .   None 'Disulfide bridge'               
3 CYS A 56  ? CYS A 101 ? CYS A 56  ? 1_555 CYS A 95  ? 1_555 SG  SG .   . .   None 'Disulfide bridge'               
4 CYS A 155 ? CYS A 203 ? CYS A 153 ? 1_555 CYS A 200 ? 1_555 SG  SG .   . .   None 'Disulfide bridge'               
# 
loop_
_struct_sheet.id 
_struct_sheet.type 
_struct_sheet.number_strands 
_struct_sheet.details 
A ? 3 ? 
B ? 5 ? 
C ? 2 ? 
D ? 2 ? 
# 
loop_
_struct_sheet_order.sheet_id 
_struct_sheet_order.range_id_1 
_struct_sheet_order.range_id_2 
_struct_sheet_order.offset 
_struct_sheet_order.sense 
A 1 2 ? anti-parallel 
A 2 3 ? anti-parallel 
B 1 2 ? anti-parallel 
B 2 3 ? anti-parallel 
B 3 4 ? anti-parallel 
B 4 5 ? parallel      
C 1 2 ? anti-parallel 
D 1 2 ? anti-parallel 
# 
loop_
_struct_sheet_range.sheet_id 
_struct_sheet_range.id 
_struct_sheet_range.beg_label_comp_id 
_struct_sheet_range.beg_label_asym_id 
_struct_sheet_range.beg_label_seq_id 
_struct_sheet_range.pdbx_beg_PDB_ins_code 
_struct_sheet_range.end_label_comp_id 
_struct_sheet_range.end_label_asym_id 
_struct_sheet_range.end_label_seq_id 
_struct_sheet_range.pdbx_end_PDB_ins_code 
_struct_sheet_range.beg_auth_comp_id 
_struct_sheet_range.beg_auth_asym_id 
_struct_sheet_range.beg_auth_seq_id 
_struct_sheet_range.end_auth_comp_id 
_struct_sheet_range.end_auth_asym_id 
_struct_sheet_range.end_auth_seq_id 
A 1 VAL A 135 ? VAL A 139 ? VAL A 130 VAL A 134 
A 2 HIS A 162 ? ASN A 170 ? HIS A 159 ASN A 167 
A 3 ALA A 4   ? ASP A 6   ? ALA A 4   ASP A 6   
B 1 VAL A 135 ? VAL A 139 ? VAL A 130 VAL A 134 
B 2 HIS A 162 ? ASN A 170 ? HIS A 159 ASN A 167 
B 3 TYR A 177 ? LYS A 181 ? TYR A 170 LYS A 174 
B 4 TYR A 193 ? ALA A 197 ? TYR A 186 ALA A 190 
B 5 VAL A 151 ? MET A 152 ? VAL A 148 MET A 149 
C 1 ALA A 82  ? TYR A 84  ? ALA A 79  TYR A 81  
C 2 VAL A 108 ? THR A 111 ? VAL A 102 THR A 106 
D 1 GLY A 114 ? GLU A 117 ? GLY A 109 GLU A 112 
D 2 SER A 210 ? VAL A 213 ? SER A 207 VAL A 210 
# 
loop_
_pdbx_struct_sheet_hbond.sheet_id 
_pdbx_struct_sheet_hbond.range_id_1 
_pdbx_struct_sheet_hbond.range_id_2 
_pdbx_struct_sheet_hbond.range_1_label_atom_id 
_pdbx_struct_sheet_hbond.range_1_label_comp_id 
_pdbx_struct_sheet_hbond.range_1_label_asym_id 
_pdbx_struct_sheet_hbond.range_1_label_seq_id 
_pdbx_struct_sheet_hbond.range_1_PDB_ins_code 
_pdbx_struct_sheet_hbond.range_1_auth_atom_id 
_pdbx_struct_sheet_hbond.range_1_auth_comp_id 
_pdbx_struct_sheet_hbond.range_1_auth_asym_id 
_pdbx_struct_sheet_hbond.range_1_auth_seq_id 
_pdbx_struct_sheet_hbond.range_2_label_atom_id 
_pdbx_struct_sheet_hbond.range_2_label_comp_id 
_pdbx_struct_sheet_hbond.range_2_label_asym_id 
_pdbx_struct_sheet_hbond.range_2_label_seq_id 
_pdbx_struct_sheet_hbond.range_2_PDB_ins_code 
_pdbx_struct_sheet_hbond.range_2_auth_atom_id 
_pdbx_struct_sheet_hbond.range_2_auth_comp_id 
_pdbx_struct_sheet_hbond.range_2_auth_asym_id 
_pdbx_struct_sheet_hbond.range_2_auth_seq_id 
A 1 2 N VAL A 139 ? N VAL A 134 O HIS A 162 ? O HIS A 159 
A 2 3 N TYR A 169 ? N TYR A 166 O VAL A 5   ? O VAL A 5   
B 1 2 N VAL A 139 ? N VAL A 134 O HIS A 162 ? O HIS A 159 
B 2 3 N ASN A 170 ? N ASN A 167 O TYR A 177 ? O TYR A 170 
B 3 4 N ILE A 180 ? N ILE A 173 O ILE A 194 ? O ILE A 187 
B 4 5 O ARG A 195 ? O ARG A 188 N MET A 152 ? N MET A 149 
C 1 2 O VAL A 83  ? O VAL A 80  N GLY A 109 ? N GLY A 103 
D 1 2 N VAL A 116 ? N VAL A 111 O SER A 211 ? O SER A 208 
# 
_struct_site.id                   AC1 
_struct_site.pdbx_evidence_code   Software 
_struct_site.pdbx_auth_asym_id    A 
_struct_site.pdbx_auth_comp_id    VS2 
_struct_site.pdbx_auth_seq_id     300 
_struct_site.pdbx_auth_ins_code   ? 
_struct_site.pdbx_num_residues    13 
_struct_site.details              'BINDING SITE FOR RESIDUE VS2 A 300' 
# 
loop_
_struct_site_gen.id 
_struct_site_gen.site_id 
_struct_site_gen.pdbx_num_res 
_struct_site_gen.label_comp_id 
_struct_site_gen.label_asym_id 
_struct_site_gen.label_seq_id 
_struct_site_gen.pdbx_auth_ins_code 
_struct_site_gen.auth_comp_id 
_struct_site_gen.auth_asym_id 
_struct_site_gen.auth_seq_id 
_struct_site_gen.label_atom_id 
_struct_site_gen.label_alt_id 
_struct_site_gen.symmetry 
_struct_site_gen.details 
1  AC1 13 GLN A 19  ? GLN A 19  . ? 1_555 ? 
2  AC1 13 GLY A 23  ? GLY A 23  . ? 1_555 ? 
3  AC1 13 CYS A 25  ? CYS A 25  . ? 1_555 ? 
4  AC1 13 TRP A 26  ? TRP A 26  . ? 1_555 ? 
5  AC1 13 SER A 61  ? SER A 61  . ? 1_555 ? 
6  AC1 13 CYS A 63  ? CYS A 63  . ? 1_555 ? 
7  AC1 13 GLY A 65  ? GLY A 65  . ? 1_555 ? 
8  AC1 13 GLY A 66  ? GLY A 66  . ? 1_555 ? 
9  AC1 13 LEU A 67  ? LEU A 67  . ? 1_555 ? 
10 AC1 13 ALA A 138 ? ALA A 133 . ? 1_555 ? 
11 AC1 13 ASP A 161 ? ASP A 158 . ? 1_555 ? 
12 AC1 13 HIS A 162 ? HIS A 159 . ? 1_555 ? 
13 AC1 13 TRP A 184 ? TRP A 177 . ? 1_555 ? 
# 
_pdbx_entry_details.entry_id                   1F2A 
_pdbx_entry_details.compound_details           ? 
_pdbx_entry_details.source_details             ? 
_pdbx_entry_details.nonpolymer_details         ? 
_pdbx_entry_details.sequence_details           ? 
_pdbx_entry_details.has_ligand_of_interest     ? 
_pdbx_entry_details.has_protein_modification   Y 
# 
loop_
_pdbx_validate_torsion.id 
_pdbx_validate_torsion.PDB_model_num 
_pdbx_validate_torsion.auth_comp_id 
_pdbx_validate_torsion.auth_asym_id 
_pdbx_validate_torsion.auth_seq_id 
_pdbx_validate_torsion.PDB_ins_code 
_pdbx_validate_torsion.label_alt_id 
_pdbx_validate_torsion.phi 
_pdbx_validate_torsion.psi 
1 1 ASP A 158 ? ? -150.67 8.68   
2 1 THR A 178 ? ? 71.48   167.36 
# 
loop_
_chem_comp_atom.comp_id 
_chem_comp_atom.atom_id 
_chem_comp_atom.type_symbol 
_chem_comp_atom.pdbx_aromatic_flag 
_chem_comp_atom.pdbx_stereo_config 
_chem_comp_atom.pdbx_ordinal 
ALA N    N N N 1   
ALA CA   C N S 2   
ALA C    C N N 3   
ALA O    O N N 4   
ALA CB   C N N 5   
ALA OXT  O N N 6   
ALA H    H N N 7   
ALA H2   H N N 8   
ALA HA   H N N 9   
ALA HB1  H N N 10  
ALA HB2  H N N 11  
ALA HB3  H N N 12  
ALA HXT  H N N 13  
ARG N    N N N 14  
ARG CA   C N S 15  
ARG C    C N N 16  
ARG O    O N N 17  
ARG CB   C N N 18  
ARG CG   C N N 19  
ARG CD   C N N 20  
ARG NE   N N N 21  
ARG CZ   C N N 22  
ARG NH1  N N N 23  
ARG NH2  N N N 24  
ARG OXT  O N N 25  
ARG H    H N N 26  
ARG H2   H N N 27  
ARG HA   H N N 28  
ARG HB2  H N N 29  
ARG HB3  H N N 30  
ARG HG2  H N N 31  
ARG HG3  H N N 32  
ARG HD2  H N N 33  
ARG HD3  H N N 34  
ARG HE   H N N 35  
ARG HH11 H N N 36  
ARG HH12 H N N 37  
ARG HH21 H N N 38  
ARG HH22 H N N 39  
ARG HXT  H N N 40  
ASN N    N N N 41  
ASN CA   C N S 42  
ASN C    C N N 43  
ASN O    O N N 44  
ASN CB   C N N 45  
ASN CG   C N N 46  
ASN OD1  O N N 47  
ASN ND2  N N N 48  
ASN OXT  O N N 49  
ASN H    H N N 50  
ASN H2   H N N 51  
ASN HA   H N N 52  
ASN HB2  H N N 53  
ASN HB3  H N N 54  
ASN HD21 H N N 55  
ASN HD22 H N N 56  
ASN HXT  H N N 57  
ASP N    N N N 58  
ASP CA   C N S 59  
ASP C    C N N 60  
ASP O    O N N 61  
ASP CB   C N N 62  
ASP CG   C N N 63  
ASP OD1  O N N 64  
ASP OD2  O N N 65  
ASP OXT  O N N 66  
ASP H    H N N 67  
ASP H2   H N N 68  
ASP HA   H N N 69  
ASP HB2  H N N 70  
ASP HB3  H N N 71  
ASP HD2  H N N 72  
ASP HXT  H N N 73  
CYS N    N N N 74  
CYS CA   C N R 75  
CYS C    C N N 76  
CYS O    O N N 77  
CYS CB   C N N 78  
CYS SG   S N N 79  
CYS OXT  O N N 80  
CYS H    H N N 81  
CYS H2   H N N 82  
CYS HA   H N N 83  
CYS HB2  H N N 84  
CYS HB3  H N N 85  
CYS HG   H N N 86  
CYS HXT  H N N 87  
GLN N    N N N 88  
GLN CA   C N S 89  
GLN C    C N N 90  
GLN O    O N N 91  
GLN CB   C N N 92  
GLN CG   C N N 93  
GLN CD   C N N 94  
GLN OE1  O N N 95  
GLN NE2  N N N 96  
GLN OXT  O N N 97  
GLN H    H N N 98  
GLN H2   H N N 99  
GLN HA   H N N 100 
GLN HB2  H N N 101 
GLN HB3  H N N 102 
GLN HG2  H N N 103 
GLN HG3  H N N 104 
GLN HE21 H N N 105 
GLN HE22 H N N 106 
GLN HXT  H N N 107 
GLU N    N N N 108 
GLU CA   C N S 109 
GLU C    C N N 110 
GLU O    O N N 111 
GLU CB   C N N 112 
GLU CG   C N N 113 
GLU CD   C N N 114 
GLU OE1  O N N 115 
GLU OE2  O N N 116 
GLU OXT  O N N 117 
GLU H    H N N 118 
GLU H2   H N N 119 
GLU HA   H N N 120 
GLU HB2  H N N 121 
GLU HB3  H N N 122 
GLU HG2  H N N 123 
GLU HG3  H N N 124 
GLU HE2  H N N 125 
GLU HXT  H N N 126 
GLY N    N N N 127 
GLY CA   C N N 128 
GLY C    C N N 129 
GLY O    O N N 130 
GLY OXT  O N N 131 
GLY H    H N N 132 
GLY H2   H N N 133 
GLY HA2  H N N 134 
GLY HA3  H N N 135 
GLY HXT  H N N 136 
HIS N    N N N 137 
HIS CA   C N S 138 
HIS C    C N N 139 
HIS O    O N N 140 
HIS CB   C N N 141 
HIS CG   C Y N 142 
HIS ND1  N Y N 143 
HIS CD2  C Y N 144 
HIS CE1  C Y N 145 
HIS NE2  N Y N 146 
HIS OXT  O N N 147 
HIS H    H N N 148 
HIS H2   H N N 149 
HIS HA   H N N 150 
HIS HB2  H N N 151 
HIS HB3  H N N 152 
HIS HD1  H N N 153 
HIS HD2  H N N 154 
HIS HE1  H N N 155 
HIS HE2  H N N 156 
HIS HXT  H N N 157 
HOH O    O N N 158 
HOH H1   H N N 159 
HOH H2   H N N 160 
ILE N    N N N 161 
ILE CA   C N S 162 
ILE C    C N N 163 
ILE O    O N N 164 
ILE CB   C N S 165 
ILE CG1  C N N 166 
ILE CG2  C N N 167 
ILE CD1  C N N 168 
ILE OXT  O N N 169 
ILE H    H N N 170 
ILE H2   H N N 171 
ILE HA   H N N 172 
ILE HB   H N N 173 
ILE HG12 H N N 174 
ILE HG13 H N N 175 
ILE HG21 H N N 176 
ILE HG22 H N N 177 
ILE HG23 H N N 178 
ILE HD11 H N N 179 
ILE HD12 H N N 180 
ILE HD13 H N N 181 
ILE HXT  H N N 182 
LEU N    N N N 183 
LEU CA   C N S 184 
LEU C    C N N 185 
LEU O    O N N 186 
LEU CB   C N N 187 
LEU CG   C N N 188 
LEU CD1  C N N 189 
LEU CD2  C N N 190 
LEU OXT  O N N 191 
LEU H    H N N 192 
LEU H2   H N N 193 
LEU HA   H N N 194 
LEU HB2  H N N 195 
LEU HB3  H N N 196 
LEU HG   H N N 197 
LEU HD11 H N N 198 
LEU HD12 H N N 199 
LEU HD13 H N N 200 
LEU HD21 H N N 201 
LEU HD22 H N N 202 
LEU HD23 H N N 203 
LEU HXT  H N N 204 
LYS N    N N N 205 
LYS CA   C N S 206 
LYS C    C N N 207 
LYS O    O N N 208 
LYS CB   C N N 209 
LYS CG   C N N 210 
LYS CD   C N N 211 
LYS CE   C N N 212 
LYS NZ   N N N 213 
LYS OXT  O N N 214 
LYS H    H N N 215 
LYS H2   H N N 216 
LYS HA   H N N 217 
LYS HB2  H N N 218 
LYS HB3  H N N 219 
LYS HG2  H N N 220 
LYS HG3  H N N 221 
LYS HD2  H N N 222 
LYS HD3  H N N 223 
LYS HE2  H N N 224 
LYS HE3  H N N 225 
LYS HZ1  H N N 226 
LYS HZ2  H N N 227 
LYS HZ3  H N N 228 
LYS HXT  H N N 229 
MET N    N N N 230 
MET CA   C N S 231 
MET C    C N N 232 
MET O    O N N 233 
MET CB   C N N 234 
MET CG   C N N 235 
MET SD   S N N 236 
MET CE   C N N 237 
MET OXT  O N N 238 
MET H    H N N 239 
MET H2   H N N 240 
MET HA   H N N 241 
MET HB2  H N N 242 
MET HB3  H N N 243 
MET HG2  H N N 244 
MET HG3  H N N 245 
MET HE1  H N N 246 
MET HE2  H N N 247 
MET HE3  H N N 248 
MET HXT  H N N 249 
PHE N    N N N 250 
PHE CA   C N S 251 
PHE C    C N N 252 
PHE O    O N N 253 
PHE CB   C N N 254 
PHE CG   C Y N 255 
PHE CD1  C Y N 256 
PHE CD2  C Y N 257 
PHE CE1  C Y N 258 
PHE CE2  C Y N 259 
PHE CZ   C Y N 260 
PHE OXT  O N N 261 
PHE H    H N N 262 
PHE H2   H N N 263 
PHE HA   H N N 264 
PHE HB2  H N N 265 
PHE HB3  H N N 266 
PHE HD1  H N N 267 
PHE HD2  H N N 268 
PHE HE1  H N N 269 
PHE HE2  H N N 270 
PHE HZ   H N N 271 
PHE HXT  H N N 272 
PRO N    N N N 273 
PRO CA   C N S 274 
PRO C    C N N 275 
PRO O    O N N 276 
PRO CB   C N N 277 
PRO CG   C N N 278 
PRO CD   C N N 279 
PRO OXT  O N N 280 
PRO H    H N N 281 
PRO HA   H N N 282 
PRO HB2  H N N 283 
PRO HB3  H N N 284 
PRO HG2  H N N 285 
PRO HG3  H N N 286 
PRO HD2  H N N 287 
PRO HD3  H N N 288 
PRO HXT  H N N 289 
SER N    N N N 290 
SER CA   C N S 291 
SER C    C N N 292 
SER O    O N N 293 
SER CB   C N N 294 
SER OG   O N N 295 
SER OXT  O N N 296 
SER H    H N N 297 
SER H2   H N N 298 
SER HA   H N N 299 
SER HB2  H N N 300 
SER HB3  H N N 301 
SER HG   H N N 302 
SER HXT  H N N 303 
THR N    N N N 304 
THR CA   C N S 305 
THR C    C N N 306 
THR O    O N N 307 
THR CB   C N R 308 
THR OG1  O N N 309 
THR CG2  C N N 310 
THR OXT  O N N 311 
THR H    H N N 312 
THR H2   H N N 313 
THR HA   H N N 314 
THR HB   H N N 315 
THR HG1  H N N 316 
THR HG21 H N N 317 
THR HG22 H N N 318 
THR HG23 H N N 319 
THR HXT  H N N 320 
TRP N    N N N 321 
TRP CA   C N S 322 
TRP C    C N N 323 
TRP O    O N N 324 
TRP CB   C N N 325 
TRP CG   C Y N 326 
TRP CD1  C Y N 327 
TRP CD2  C Y N 328 
TRP NE1  N Y N 329 
TRP CE2  C Y N 330 
TRP CE3  C Y N 331 
TRP CZ2  C Y N 332 
TRP CZ3  C Y N 333 
TRP CH2  C Y N 334 
TRP OXT  O N N 335 
TRP H    H N N 336 
TRP H2   H N N 337 
TRP HA   H N N 338 
TRP HB2  H N N 339 
TRP HB3  H N N 340 
TRP HD1  H N N 341 
TRP HE1  H N N 342 
TRP HE3  H N N 343 
TRP HZ2  H N N 344 
TRP HZ3  H N N 345 
TRP HH2  H N N 346 
TRP HXT  H N N 347 
TYR N    N N N 348 
TYR CA   C N S 349 
TYR C    C N N 350 
TYR O    O N N 351 
TYR CB   C N N 352 
TYR CG   C Y N 353 
TYR CD1  C Y N 354 
TYR CD2  C Y N 355 
TYR CE1  C Y N 356 
TYR CE2  C Y N 357 
TYR CZ   C Y N 358 
TYR OH   O N N 359 
TYR OXT  O N N 360 
TYR H    H N N 361 
TYR H2   H N N 362 
TYR HA   H N N 363 
TYR HB2  H N N 364 
TYR HB3  H N N 365 
TYR HD1  H N N 366 
TYR HD2  H N N 367 
TYR HE1  H N N 368 
TYR HE2  H N N 369 
TYR HH   H N N 370 
TYR HXT  H N N 371 
VAL N    N N N 372 
VAL CA   C N S 373 
VAL C    C N N 374 
VAL O    O N N 375 
VAL CB   C N N 376 
VAL CG1  C N N 377 
VAL CG2  C N N 378 
VAL OXT  O N N 379 
VAL H    H N N 380 
VAL H2   H N N 381 
VAL HA   H N N 382 
VAL HB   H N N 383 
VAL HG11 H N N 384 
VAL HG12 H N N 385 
VAL HG13 H N N 386 
VAL HG21 H N N 387 
VAL HG22 H N N 388 
VAL HG23 H N N 389 
VAL HXT  H N N 390 
VS2 C1   C Y N 391 
VS2 C2   C Y N 392 
VS2 C3   C Y N 393 
VS2 C4   C Y N 394 
VS2 C5   C Y N 395 
VS2 C6   C Y N 396 
VS2 C7   C N N 397 
VS2 O1   O N N 398 
VS2 C8   C N N 399 
VS2 O2   O N N 400 
VS2 N1   N N N 401 
VS2 C9   C N S 402 
VS2 C10  C N N 403 
VS2 C11  C Y N 404 
VS2 C12  C Y N 405 
VS2 C13  C Y N 406 
VS2 C14  C Y N 407 
VS2 C15  C Y N 408 
VS2 C16  C Y N 409 
VS2 C17  C N N 410 
VS2 O3   O N N 411 
VS2 N2   N N N 412 
VS2 C18  C N S 413 
VS2 C19  C N N 414 
VS2 C20  C N N 415 
VS2 C21  C Y N 416 
VS2 C22  C Y N 417 
VS2 C23  C Y N 418 
VS2 C24  C Y N 419 
VS2 C25  C Y N 420 
VS2 C26  C Y N 421 
VS2 C28  C N N 422 
VS2 S1   S N N 423 
VS2 O4   O N N 424 
VS2 O5   O N N 425 
VS2 C29  C N N 426 
VS2 C30  C Y N 427 
VS2 C31  C Y N 428 
VS2 C32  C Y N 429 
VS2 C33  C Y N 430 
VS2 C34  C Y N 431 
VS2 C35  C Y N 432 
VS2 C27  C N N 433 
VS2 H21  H N N 434 
VS2 H31  H N N 435 
VS2 H41  H N N 436 
VS2 H51  H N N 437 
VS2 H61  H N N 438 
VS2 H71  H N N 439 
VS2 H72  H N N 440 
VS2 HN11 H N N 441 
VS2 H91  H N N 442 
VS2 H101 H N N 443 
VS2 H102 H N N 444 
VS2 H121 H N N 445 
VS2 H131 H N N 446 
VS2 H141 H N N 447 
VS2 H151 H N N 448 
VS2 H161 H N N 449 
VS2 HN21 H N N 450 
VS2 H181 H N N 451 
VS2 H191 H N N 452 
VS2 H192 H N N 453 
VS2 H201 H N N 454 
VS2 H202 H N N 455 
VS2 H221 H N N 456 
VS2 H231 H N N 457 
VS2 H241 H N N 458 
VS2 H251 H N N 459 
VS2 H261 H N N 460 
VS2 H281 H N N 461 
VS2 H282 H N N 462 
VS2 H291 H N N 463 
VS2 H292 H N N 464 
VS2 H311 H N N 465 
VS2 H321 H N N 466 
VS2 H331 H N N 467 
VS2 H341 H N N 468 
VS2 H351 H N N 469 
VS2 H271 H N N 470 
VS2 H272 H N N 471 
# 
loop_
_chem_comp_bond.comp_id 
_chem_comp_bond.atom_id_1 
_chem_comp_bond.atom_id_2 
_chem_comp_bond.value_order 
_chem_comp_bond.pdbx_aromatic_flag 
_chem_comp_bond.pdbx_stereo_config 
_chem_comp_bond.pdbx_ordinal 
ALA N   CA   sing N N 1   
ALA N   H    sing N N 2   
ALA N   H2   sing N N 3   
ALA CA  C    sing N N 4   
ALA CA  CB   sing N N 5   
ALA CA  HA   sing N N 6   
ALA C   O    doub N N 7   
ALA C   OXT  sing N N 8   
ALA CB  HB1  sing N N 9   
ALA CB  HB2  sing N N 10  
ALA CB  HB3  sing N N 11  
ALA OXT HXT  sing N N 12  
ARG N   CA   sing N N 13  
ARG N   H    sing N N 14  
ARG N   H2   sing N N 15  
ARG CA  C    sing N N 16  
ARG CA  CB   sing N N 17  
ARG CA  HA   sing N N 18  
ARG C   O    doub N N 19  
ARG C   OXT  sing N N 20  
ARG CB  CG   sing N N 21  
ARG CB  HB2  sing N N 22  
ARG CB  HB3  sing N N 23  
ARG CG  CD   sing N N 24  
ARG CG  HG2  sing N N 25  
ARG CG  HG3  sing N N 26  
ARG CD  NE   sing N N 27  
ARG CD  HD2  sing N N 28  
ARG CD  HD3  sing N N 29  
ARG NE  CZ   sing N N 30  
ARG NE  HE   sing N N 31  
ARG CZ  NH1  sing N N 32  
ARG CZ  NH2  doub N N 33  
ARG NH1 HH11 sing N N 34  
ARG NH1 HH12 sing N N 35  
ARG NH2 HH21 sing N N 36  
ARG NH2 HH22 sing N N 37  
ARG OXT HXT  sing N N 38  
ASN N   CA   sing N N 39  
ASN N   H    sing N N 40  
ASN N   H2   sing N N 41  
ASN CA  C    sing N N 42  
ASN CA  CB   sing N N 43  
ASN CA  HA   sing N N 44  
ASN C   O    doub N N 45  
ASN C   OXT  sing N N 46  
ASN CB  CG   sing N N 47  
ASN CB  HB2  sing N N 48  
ASN CB  HB3  sing N N 49  
ASN CG  OD1  doub N N 50  
ASN CG  ND2  sing N N 51  
ASN ND2 HD21 sing N N 52  
ASN ND2 HD22 sing N N 53  
ASN OXT HXT  sing N N 54  
ASP N   CA   sing N N 55  
ASP N   H    sing N N 56  
ASP N   H2   sing N N 57  
ASP CA  C    sing N N 58  
ASP CA  CB   sing N N 59  
ASP CA  HA   sing N N 60  
ASP C   O    doub N N 61  
ASP C   OXT  sing N N 62  
ASP CB  CG   sing N N 63  
ASP CB  HB2  sing N N 64  
ASP CB  HB3  sing N N 65  
ASP CG  OD1  doub N N 66  
ASP CG  OD2  sing N N 67  
ASP OD2 HD2  sing N N 68  
ASP OXT HXT  sing N N 69  
CYS N   CA   sing N N 70  
CYS N   H    sing N N 71  
CYS N   H2   sing N N 72  
CYS CA  C    sing N N 73  
CYS CA  CB   sing N N 74  
CYS CA  HA   sing N N 75  
CYS C   O    doub N N 76  
CYS C   OXT  sing N N 77  
CYS CB  SG   sing N N 78  
CYS CB  HB2  sing N N 79  
CYS CB  HB3  sing N N 80  
CYS SG  HG   sing N N 81  
CYS OXT HXT  sing N N 82  
GLN N   CA   sing N N 83  
GLN N   H    sing N N 84  
GLN N   H2   sing N N 85  
GLN CA  C    sing N N 86  
GLN CA  CB   sing N N 87  
GLN CA  HA   sing N N 88  
GLN C   O    doub N N 89  
GLN C   OXT  sing N N 90  
GLN CB  CG   sing N N 91  
GLN CB  HB2  sing N N 92  
GLN CB  HB3  sing N N 93  
GLN CG  CD   sing N N 94  
GLN CG  HG2  sing N N 95  
GLN CG  HG3  sing N N 96  
GLN CD  OE1  doub N N 97  
GLN CD  NE2  sing N N 98  
GLN NE2 HE21 sing N N 99  
GLN NE2 HE22 sing N N 100 
GLN OXT HXT  sing N N 101 
GLU N   CA   sing N N 102 
GLU N   H    sing N N 103 
GLU N   H2   sing N N 104 
GLU CA  C    sing N N 105 
GLU CA  CB   sing N N 106 
GLU CA  HA   sing N N 107 
GLU C   O    doub N N 108 
GLU C   OXT  sing N N 109 
GLU CB  CG   sing N N 110 
GLU CB  HB2  sing N N 111 
GLU CB  HB3  sing N N 112 
GLU CG  CD   sing N N 113 
GLU CG  HG2  sing N N 114 
GLU CG  HG3  sing N N 115 
GLU CD  OE1  doub N N 116 
GLU CD  OE2  sing N N 117 
GLU OE2 HE2  sing N N 118 
GLU OXT HXT  sing N N 119 
GLY N   CA   sing N N 120 
GLY N   H    sing N N 121 
GLY N   H2   sing N N 122 
GLY CA  C    sing N N 123 
GLY CA  HA2  sing N N 124 
GLY CA  HA3  sing N N 125 
GLY C   O    doub N N 126 
GLY C   OXT  sing N N 127 
GLY OXT HXT  sing N N 128 
HIS N   CA   sing N N 129 
HIS N   H    sing N N 130 
HIS N   H2   sing N N 131 
HIS CA  C    sing N N 132 
HIS CA  CB   sing N N 133 
HIS CA  HA   sing N N 134 
HIS C   O    doub N N 135 
HIS C   OXT  sing N N 136 
HIS CB  CG   sing N N 137 
HIS CB  HB2  sing N N 138 
HIS CB  HB3  sing N N 139 
HIS CG  ND1  sing Y N 140 
HIS CG  CD2  doub Y N 141 
HIS ND1 CE1  doub Y N 142 
HIS ND1 HD1  sing N N 143 
HIS CD2 NE2  sing Y N 144 
HIS CD2 HD2  sing N N 145 
HIS CE1 NE2  sing Y N 146 
HIS CE1 HE1  sing N N 147 
HIS NE2 HE2  sing N N 148 
HIS OXT HXT  sing N N 149 
HOH O   H1   sing N N 150 
HOH O   H2   sing N N 151 
ILE N   CA   sing N N 152 
ILE N   H    sing N N 153 
ILE N   H2   sing N N 154 
ILE CA  C    sing N N 155 
ILE CA  CB   sing N N 156 
ILE CA  HA   sing N N 157 
ILE C   O    doub N N 158 
ILE C   OXT  sing N N 159 
ILE CB  CG1  sing N N 160 
ILE CB  CG2  sing N N 161 
ILE CB  HB   sing N N 162 
ILE CG1 CD1  sing N N 163 
ILE CG1 HG12 sing N N 164 
ILE CG1 HG13 sing N N 165 
ILE CG2 HG21 sing N N 166 
ILE CG2 HG22 sing N N 167 
ILE CG2 HG23 sing N N 168 
ILE CD1 HD11 sing N N 169 
ILE CD1 HD12 sing N N 170 
ILE CD1 HD13 sing N N 171 
ILE OXT HXT  sing N N 172 
LEU N   CA   sing N N 173 
LEU N   H    sing N N 174 
LEU N   H2   sing N N 175 
LEU CA  C    sing N N 176 
LEU CA  CB   sing N N 177 
LEU CA  HA   sing N N 178 
LEU C   O    doub N N 179 
LEU C   OXT  sing N N 180 
LEU CB  CG   sing N N 181 
LEU CB  HB2  sing N N 182 
LEU CB  HB3  sing N N 183 
LEU CG  CD1  sing N N 184 
LEU CG  CD2  sing N N 185 
LEU CG  HG   sing N N 186 
LEU CD1 HD11 sing N N 187 
LEU CD1 HD12 sing N N 188 
LEU CD1 HD13 sing N N 189 
LEU CD2 HD21 sing N N 190 
LEU CD2 HD22 sing N N 191 
LEU CD2 HD23 sing N N 192 
LEU OXT HXT  sing N N 193 
LYS N   CA   sing N N 194 
LYS N   H    sing N N 195 
LYS N   H2   sing N N 196 
LYS CA  C    sing N N 197 
LYS CA  CB   sing N N 198 
LYS CA  HA   sing N N 199 
LYS C   O    doub N N 200 
LYS C   OXT  sing N N 201 
LYS CB  CG   sing N N 202 
LYS CB  HB2  sing N N 203 
LYS CB  HB3  sing N N 204 
LYS CG  CD   sing N N 205 
LYS CG  HG2  sing N N 206 
LYS CG  HG3  sing N N 207 
LYS CD  CE   sing N N 208 
LYS CD  HD2  sing N N 209 
LYS CD  HD3  sing N N 210 
LYS CE  NZ   sing N N 211 
LYS CE  HE2  sing N N 212 
LYS CE  HE3  sing N N 213 
LYS NZ  HZ1  sing N N 214 
LYS NZ  HZ2  sing N N 215 
LYS NZ  HZ3  sing N N 216 
LYS OXT HXT  sing N N 217 
MET N   CA   sing N N 218 
MET N   H    sing N N 219 
MET N   H2   sing N N 220 
MET CA  C    sing N N 221 
MET CA  CB   sing N N 222 
MET CA  HA   sing N N 223 
MET C   O    doub N N 224 
MET C   OXT  sing N N 225 
MET CB  CG   sing N N 226 
MET CB  HB2  sing N N 227 
MET CB  HB3  sing N N 228 
MET CG  SD   sing N N 229 
MET CG  HG2  sing N N 230 
MET CG  HG3  sing N N 231 
MET SD  CE   sing N N 232 
MET CE  HE1  sing N N 233 
MET CE  HE2  sing N N 234 
MET CE  HE3  sing N N 235 
MET OXT HXT  sing N N 236 
PHE N   CA   sing N N 237 
PHE N   H    sing N N 238 
PHE N   H2   sing N N 239 
PHE CA  C    sing N N 240 
PHE CA  CB   sing N N 241 
PHE CA  HA   sing N N 242 
PHE C   O    doub N N 243 
PHE C   OXT  sing N N 244 
PHE CB  CG   sing N N 245 
PHE CB  HB2  sing N N 246 
PHE CB  HB3  sing N N 247 
PHE CG  CD1  doub Y N 248 
PHE CG  CD2  sing Y N 249 
PHE CD1 CE1  sing Y N 250 
PHE CD1 HD1  sing N N 251 
PHE CD2 CE2  doub Y N 252 
PHE CD2 HD2  sing N N 253 
PHE CE1 CZ   doub Y N 254 
PHE CE1 HE1  sing N N 255 
PHE CE2 CZ   sing Y N 256 
PHE CE2 HE2  sing N N 257 
PHE CZ  HZ   sing N N 258 
PHE OXT HXT  sing N N 259 
PRO N   CA   sing N N 260 
PRO N   CD   sing N N 261 
PRO N   H    sing N N 262 
PRO CA  C    sing N N 263 
PRO CA  CB   sing N N 264 
PRO CA  HA   sing N N 265 
PRO C   O    doub N N 266 
PRO C   OXT  sing N N 267 
PRO CB  CG   sing N N 268 
PRO CB  HB2  sing N N 269 
PRO CB  HB3  sing N N 270 
PRO CG  CD   sing N N 271 
PRO CG  HG2  sing N N 272 
PRO CG  HG3  sing N N 273 
PRO CD  HD2  sing N N 274 
PRO CD  HD3  sing N N 275 
PRO OXT HXT  sing N N 276 
SER N   CA   sing N N 277 
SER N   H    sing N N 278 
SER N   H2   sing N N 279 
SER CA  C    sing N N 280 
SER CA  CB   sing N N 281 
SER CA  HA   sing N N 282 
SER C   O    doub N N 283 
SER C   OXT  sing N N 284 
SER CB  OG   sing N N 285 
SER CB  HB2  sing N N 286 
SER CB  HB3  sing N N 287 
SER OG  HG   sing N N 288 
SER OXT HXT  sing N N 289 
THR N   CA   sing N N 290 
THR N   H    sing N N 291 
THR N   H2   sing N N 292 
THR CA  C    sing N N 293 
THR CA  CB   sing N N 294 
THR CA  HA   sing N N 295 
THR C   O    doub N N 296 
THR C   OXT  sing N N 297 
THR CB  OG1  sing N N 298 
THR CB  CG2  sing N N 299 
THR CB  HB   sing N N 300 
THR OG1 HG1  sing N N 301 
THR CG2 HG21 sing N N 302 
THR CG2 HG22 sing N N 303 
THR CG2 HG23 sing N N 304 
THR OXT HXT  sing N N 305 
TRP N   CA   sing N N 306 
TRP N   H    sing N N 307 
TRP N   H2   sing N N 308 
TRP CA  C    sing N N 309 
TRP CA  CB   sing N N 310 
TRP CA  HA   sing N N 311 
TRP C   O    doub N N 312 
TRP C   OXT  sing N N 313 
TRP CB  CG   sing N N 314 
TRP CB  HB2  sing N N 315 
TRP CB  HB3  sing N N 316 
TRP CG  CD1  doub Y N 317 
TRP CG  CD2  sing Y N 318 
TRP CD1 NE1  sing Y N 319 
TRP CD1 HD1  sing N N 320 
TRP CD2 CE2  doub Y N 321 
TRP CD2 CE3  sing Y N 322 
TRP NE1 CE2  sing Y N 323 
TRP NE1 HE1  sing N N 324 
TRP CE2 CZ2  sing Y N 325 
TRP CE3 CZ3  doub Y N 326 
TRP CE3 HE3  sing N N 327 
TRP CZ2 CH2  doub Y N 328 
TRP CZ2 HZ2  sing N N 329 
TRP CZ3 CH2  sing Y N 330 
TRP CZ3 HZ3  sing N N 331 
TRP CH2 HH2  sing N N 332 
TRP OXT HXT  sing N N 333 
TYR N   CA   sing N N 334 
TYR N   H    sing N N 335 
TYR N   H2   sing N N 336 
TYR CA  C    sing N N 337 
TYR CA  CB   sing N N 338 
TYR CA  HA   sing N N 339 
TYR C   O    doub N N 340 
TYR C   OXT  sing N N 341 
TYR CB  CG   sing N N 342 
TYR CB  HB2  sing N N 343 
TYR CB  HB3  sing N N 344 
TYR CG  CD1  doub Y N 345 
TYR CG  CD2  sing Y N 346 
TYR CD1 CE1  sing Y N 347 
TYR CD1 HD1  sing N N 348 
TYR CD2 CE2  doub Y N 349 
TYR CD2 HD2  sing N N 350 
TYR CE1 CZ   doub Y N 351 
TYR CE1 HE1  sing N N 352 
TYR CE2 CZ   sing Y N 353 
TYR CE2 HE2  sing N N 354 
TYR CZ  OH   sing N N 355 
TYR OH  HH   sing N N 356 
TYR OXT HXT  sing N N 357 
VAL N   CA   sing N N 358 
VAL N   H    sing N N 359 
VAL N   H2   sing N N 360 
VAL CA  C    sing N N 361 
VAL CA  CB   sing N N 362 
VAL CA  HA   sing N N 363 
VAL C   O    doub N N 364 
VAL C   OXT  sing N N 365 
VAL CB  CG1  sing N N 366 
VAL CB  CG2  sing N N 367 
VAL CB  HB   sing N N 368 
VAL CG1 HG11 sing N N 369 
VAL CG1 HG12 sing N N 370 
VAL CG1 HG13 sing N N 371 
VAL CG2 HG21 sing N N 372 
VAL CG2 HG22 sing N N 373 
VAL CG2 HG23 sing N N 374 
VAL OXT HXT  sing N N 375 
VS2 C1  C2   doub Y N 376 
VS2 C1  C6   sing Y N 377 
VS2 C1  C7   sing N N 378 
VS2 C2  C3   sing Y N 379 
VS2 C2  H21  sing N N 380 
VS2 C3  C4   doub Y N 381 
VS2 C3  H31  sing N N 382 
VS2 C4  C5   sing Y N 383 
VS2 C4  H41  sing N N 384 
VS2 C5  C6   doub Y N 385 
VS2 C5  H51  sing N N 386 
VS2 C6  H61  sing N N 387 
VS2 C7  O1   sing N N 388 
VS2 C7  H71  sing N N 389 
VS2 C7  H72  sing N N 390 
VS2 O1  C8   sing N N 391 
VS2 C8  O2   doub N N 392 
VS2 C8  N1   sing N N 393 
VS2 N1  C9   sing N N 394 
VS2 N1  HN11 sing N N 395 
VS2 C9  C10  sing N N 396 
VS2 C9  C17  sing N N 397 
VS2 C9  H91  sing N N 398 
VS2 C10 C11  sing N N 399 
VS2 C10 H101 sing N N 400 
VS2 C10 H102 sing N N 401 
VS2 C11 C12  doub Y N 402 
VS2 C11 C16  sing Y N 403 
VS2 C12 C13  sing Y N 404 
VS2 C12 H121 sing N N 405 
VS2 C13 C14  doub Y N 406 
VS2 C13 H131 sing N N 407 
VS2 C14 C15  sing Y N 408 
VS2 C14 H141 sing N N 409 
VS2 C15 C16  doub Y N 410 
VS2 C15 H151 sing N N 411 
VS2 C16 H161 sing N N 412 
VS2 C17 O3   doub N N 413 
VS2 C17 N2   sing N N 414 
VS2 N2  C18  sing N N 415 
VS2 N2  HN21 sing N N 416 
VS2 C18 C19  sing N N 417 
VS2 C18 C27  sing N N 418 
VS2 C18 H181 sing N N 419 
VS2 C19 C20  sing N N 420 
VS2 C19 H191 sing N N 421 
VS2 C19 H192 sing N N 422 
VS2 C20 C21  sing N N 423 
VS2 C20 H201 sing N N 424 
VS2 C20 H202 sing N N 425 
VS2 C21 C22  doub Y N 426 
VS2 C21 C26  sing Y N 427 
VS2 C22 C23  sing Y N 428 
VS2 C22 H221 sing N N 429 
VS2 C23 C24  doub Y N 430 
VS2 C23 H231 sing N N 431 
VS2 C24 C25  sing Y N 432 
VS2 C24 H241 sing N N 433 
VS2 C25 C26  doub Y N 434 
VS2 C25 H251 sing N N 435 
VS2 C26 H261 sing N N 436 
VS2 C28 S1   sing N N 437 
VS2 C28 C27  sing N N 438 
VS2 C28 H281 sing N N 439 
VS2 C28 H282 sing N N 440 
VS2 S1  O4   doub N N 441 
VS2 S1  O5   doub N N 442 
VS2 S1  C29  sing N N 443 
VS2 C29 C30  sing N N 444 
VS2 C29 H291 sing N N 445 
VS2 C29 H292 sing N N 446 
VS2 C30 C31  doub Y N 447 
VS2 C30 C35  sing Y N 448 
VS2 C31 C32  sing Y N 449 
VS2 C31 H311 sing N N 450 
VS2 C32 C33  doub Y N 451 
VS2 C32 H321 sing N N 452 
VS2 C33 C34  sing Y N 453 
VS2 C33 H331 sing N N 454 
VS2 C34 C35  doub Y N 455 
VS2 C34 H341 sing N N 456 
VS2 C35 H351 sing N N 457 
VS2 C27 H271 sing N N 458 
VS2 C27 H272 sing N N 459 
# 
_atom_sites.entry_id                    1F2A 
_atom_sites.fract_transf_matrix[1][1]   -0.01349982 
_atom_sites.fract_transf_matrix[1][2]   0.00352357 
_atom_sites.fract_transf_matrix[1][3]   -0.02044114 
_atom_sites.fract_transf_matrix[2][1]   -0.01603787 
_atom_sites.fract_transf_matrix[2][2]   -0.00547705 
_atom_sites.fract_transf_matrix[2][3]   0.00964768 
_atom_sites.fract_transf_matrix[3][1]   -0.00944134 
_atom_sites.fract_transf_matrix[3][2]   0.02244116 
_atom_sites.fract_transf_matrix[3][3]   -0.00295487 
_atom_sites.fract_transf_vector[1]      0.215771 
_atom_sites.fract_transf_vector[2]      -0.002212 
_atom_sites.fract_transf_vector[3]      0.248311 
# 
loop_
_atom_type.symbol 
C 
N 
O 
S 
# 
loop_
_atom_site.group_PDB 
_atom_site.id 
_atom_site.type_symbol 
_atom_site.label_atom_id 
_atom_site.label_alt_id 
_atom_site.label_comp_id 
_atom_site.label_asym_id 
_atom_site.label_entity_id 
_atom_site.label_seq_id 
_atom_site.pdbx_PDB_ins_code 
_atom_site.Cartn_x 
_atom_site.Cartn_y 
_atom_site.Cartn_z 
_atom_site.occupancy 
_atom_site.B_iso_or_equiv 
_atom_site.pdbx_formal_charge 
_atom_site.auth_seq_id 
_atom_site.auth_comp_id 
_atom_site.auth_asym_id 
_atom_site.auth_atom_id 
_atom_site.pdbx_PDB_model_num 
ATOM   1    N N   . ALA A 1 1   ? -16.542 -16.490 -0.069  1.00 31.87 ? 1   ALA A N   1 
ATOM   2    C CA  . ALA A 1 1   ? -16.329 -15.086 0.389   1.00 29.83 ? 1   ALA A CA  1 
ATOM   3    C C   . ALA A 1 1   ? -17.384 -14.176 -0.233  1.00 29.15 ? 1   ALA A C   1 
ATOM   4    O O   . ALA A 1 1   ? -18.113 -14.592 -1.136  1.00 30.40 ? 1   ALA A O   1 
ATOM   5    C CB  . ALA A 1 1   ? -14.930 -14.621 -0.011  1.00 30.73 ? 1   ALA A CB  1 
ATOM   6    N N   . PRO A 1 2   ? -17.505 -12.929 0.263   1.00 26.90 ? 2   PRO A N   1 
ATOM   7    C CA  . PRO A 1 2   ? -18.484 -11.977 -0.275  1.00 25.32 ? 2   PRO A CA  1 
ATOM   8    C C   . PRO A 1 2   ? -18.238 -11.740 -1.771  1.00 23.84 ? 2   PRO A C   1 
ATOM   9    O O   . PRO A 1 2   ? -17.110 -11.884 -2.252  1.00 22.81 ? 2   PRO A O   1 
ATOM   10   C CB  . PRO A 1 2   ? -18.201 -10.712 0.536   1.00 25.87 ? 2   PRO A CB  1 
ATOM   11   C CG  . PRO A 1 2   ? -17.748 -11.256 1.847   1.00 25.78 ? 2   PRO A CG  1 
ATOM   12   C CD  . PRO A 1 2   ? -16.811 -12.355 1.430   1.00 26.87 ? 2   PRO A CD  1 
ATOM   13   N N   . ALA A 1 3   ? -19.294 -11.394 -2.501  1.00 21.01 ? 3   ALA A N   1 
ATOM   14   C CA  . ALA A 1 3   ? -19.188 -11.152 -3.939  1.00 19.95 ? 3   ALA A CA  1 
ATOM   15   C C   . ALA A 1 3   ? -18.327 -9.938  -4.265  1.00 17.59 ? 3   ALA A C   1 
ATOM   16   O O   . ALA A 1 3   ? -17.538 -9.966  -5.202  1.00 18.04 ? 3   ALA A O   1 
ATOM   17   C CB  . ALA A 1 3   ? -20.575 -10.990 -4.554  1.00 18.06 ? 3   ALA A CB  1 
ATOM   18   N N   . ALA A 1 4   ? -18.475 -8.877  -3.483  1.00 16.73 ? 4   ALA A N   1 
ATOM   19   C CA  . ALA A 1 4   ? -17.714 -7.660  -3.705  1.00 14.70 ? 4   ALA A CA  1 
ATOM   20   C C   . ALA A 1 4   ? -17.433 -6.987  -2.373  1.00 15.46 ? 4   ALA A C   1 
ATOM   21   O O   . ALA A 1 4   ? -18.259 -7.030  -1.465  1.00 15.91 ? 4   ALA A O   1 
ATOM   22   C CB  . ALA A 1 4   ? -18.485 -6.721  -4.618  1.00 13.99 ? 4   ALA A CB  1 
ATOM   23   N N   . VAL A 1 5   ? -16.235 -6.425  -2.244  1.00 14.70 ? 5   VAL A N   1 
ATOM   24   C CA  . VAL A 1 5   ? -15.822 -5.717  -1.035  1.00 14.16 ? 5   VAL A CA  1 
ATOM   25   C C   . VAL A 1 5   ? -15.050 -4.483  -1.477  1.00 12.86 ? 5   VAL A C   1 
ATOM   26   O O   . VAL A 1 5   ? -14.197 -4.560  -2.358  1.00 13.79 ? 5   VAL A O   1 
ATOM   27   C CB  . VAL A 1 5   ? -14.893 -6.580  -0.123  1.00 14.78 ? 5   VAL A CB  1 
ATOM   28   C CG1 . VAL A 1 5   ? -14.424 -5.764  1.076   1.00 15.63 ? 5   VAL A CG1 1 
ATOM   29   C CG2 . VAL A 1 5   ? -15.623 -7.817  0.369   1.00 15.41 ? 5   VAL A CG2 1 
ATOM   30   N N   . ASP A 1 6   ? -15.395 -3.338  -0.908  1.00 11.78 ? 6   ASP A N   1 
ATOM   31   C CA  . ASP A 1 6   ? -14.706 -2.095  -1.221  1.00 13.79 ? 6   ASP A CA  1 
ATOM   32   C C   . ASP A 1 6   ? -14.558 -1.368  0.105   1.00 13.36 ? 6   ASP A C   1 
ATOM   33   O O   . ASP A 1 6   ? -15.513 -0.780  0.615   1.00 11.59 ? 6   ASP A O   1 
ATOM   34   C CB  . ASP A 1 6   ? -15.503 -1.245  -2.223  1.00 14.52 ? 6   ASP A CB  1 
ATOM   35   C CG  . ASP A 1 6   ? -14.740 -0.009  -2.686  1.00 18.63 ? 6   ASP A CG  1 
ATOM   36   O OD1 . ASP A 1 6   ? -15.244 0.693   -3.585  1.00 19.06 ? 6   ASP A OD1 1 
ATOM   37   O OD2 . ASP A 1 6   ? -13.643 0.277   -2.159  1.00 18.02 ? 6   ASP A OD2 1 
ATOM   38   N N   . TRP A 1 7   ? -13.356 -1.435  0.670   1.00 13.79 ? 7   TRP A N   1 
ATOM   39   C CA  . TRP A 1 7   ? -13.086 -0.798  1.949   1.00 12.54 ? 7   TRP A CA  1 
ATOM   40   C C   . TRP A 1 7   ? -13.217 0.721   1.967   1.00 14.01 ? 7   TRP A C   1 
ATOM   41   O O   . TRP A 1 7   ? -13.301 1.321   3.041   1.00 14.14 ? 7   TRP A O   1 
ATOM   42   C CB  . TRP A 1 7   ? -11.737 -1.255  2.499   1.00 12.84 ? 7   TRP A CB  1 
ATOM   43   C CG  . TRP A 1 7   ? -11.791 -2.662  2.996   1.00 10.99 ? 7   TRP A CG  1 
ATOM   44   C CD1 . TRP A 1 7   ? -11.276 -3.769  2.386   1.00 12.24 ? 7   TRP A CD1 1 
ATOM   45   C CD2 . TRP A 1 7   ? -12.413 -3.120  4.205   1.00 12.18 ? 7   TRP A CD2 1 
ATOM   46   N NE1 . TRP A 1 7   ? -11.539 -4.889  3.141   1.00 10.67 ? 7   TRP A NE1 1 
ATOM   47   C CE2 . TRP A 1 7   ? -12.233 -4.521  4.262   1.00 12.15 ? 7   TRP A CE2 1 
ATOM   48   C CE3 . TRP A 1 7   ? -13.100 -2.481  5.247   1.00 11.45 ? 7   TRP A CE3 1 
ATOM   49   C CZ2 . TRP A 1 7   ? -12.716 -5.298  5.325   1.00 11.29 ? 7   TRP A CZ2 1 
ATOM   50   C CZ3 . TRP A 1 7   ? -13.582 -3.256  6.307   1.00 13.38 ? 7   TRP A CZ3 1 
ATOM   51   C CH2 . TRP A 1 7   ? -13.385 -4.650  6.335   1.00 12.44 ? 7   TRP A CH2 1 
ATOM   52   N N   . ARG A 1 8   ? -13.261 1.342   0.789   1.00 14.15 ? 8   ARG A N   1 
ATOM   53   C CA  . ARG A 1 8   ? -13.432 2.794   0.709   1.00 16.25 ? 8   ARG A CA  1 
ATOM   54   C C   . ARG A 1 8   ? -14.854 3.125   1.158   1.00 17.54 ? 8   ARG A C   1 
ATOM   55   O O   . ARG A 1 8   ? -15.113 4.204   1.688   1.00 19.92 ? 8   ARG A O   1 
ATOM   56   C CB  . ARG A 1 8   ? -13.220 3.305   -0.721  1.00 16.42 ? 8   ARG A CB  1 
ATOM   57   C CG  . ARG A 1 8   ? -11.802 3.186   -1.239  1.00 14.36 ? 8   ARG A CG  1 
ATOM   58   C CD  . ARG A 1 8   ? -11.728 3.598   -2.700  1.00 16.39 ? 8   ARG A CD  1 
ATOM   59   N NE  . ARG A 1 8   ? -12.578 2.753   -3.537  1.00 16.22 ? 8   ARG A NE  1 
ATOM   60   C CZ  . ARG A 1 8   ? -12.659 2.838   -4.862  1.00 17.04 ? 8   ARG A CZ  1 
ATOM   61   N NH1 . ARG A 1 8   ? -11.938 3.731   -5.525  1.00 18.63 ? 8   ARG A NH1 1 
ATOM   62   N NH2 . ARG A 1 8   ? -13.481 2.036   -5.522  1.00 16.54 ? 8   ARG A NH2 1 
ATOM   63   N N   . ALA A 1 9   ? -15.765 2.177   0.949   1.00 17.00 ? 9   ALA A N   1 
ATOM   64   C CA  . ALA A 1 9   ? -17.165 2.340   1.334   1.00 19.54 ? 9   ALA A CA  1 
ATOM   65   C C   . ALA A 1 9   ? -17.364 2.329   2.849   1.00 20.32 ? 9   ALA A C   1 
ATOM   66   O O   . ALA A 1 9   ? -18.354 2.867   3.344   1.00 20.16 ? 9   ALA A O   1 
ATOM   67   C CB  . ALA A 1 9   ? -18.020 1.254   0.689   1.00 19.19 ? 9   ALA A CB  1 
ATOM   68   N N   . ARG A 1 10  ? -16.438 1.703   3.579   1.00 20.75 ? 10  ARG A N   1 
ATOM   69   C CA  . ARG A 1 10  ? -16.526 1.639   5.040   1.00 20.69 ? 10  ARG A CA  1 
ATOM   70   C C   . ARG A 1 10  ? -15.708 2.749   5.706   1.00 19.24 ? 10  ARG A C   1 
ATOM   71   O O   . ARG A 1 10  ? -15.516 2.736   6.921   1.00 19.90 ? 10  ARG A O   1 
ATOM   72   C CB  . ARG A 1 10  ? -16.069 0.270   5.570   1.00 23.96 ? 10  ARG A CB  1 
ATOM   73   C CG  . ARG A 1 10  ? -16.910 -0.939  5.144   1.00 30.09 ? 10  ARG A CG  1 
ATOM   74   C CD  . ARG A 1 10  ? -16.520 -1.397  3.749   1.00 36.53 ? 10  ARG A CD  1 
ATOM   75   N NE  . ARG A 1 10  ? -17.088 -2.684  3.328   1.00 41.15 ? 10  ARG A NE  1 
ATOM   76   C CZ  . ARG A 1 10  ? -16.847 -3.857  3.913   1.00 41.42 ? 10  ARG A CZ  1 
ATOM   77   N NH1 . ARG A 1 10  ? -16.074 -3.928  4.984   1.00 44.54 ? 10  ARG A NH1 1 
ATOM   78   N NH2 . ARG A 1 10  ? -17.235 -4.979  3.327   1.00 41.63 ? 10  ARG A NH2 1 
ATOM   79   N N   . GLY A 1 11  ? -15.241 3.705   4.903   1.00 17.38 ? 11  GLY A N   1 
ATOM   80   C CA  . GLY A 1 11  ? -14.450 4.819   5.406   1.00 18.97 ? 11  GLY A CA  1 
ATOM   81   C C   . GLY A 1 11  ? -13.089 4.421   5.951   1.00 18.83 ? 11  GLY A C   1 
ATOM   82   O O   . GLY A 1 11  ? -12.500 5.143   6.760   1.00 20.15 ? 11  GLY A O   1 
ATOM   83   N N   . ALA A 1 12  ? -12.563 3.304   5.459   1.00 17.44 ? 12  ALA A N   1 
ATOM   84   C CA  . ALA A 1 12  ? -11.283 2.773   5.918   1.00 15.58 ? 12  ALA A CA  1 
ATOM   85   C C   . ALA A 1 12  ? -10.044 3.166   5.122   1.00 14.88 ? 12  ALA A C   1 
ATOM   86   O O   . ALA A 1 12  ? -8.938  2.772   5.487   1.00 16.50 ? 12  ALA A O   1 
ATOM   87   C CB  . ALA A 1 12  ? -11.368 1.254   6.013   1.00 14.81 ? 12  ALA A CB  1 
ATOM   88   N N   . VAL A 1 13  ? -10.209 3.949   4.058   1.00 13.69 ? 13  VAL A N   1 
ATOM   89   C CA  . VAL A 1 13  ? -9.066  4.333   3.228   1.00 13.22 ? 13  VAL A CA  1 
ATOM   90   C C   . VAL A 1 13  ? -8.834  5.848   3.171   1.00 15.14 ? 13  VAL A C   1 
ATOM   91   O O   . VAL A 1 13  ? -9.771  6.618   2.952   1.00 15.84 ? 13  VAL A O   1 
ATOM   92   C CB  . VAL A 1 13  ? -9.236  3.775   1.785   1.00 12.41 ? 13  VAL A CB  1 
ATOM   93   C CG1 . VAL A 1 13  ? -7.984  4.030   0.955   1.00 11.85 ? 13  VAL A CG1 1 
ATOM   94   C CG2 . VAL A 1 13  ? -9.552  2.287   1.829   1.00 12.90 ? 13  VAL A CG2 1 
ATOM   95   N N   . THR A 1 14  ? -7.590  6.273   3.377   1.00 12.84 ? 14  THR A N   1 
ATOM   96   C CA  . THR A 1 14  ? -7.257  7.699   3.320   1.00 13.79 ? 14  THR A CA  1 
ATOM   97   C C   . THR A 1 14  ? -7.159  8.128   1.855   1.00 13.31 ? 14  THR A C   1 
ATOM   98   O O   . THR A 1 14  ? -7.172  7.290   0.951   1.00 13.83 ? 14  THR A O   1 
ATOM   99   C CB  . THR A 1 14  ? -5.907  8.003   4.007   1.00 13.15 ? 14  THR A CB  1 
ATOM   100  O OG1 . THR A 1 14  ? -4.850  7.343   3.297   1.00 12.27 ? 14  THR A OG1 1 
ATOM   101  C CG2 . THR A 1 14  ? -5.920  7.526   5.454   1.00 12.82 ? 14  THR A CG2 1 
ATOM   102  N N   . ALA A 1 15  ? -7.045  9.434   1.629   1.00 14.47 ? 15  ALA A N   1 
ATOM   103  C CA  . ALA A 1 15  ? -6.941  9.982   0.282   1.00 14.35 ? 15  ALA A CA  1 
ATOM   104  C C   . ALA A 1 15  ? -5.647  9.565   -0.417  1.00 15.52 ? 15  ALA A C   1 
ATOM   105  O O   . ALA A 1 15  ? -4.656  9.221   0.231   1.00 16.02 ? 15  ALA A O   1 
ATOM   106  C CB  . ALA A 1 15  ? -7.045  11.501  0.327   1.00 15.41 ? 15  ALA A CB  1 
ATOM   107  N N   . VAL A 1 16  ? -5.682  9.581   -1.747  1.00 15.29 ? 16  VAL A N   1 
ATOM   108  C CA  . VAL A 1 16  ? -4.533  9.219   -2.569  1.00 14.48 ? 16  VAL A CA  1 
ATOM   109  C C   . VAL A 1 16  ? -3.408  10.226  -2.356  1.00 14.65 ? 16  VAL A C   1 
ATOM   110  O O   . VAL A 1 16  ? -3.642  11.431  -2.300  1.00 14.68 ? 16  VAL A O   1 
ATOM   111  C CB  . VAL A 1 16  ? -4.926  9.162   -4.062  1.00 14.46 ? 16  VAL A CB  1 
ATOM   112  C CG1 . VAL A 1 16  ? -3.705  8.918   -4.933  1.00 15.03 ? 16  VAL A CG1 1 
ATOM   113  C CG2 . VAL A 1 16  ? -5.940  8.062   -4.273  1.00 14.42 ? 16  VAL A CG2 1 
ATOM   114  N N   . LYS A 1 17  ? -2.188  9.718   -2.219  1.00 13.40 ? 17  LYS A N   1 
ATOM   115  C CA  . LYS A 1 17  ? -1.027  10.562  -1.986  1.00 14.50 ? 17  LYS A CA  1 
ATOM   116  C C   . LYS A 1 17  ? -0.118  10.682  -3.205  1.00 15.00 ? 17  LYS A C   1 
ATOM   117  O O   . LYS A 1 17  ? -0.426  10.160  -4.280  1.00 15.09 ? 17  LYS A O   1 
ATOM   118  C CB  . LYS A 1 17  ? -0.253  10.046  -0.770  1.00 14.70 ? 17  LYS A CB  1 
ATOM   119  C CG  . LYS A 1 17  ? -1.125  9.886   0.463   1.00 15.91 ? 17  LYS A CG  1 
ATOM   120  C CD  . LYS A 1 17  ? -0.311  9.473   1.674   1.00 16.75 ? 17  LYS A CD  1 
ATOM   121  C CE  . LYS A 1 17  ? -1.211  9.126   2.844   1.00 15.08 ? 17  LYS A CE  1 
ATOM   122  N NZ  . LYS A 1 17  ? -0.402  8.886   4.072   1.00 12.63 ? 17  LYS A NZ  1 
ATOM   123  N N   . ASP A 1 18  ? 1.016   11.349  -3.021  1.00 14.97 ? 18  ASP A N   1 
ATOM   124  C CA  . ASP A 1 18  ? 1.961   11.580  -4.103  1.00 16.18 ? 18  ASP A CA  1 
ATOM   125  C C   . ASP A 1 18  ? 3.397   11.291  -3.678  1.00 16.55 ? 18  ASP A C   1 
ATOM   126  O O   . ASP A 1 18  ? 3.972   12.024  -2.869  1.00 15.67 ? 18  ASP A O   1 
ATOM   127  C CB  . ASP A 1 18  ? 1.820   13.041  -4.567  1.00 18.84 ? 18  ASP A CB  1 
ATOM   128  C CG  . ASP A 1 18  ? 2.758   13.408  -5.716  1.00 19.62 ? 18  ASP A CG  1 
ATOM   129  O OD1 . ASP A 1 18  ? 2.957   14.623  -5.922  1.00 24.36 ? 18  ASP A OD1 1 
ATOM   130  O OD2 . ASP A 1 18  ? 3.267   12.518  -6.429  1.00 21.54 ? 18  ASP A OD2 1 
ATOM   131  N N   . GLN A 1 19  ? 3.983   10.243  -4.253  1.00 14.95 ? 19  GLN A N   1 
ATOM   132  C CA  . GLN A 1 19  ? 5.359   9.886   -3.935  1.00 16.64 ? 19  GLN A CA  1 
ATOM   133  C C   . GLN A 1 19  ? 6.373   10.775  -4.658  1.00 16.46 ? 19  GLN A C   1 
ATOM   134  O O   . GLN A 1 19  ? 7.543   10.821  -4.287  1.00 17.47 ? 19  GLN A O   1 
ATOM   135  C CB  . GLN A 1 19  ? 5.630   8.399   -4.213  1.00 17.83 ? 19  GLN A CB  1 
ATOM   136  C CG  . GLN A 1 19  ? 5.605   7.991   -5.663  1.00 19.68 ? 19  GLN A CG  1 
ATOM   137  C CD  . GLN A 1 19  ? 5.920   6.516   -5.850  1.00 18.18 ? 19  GLN A CD  1 
ATOM   138  O OE1 . GLN A 1 19  ? 5.097   5.651   -5.543  1.00 17.92 ? 19  GLN A OE1 1 
ATOM   139  N NE2 . GLN A 1 19  ? 7.109   6.224   -6.367  1.00 17.00 ? 19  GLN A NE2 1 
ATOM   140  N N   . GLY A 1 20  ? 5.915   11.492  -5.682  1.00 17.38 ? 20  GLY A N   1 
ATOM   141  C CA  . GLY A 1 20  ? 6.802   12.372  -6.426  1.00 16.19 ? 20  GLY A CA  1 
ATOM   142  C C   . GLY A 1 20  ? 7.883   11.630  -7.182  1.00 16.25 ? 20  GLY A C   1 
ATOM   143  O O   . GLY A 1 20  ? 7.668   10.507  -7.635  1.00 17.22 ? 20  GLY A O   1 
ATOM   144  N N   . GLN A 1 21  ? 9.051   12.255  -7.299  1.00 18.20 ? 21  GLN A N   1 
ATOM   145  C CA  . GLN A 1 21  ? 10.191  11.677  -8.008  1.00 21.52 ? 21  GLN A CA  1 
ATOM   146  C C   . GLN A 1 21  ? 10.978  10.667  -7.187  1.00 23.09 ? 21  GLN A C   1 
ATOM   147  O O   . GLN A 1 21  ? 12.069  10.264  -7.580  1.00 27.78 ? 21  GLN A O   1 
ATOM   148  C CB  . GLN A 1 21  ? 11.157  12.775  -8.441  1.00 24.78 ? 21  GLN A CB  1 
ATOM   149  C CG  . GLN A 1 21  ? 10.669  13.690  -9.535  1.00 31.27 ? 21  GLN A CG  1 
ATOM   150  C CD  . GLN A 1 21  ? 11.766  14.641  -9.983  1.00 35.96 ? 21  GLN A CD  1 
ATOM   151  O OE1 . GLN A 1 21  ? 11.610  15.861  -9.923  1.00 39.26 ? 21  GLN A OE1 1 
ATOM   152  N NE2 . GLN A 1 21  ? 12.899  14.081  -10.407 1.00 39.89 ? 21  GLN A NE2 1 
ATOM   153  N N   . CYS A 1 22  ? 10.445  10.289  -6.033  1.00 21.19 ? 22  CYS A N   1 
ATOM   154  C CA  . CYS A 1 22  ? 11.116  9.339   -5.157  1.00 18.98 ? 22  CYS A CA  1 
ATOM   155  C C   . CYS A 1 22  ? 10.562  7.918   -5.343  1.00 17.22 ? 22  CYS A C   1 
ATOM   156  O O   . CYS A 1 22  ? 9.347   7.731   -5.435  1.00 18.58 ? 22  CYS A O   1 
ATOM   157  C CB  . CYS A 1 22  ? 10.953  9.819   -3.712  1.00 16.85 ? 22  CYS A CB  1 
ATOM   158  S SG  . CYS A 1 22  ? 11.665  8.766   -2.411  1.00 15.23 ? 22  CYS A SG  1 
ATOM   159  N N   . GLY A 1 23  ? 11.452  6.930   -5.437  1.00 14.45 ? 23  GLY A N   1 
ATOM   160  C CA  . GLY A 1 23  ? 11.024  5.545   -5.602  1.00 14.13 ? 23  GLY A CA  1 
ATOM   161  C C   . GLY A 1 23  ? 10.629  4.930   -4.268  1.00 13.22 ? 23  GLY A C   1 
ATOM   162  O O   . GLY A 1 23  ? 11.075  3.836   -3.914  1.00 14.80 ? 23  GLY A O   1 
ATOM   163  N N   . SER A 1 24  ? 9.763   5.635   -3.546  1.00 12.24 ? 24  SER A N   1 
ATOM   164  C CA  . SER A 1 24  ? 9.301   5.235   -2.226  1.00 11.52 ? 24  SER A CA  1 
ATOM   165  C C   . SER A 1 24  ? 7.957   4.514   -2.217  1.00 9.29  ? 24  SER A C   1 
ATOM   166  O O   . SER A 1 24  ? 7.248   4.531   -1.213  1.00 9.56  ? 24  SER A O   1 
ATOM   167  C CB  . SER A 1 24  ? 9.213   6.478   -1.347  1.00 11.76 ? 24  SER A CB  1 
ATOM   168  O OG  . SER A 1 24  ? 8.424   7.469   -1.990  1.00 12.08 ? 24  SER A OG  1 
ATOM   169  N N   . CYS A 1 25  ? 7.621   3.860   -3.325  1.00 10.36 ? 25  CYS A N   1 
ATOM   170  C CA  . CYS A 1 25  ? 6.357   3.134   -3.444  1.00 9.33  ? 25  CYS A CA  1 
ATOM   171  C C   . CYS A 1 25  ? 6.154   2.152   -2.293  1.00 7.49  ? 25  CYS A C   1 
ATOM   172  O O   . CYS A 1 25  ? 5.053   2.029   -1.766  1.00 8.50  ? 25  CYS A O   1 
ATOM   173  C CB  . CYS A 1 25  ? 6.313   2.382   -4.771  1.00 8.18  ? 25  CYS A CB  1 
ATOM   174  S SG  . CYS A 1 25  ? 7.706   1.249   -5.036  1.00 10.13 ? 25  CYS A SG  1 
ATOM   175  N N   . TRP A 1 26  ? 7.225   1.465   -1.911  1.00 8.30  ? 26  TRP A N   1 
ATOM   176  C CA  . TRP A 1 26  ? 7.187   0.488   -0.818  1.00 9.14  ? 26  TRP A CA  1 
ATOM   177  C C   . TRP A 1 26  ? 6.698   1.121   0.495   1.00 8.00  ? 26  TRP A C   1 
ATOM   178  O O   . TRP A 1 26  ? 5.992   0.481   1.277   1.00 8.00  ? 26  TRP A O   1 
ATOM   179  C CB  . TRP A 1 26  ? 8.580   -0.111  -0.609  1.00 8.94  ? 26  TRP A CB  1 
ATOM   180  C CG  . TRP A 1 26  ? 9.616   0.933   -0.286  1.00 10.14 ? 26  TRP A CG  1 
ATOM   181  C CD1 . TRP A 1 26  ? 10.291  1.723   -1.174  1.00 10.41 ? 26  TRP A CD1 1 
ATOM   182  C CD2 . TRP A 1 26  ? 10.065  1.323   1.019   1.00 10.59 ? 26  TRP A CD2 1 
ATOM   183  N NE1 . TRP A 1 26  ? 11.126  2.582   -0.502  1.00 12.56 ? 26  TRP A NE1 1 
ATOM   184  C CE2 . TRP A 1 26  ? 11.007  2.359   0.844   1.00 10.75 ? 26  TRP A CE2 1 
ATOM   185  C CE3 . TRP A 1 26  ? 9.759   0.896   2.320   1.00 9.25  ? 26  TRP A CE3 1 
ATOM   186  C CZ2 . TRP A 1 26  ? 11.650  2.977   1.920   1.00 10.47 ? 26  TRP A CZ2 1 
ATOM   187  C CZ3 . TRP A 1 26  ? 10.400  1.514   3.389   1.00 10.14 ? 26  TRP A CZ3 1 
ATOM   188  C CH2 . TRP A 1 26  ? 11.333  2.542   3.180   1.00 10.96 ? 26  TRP A CH2 1 
ATOM   189  N N   . ALA A 1 27  ? 7.081   2.377   0.723   1.00 8.11  ? 27  ALA A N   1 
ATOM   190  C CA  . ALA A 1 27  ? 6.686   3.100   1.930   1.00 8.66  ? 27  ALA A CA  1 
ATOM   191  C C   . ALA A 1 27  ? 5.204   3.449   1.884   1.00 8.48  ? 27  ALA A C   1 
ATOM   192  O O   . ALA A 1 27  ? 4.506   3.350   2.889   1.00 8.59  ? 27  ALA A O   1 
ATOM   193  C CB  . ALA A 1 27  ? 7.533   4.361   2.097   1.00 8.81  ? 27  ALA A CB  1 
ATOM   194  N N   . PHE A 1 28  ? 4.723   3.861   0.715   1.00 8.00  ? 28  PHE A N   1 
ATOM   195  C CA  . PHE A 1 28  ? 3.308   4.197   0.569   1.00 9.29  ? 28  PHE A CA  1 
ATOM   196  C C   . PHE A 1 28  ? 2.425   2.960   0.722   1.00 8.70  ? 28  PHE A C   1 
ATOM   197  O O   . PHE A 1 28  ? 1.378   3.011   1.366   1.00 8.82  ? 28  PHE A O   1 
ATOM   198  C CB  . PHE A 1 28  ? 3.058   4.918   -0.756  1.00 9.25  ? 28  PHE A CB  1 
ATOM   199  C CG  . PHE A 1 28  ? 3.507   6.348   -0.739  1.00 9.14  ? 28  PHE A CG  1 
ATOM   200  C CD1 . PHE A 1 28  ? 4.840   6.675   -0.953  1.00 10.76 ? 28  PHE A CD1 1 
ATOM   201  C CD2 . PHE A 1 28  ? 2.611   7.367   -0.427  1.00 9.60  ? 28  PHE A CD2 1 
ATOM   202  C CE1 . PHE A 1 28  ? 5.275   7.996   -0.846  1.00 10.48 ? 28  PHE A CE1 1 
ATOM   203  C CE2 . PHE A 1 28  ? 3.038   8.689   -0.318  1.00 9.84  ? 28  PHE A CE2 1 
ATOM   204  C CZ  . PHE A 1 28  ? 4.368   9.002   -0.526  1.00 8.31  ? 28  PHE A CZ  1 
ATOM   205  N N   . SER A 1 29  ? 2.888   1.838   0.179   1.00 8.69  ? 29  SER A N   1 
ATOM   206  C CA  . SER A 1 29  ? 2.170   0.576   0.271   1.00 7.28  ? 29  SER A CA  1 
ATOM   207  C C   . SER A 1 29  ? 2.075   0.138   1.731   1.00 8.33  ? 29  SER A C   1 
ATOM   208  O O   . SER A 1 29  ? 0.993   -0.176  2.220   1.00 8.08  ? 29  SER A O   1 
ATOM   209  C CB  . SER A 1 29  ? 2.903   -0.494  -0.533  1.00 9.05  ? 29  SER A CB  1 
ATOM   210  O OG  . SER A 1 29  ? 2.287   -1.759  -0.393  1.00 10.02 ? 29  SER A OG  1 
ATOM   211  N N   . ALA A 1 30  ? 3.215   0.137   2.420   1.00 6.82  ? 30  ALA A N   1 
ATOM   212  C CA  . ALA A 1 30  ? 3.267   -0.267  3.823   1.00 8.31  ? 30  ALA A CA  1 
ATOM   213  C C   . ALA A 1 30  ? 2.414   0.637   4.712   1.00 7.18  ? 30  ALA A C   1 
ATOM   214  O O   . ALA A 1 30  ? 1.594   0.156   5.486   1.00 8.03  ? 30  ALA A O   1 
ATOM   215  C CB  . ALA A 1 30  ? 4.721   -0.282  4.318   1.00 7.97  ? 30  ALA A CB  1 
ATOM   216  N N   . ILE A 1 31  ? 2.591   1.950   4.577   1.00 8.21  ? 31  ILE A N   1 
ATOM   217  C CA  . ILE A 1 31  ? 1.842   2.900   5.387   1.00 8.48  ? 31  ILE A CA  1 
ATOM   218  C C   . ILE A 1 31  ? 0.354   2.883   5.084   1.00 9.62  ? 31  ILE A C   1 
ATOM   219  O O   . ILE A 1 31  ? -0.460  2.975   5.999   1.00 8.77  ? 31  ILE A O   1 
ATOM   220  C CB  . ILE A 1 31  ? 2.400   4.322   5.252   1.00 9.38  ? 31  ILE A CB  1 
ATOM   221  C CG1 . ILE A 1 31  ? 3.804   4.376   5.860   1.00 11.67 ? 31  ILE A CG1 1 
ATOM   222  C CG2 . ILE A 1 31  ? 1.487   5.321   5.946   1.00 11.23 ? 31  ILE A CG2 1 
ATOM   223  C CD1 . ILE A 1 31  ? 3.865   3.899   7.318   1.00 12.26 ? 31  ILE A CD1 1 
ATOM   224  N N   . GLY A 1 32  ? 0.005   2.743   3.807   1.00 8.91  ? 32  GLY A N   1 
ATOM   225  C CA  . GLY A 1 32  ? -1.397  2.700   3.422   1.00 9.65  ? 32  GLY A CA  1 
ATOM   226  C C   . GLY A 1 32  ? -2.075  1.534   4.108   1.00 8.50  ? 32  GLY A C   1 
ATOM   227  O O   . GLY A 1 32  ? -3.205  1.639   4.586   1.00 10.26 ? 32  GLY A O   1 
ATOM   228  N N   . ASN A 1 33  ? -1.365  0.416   4.182   1.00 8.69  ? 33  ASN A N   1 
ATOM   229  C CA  . ASN A 1 33  ? -1.888  -0.769  4.833   1.00 8.68  ? 33  ASN A CA  1 
ATOM   230  C C   . ASN A 1 33  ? -2.057  -0.521  6.337   1.00 8.67  ? 33  ASN A C   1 
ATOM   231  O O   . ASN A 1 33  ? -3.074  -0.893  6.924   1.00 9.38  ? 33  ASN A O   1 
ATOM   232  C CB  . ASN A 1 33  ? -0.958  -1.954  4.570   1.00 8.74  ? 33  ASN A CB  1 
ATOM   233  C CG  . ASN A 1 33  ? -1.238  -3.127  5.482   1.00 10.75 ? 33  ASN A CG  1 
ATOM   234  O OD1 . ASN A 1 33  ? -0.511  -3.349  6.442   1.00 11.68 ? 33  ASN A OD1 1 
ATOM   235  N ND2 . ASN A 1 33  ? -2.306  -3.867  5.203   1.00 9.79  ? 33  ASN A ND2 1 
ATOM   236  N N   . VAL A 1 34  ? -1.070  0.120   6.958   1.00 8.85  ? 34  VAL A N   1 
ATOM   237  C CA  . VAL A 1 34  ? -1.152  0.403   8.389   1.00 9.42  ? 34  VAL A CA  1 
ATOM   238  C C   . VAL A 1 34  ? -2.323  1.334   8.699   1.00 8.15  ? 34  VAL A C   1 
ATOM   239  O O   . VAL A 1 34  ? -3.060  1.107   9.655   1.00 7.78  ? 34  VAL A O   1 
ATOM   240  C CB  . VAL A 1 34  ? 0.159   1.017   8.944   1.00 9.50  ? 34  VAL A CB  1 
ATOM   241  C CG1 . VAL A 1 34  ? -0.007  1.339   10.429  1.00 9.76  ? 34  VAL A CG1 1 
ATOM   242  C CG2 . VAL A 1 34  ? 1.327   0.052   8.736   1.00 8.53  ? 34  VAL A CG2 1 
ATOM   243  N N   . GLU A 1 35  ? -2.507  2.360   7.870   1.00 8.48  ? 35  GLU A N   1 
ATOM   244  C CA  . GLU A 1 35  ? -3.600  3.311   8.059   1.00 9.77  ? 35  GLU A CA  1 
ATOM   245  C C   . GLU A 1 35  ? -4.942  2.596   8.107   1.00 9.70  ? 35  GLU A C   1 
ATOM   246  O O   . GLU A 1 35  ? -5.761  2.861   8.984   1.00 10.18 ? 35  GLU A O   1 
ATOM   247  C CB  . GLU A 1 35  ? -3.614  4.350   6.938   1.00 9.63  ? 35  GLU A CB  1 
ATOM   248  C CG  . GLU A 1 35  ? -2.427  5.299   6.951   1.00 9.14  ? 35  GLU A CG  1 
ATOM   249  C CD  . GLU A 1 35  ? -2.405  6.236   5.762   1.00 11.96 ? 35  GLU A CD  1 
ATOM   250  O OE1 . GLU A 1 35  ? -3.049  5.929   4.739   1.00 11.64 ? 35  GLU A OE1 1 
ATOM   251  O OE2 . GLU A 1 35  ? -1.733  7.278   5.841   1.00 11.00 ? 35  GLU A OE2 1 
ATOM   252  N N   . CYS A 1 36  ? -5.152  1.670   7.175   1.00 10.16 ? 36  CYS A N   1 
ATOM   253  C CA  . CYS A 1 36  ? -6.399  0.914   7.111   1.00 9.36  ? 36  CYS A CA  1 
ATOM   254  C C   . CYS A 1 36  ? -6.558  -0.047  8.287   1.00 8.68  ? 36  CYS A C   1 
ATOM   255  O O   . CYS A 1 36  ? -7.632  -0.141  8.872   1.00 10.82 ? 36  CYS A O   1 
ATOM   256  C CB  . CYS A 1 36  ? -6.490  0.136   5.795   1.00 10.19 ? 36  CYS A CB  1 
ATOM   257  S SG  . CYS A 1 36  ? -6.400  1.166   4.315   1.00 11.64 ? 36  CYS A SG  1 
ATOM   258  N N   . GLN A 1 37  ? -5.491  -0.764  8.623   1.00 8.78  ? 37  GLN A N   1 
ATOM   259  C CA  . GLN A 1 37  ? -5.533  -1.717  9.726   1.00 10.49 ? 37  GLN A CA  1 
ATOM   260  C C   . GLN A 1 37  ? -5.803  -1.017  11.058  1.00 10.79 ? 37  GLN A C   1 
ATOM   261  O O   . GLN A 1 37  ? -6.548  -1.526  11.893  1.00 11.46 ? 37  GLN A O   1 
ATOM   262  C CB  . GLN A 1 37  ? -4.234  -2.525  9.787   1.00 10.49 ? 37  GLN A CB  1 
ATOM   263  C CG  . GLN A 1 37  ? -4.044  -3.487  8.613   1.00 10.24 ? 37  GLN A CG  1 
ATOM   264  C CD  . GLN A 1 37  ? -5.175  -4.496  8.493   1.00 13.69 ? 37  GLN A CD  1 
ATOM   265  O OE1 . GLN A 1 37  ? -5.652  -5.030  9.492   1.00 14.20 ? 37  GLN A OE1 1 
ATOM   266  N NE2 . GLN A 1 37  ? -5.612  -4.759  7.263   1.00 13.41 ? 37  GLN A NE2 1 
ATOM   267  N N   . TRP A 1 38  ? -5.221  0.165   11.226  1.00 10.97 ? 38  TRP A N   1 
ATOM   268  C CA  . TRP A 1 38  ? -5.405  0.949   12.441  1.00 13.34 ? 38  TRP A CA  1 
ATOM   269  C C   . TRP A 1 38  ? -6.883  1.327   12.586  1.00 15.09 ? 38  TRP A C   1 
ATOM   270  O O   . TRP A 1 38  ? -7.472  1.151   13.654  1.00 14.61 ? 38  TRP A O   1 
ATOM   271  C CB  . TRP A 1 38  ? -4.530  2.204   12.382  1.00 14.32 ? 38  TRP A CB  1 
ATOM   272  C CG  . TRP A 1 38  ? -4.574  3.059   13.620  1.00 15.68 ? 38  TRP A CG  1 
ATOM   273  C CD1 . TRP A 1 38  ? -5.066  4.333   13.721  1.00 16.36 ? 38  TRP A CD1 1 
ATOM   274  C CD2 . TRP A 1 38  ? -4.073  2.720   14.921  1.00 16.20 ? 38  TRP A CD2 1 
ATOM   275  N NE1 . TRP A 1 38  ? -4.900  4.806   15.000  1.00 16.13 ? 38  TRP A NE1 1 
ATOM   276  C CE2 . TRP A 1 38  ? -4.295  3.840   15.758  1.00 17.16 ? 38  TRP A CE2 1 
ATOM   277  C CE3 . TRP A 1 38  ? -3.456  1.581   15.457  1.00 15.75 ? 38  TRP A CE3 1 
ATOM   278  C CZ2 . TRP A 1 38  ? -3.920  3.851   17.106  1.00 16.40 ? 38  TRP A CZ2 1 
ATOM   279  C CZ3 . TRP A 1 38  ? -3.083  1.595   16.804  1.00 17.35 ? 38  TRP A CZ3 1 
ATOM   280  C CH2 . TRP A 1 38  ? -3.319  2.723   17.609  1.00 15.75 ? 38  TRP A CH2 1 
ATOM   281  N N   . PHE A 1 39  ? -7.486  1.812   11.500  1.00 13.53 ? 39  PHE A N   1 
ATOM   282  C CA  . PHE A 1 39  ? -8.898  2.197   11.517  1.00 14.09 ? 39  PHE A CA  1 
ATOM   283  C C   . PHE A 1 39  ? -9.778  0.993   11.849  1.00 14.40 ? 39  PHE A C   1 
ATOM   284  O O   . PHE A 1 39  ? -10.692 1.087   12.668  1.00 14.73 ? 39  PHE A O   1 
ATOM   285  C CB  . PHE A 1 39  ? -9.311  2.803   10.166  1.00 13.26 ? 39  PHE A CB  1 
ATOM   286  C CG  . PHE A 1 39  ? -10.800 3.013   10.017  1.00 15.07 ? 39  PHE A CG  1 
ATOM   287  C CD1 . PHE A 1 39  ? -11.590 2.059   9.383   1.00 14.02 ? 39  PHE A CD1 1 
ATOM   288  C CD2 . PHE A 1 39  ? -11.418 4.143   10.547  1.00 17.27 ? 39  PHE A CD2 1 
ATOM   289  C CE1 . PHE A 1 39  ? -12.971 2.221   9.287   1.00 15.94 ? 39  PHE A CE1 1 
ATOM   290  C CE2 . PHE A 1 39  ? -12.799 4.312   10.455  1.00 16.63 ? 39  PHE A CE2 1 
ATOM   291  C CZ  . PHE A 1 39  ? -13.575 3.349   9.824   1.00 14.50 ? 39  PHE A CZ  1 
ATOM   292  N N   . LEU A 1 40  ? -9.474  -0.142  11.226  1.00 13.97 ? 40  LEU A N   1 
ATOM   293  C CA  . LEU A 1 40  ? -10.233 -1.366  11.437  1.00 15.59 ? 40  LEU A CA  1 
ATOM   294  C C   . LEU A 1 40  ? -10.109 -1.915  12.856  1.00 17.85 ? 40  LEU A C   1 
ATOM   295  O O   . LEU A 1 40  ? -10.970 -2.669  13.318  1.00 17.90 ? 40  LEU A O   1 
ATOM   296  C CB  . LEU A 1 40  ? -9.825  -2.420  10.405  1.00 15.10 ? 40  LEU A CB  1 
ATOM   297  C CG  . LEU A 1 40  ? -10.283 -2.063  8.990   1.00 16.07 ? 40  LEU A CG  1 
ATOM   298  C CD1 . LEU A 1 40  ? -9.744  -3.062  7.982   1.00 17.94 ? 40  LEU A CD1 1 
ATOM   299  C CD2 . LEU A 1 40  ? -11.798 -2.022  8.952   1.00 17.10 ? 40  LEU A CD2 1 
ATOM   300  N N   . ALA A 1 41  ? -9.041  -1.525  13.546  1.00 16.86 ? 41  ALA A N   1 
ATOM   301  C CA  . ALA A 1 41  ? -8.815  -1.969  14.917  1.00 18.80 ? 41  ALA A CA  1 
ATOM   302  C C   . ALA A 1 41  ? -9.658  -1.152  15.899  1.00 19.23 ? 41  ALA A C   1 
ATOM   303  O O   . ALA A 1 41  ? -9.582  -1.363  17.108  1.00 22.59 ? 41  ALA A O   1 
ATOM   304  C CB  . ALA A 1 41  ? -7.337  -1.874  15.267  1.00 15.83 ? 41  ALA A CB  1 
ATOM   305  N N   . GLY A 1 42  ? -10.444 -0.214  15.372  1.00 18.64 ? 42  GLY A N   1 
ATOM   306  C CA  . GLY A 1 42  ? -11.309 0.604   16.207  1.00 19.67 ? 42  GLY A CA  1 
ATOM   307  C C   . GLY A 1 42  ? -10.822 2.002   16.542  1.00 21.23 ? 42  GLY A C   1 
ATOM   308  O O   . GLY A 1 42  ? -11.245 2.579   17.547  1.00 23.32 ? 42  GLY A O   1 
ATOM   309  N N   . HIS A 1 43  ? -9.938  2.554   15.716  1.00 20.19 ? 43  HIS A N   1 
ATOM   310  C CA  . HIS A 1 43  ? -9.410  3.900   15.947  1.00 20.78 ? 43  HIS A CA  1 
ATOM   311  C C   . HIS A 1 43  ? -9.809  4.809   14.788  1.00 22.13 ? 43  HIS A C   1 
ATOM   312  O O   . HIS A 1 43  ? -10.125 4.327   13.698  1.00 22.28 ? 43  HIS A O   1 
ATOM   313  C CB  . HIS A 1 43  ? -7.879  3.870   16.054  1.00 20.40 ? 43  HIS A CB  1 
ATOM   314  C CG  . HIS A 1 43  ? -7.357  2.845   17.011  1.00 20.95 ? 43  HIS A CG  1 
ATOM   315  N ND1 . HIS A 1 43  ? -7.200  3.091   18.358  1.00 22.41 ? 43  HIS A ND1 1 
ATOM   316  C CD2 . HIS A 1 43  ? -6.967  1.562   16.817  1.00 20.44 ? 43  HIS A CD2 1 
ATOM   317  C CE1 . HIS A 1 43  ? -6.738  2.005   18.952  1.00 22.39 ? 43  HIS A CE1 1 
ATOM   318  N NE2 . HIS A 1 43  ? -6.588  1.064   18.038  1.00 19.46 ? 43  HIS A NE2 1 
ATOM   319  N N   . PRO A 1 44  ? -9.839  6.136   15.019  1.00 22.68 ? 44  PRO A N   1 
ATOM   320  C CA  . PRO A 1 44  ? -10.210 7.057   13.936  1.00 21.45 ? 44  PRO A CA  1 
ATOM   321  C C   . PRO A 1 44  ? -9.190  7.031   12.794  1.00 20.73 ? 44  PRO A C   1 
ATOM   322  O O   . PRO A 1 44  ? -7.984  6.888   13.031  1.00 18.69 ? 44  PRO A O   1 
ATOM   323  C CB  . PRO A 1 44  ? -10.261 8.420   14.640  1.00 21.79 ? 44  PRO A CB  1 
ATOM   324  C CG  . PRO A 1 44  ? -9.331  8.254   15.809  1.00 23.94 ? 44  PRO A CG  1 
ATOM   325  C CD  . PRO A 1 44  ? -9.658  6.864   16.288  1.00 22.89 ? 44  PRO A CD  1 
ATOM   326  N N   . LEU A 1 45  ? -9.689  7.104   11.560  1.00 17.75 ? 45  LEU A N   1 
ATOM   327  C CA  . LEU A 1 45  ? -8.839  7.093   10.372  1.00 17.59 ? 45  LEU A CA  1 
ATOM   328  C C   . LEU A 1 45  ? -7.842  8.238   10.471  1.00 16.82 ? 45  LEU A C   1 
ATOM   329  O O   . LEU A 1 45  ? -8.221  9.409   10.561  1.00 16.68 ? 45  LEU A O   1 
ATOM   330  C CB  . LEU A 1 45  ? -9.680  7.230   9.096   1.00 18.06 ? 45  LEU A CB  1 
ATOM   331  C CG  . LEU A 1 45  ? -8.933  7.056   7.769   1.00 18.65 ? 45  LEU A CG  1 
ATOM   332  C CD1 . LEU A 1 45  ? -8.362  5.643   7.667   1.00 18.41 ? 45  LEU A CD1 1 
ATOM   333  C CD2 . LEU A 1 45  ? -9.864  7.343   6.606   1.00 18.71 ? 45  LEU A CD2 1 
ATOM   334  N N   . THR A 1 46  ? -6.564  7.878   10.470  1.00 16.02 ? 46  THR A N   1 
ATOM   335  C CA  . THR A 1 46  ? -5.483  8.846   10.593  1.00 16.91 ? 46  THR A CA  1 
ATOM   336  C C   . THR A 1 46  ? -4.446  8.683   9.486   1.00 16.12 ? 46  THR A C   1 
ATOM   337  O O   . THR A 1 46  ? -4.077  7.563   9.136   1.00 15.72 ? 46  THR A O   1 
ATOM   338  C CB  . THR A 1 46  ? -4.750  8.654   11.950  1.00 17.19 ? 46  THR A CB  1 
ATOM   339  O OG1 . THR A 1 46  ? -5.713  8.587   13.008  1.00 20.05 ? 46  THR A OG1 1 
ATOM   340  C CG2 . THR A 1 46  ? -3.776  9.796   12.214  1.00 17.06 ? 46  THR A CG2 1 
ATOM   341  N N   . ASN A 1 47  ? -3.992  9.805   8.930   1.00 15.42 ? 47  ASN A N   1 
ATOM   342  C CA  . ASN A 1 47  ? -2.956  9.788   7.904   1.00 15.59 ? 47  ASN A CA  1 
ATOM   343  C C   . ASN A 1 47  ? -1.622  9.572   8.619   1.00 16.80 ? 47  ASN A C   1 
ATOM   344  O O   . ASN A 1 47  ? -1.290  10.285  9.572   1.00 14.62 ? 47  ASN A O   1 
ATOM   345  C CB  . ASN A 1 47  ? -2.924  11.111  7.133   1.00 17.76 ? 47  ASN A CB  1 
ATOM   346  C CG  . ASN A 1 47  ? -3.930  11.149  6.004   1.00 21.47 ? 47  ASN A CG  1 
ATOM   347  O OD1 . ASN A 1 47  ? -5.136  11.028  6.224   1.00 22.37 ? 47  ASN A OD1 1 
ATOM   348  N ND2 . ASN A 1 47  ? -3.437  11.300  4.781   1.00 23.60 ? 47  ASN A ND2 1 
ATOM   349  N N   . LEU A 1 48  ? -0.884  8.558   8.179   1.00 14.93 ? 48  LEU A N   1 
ATOM   350  C CA  . LEU A 1 48  ? 0.406   8.225   8.764   1.00 13.59 ? 48  LEU A CA  1 
ATOM   351  C C   . LEU A 1 48  ? 1.574   8.639   7.861   1.00 14.11 ? 48  LEU A C   1 
ATOM   352  O O   . LEU A 1 48  ? 1.391   8.909   6.669   1.00 13.48 ? 48  LEU A O   1 
ATOM   353  C CB  . LEU A 1 48  ? 0.444   6.741   9.123   1.00 11.12 ? 48  LEU A CB  1 
ATOM   354  C CG  . LEU A 1 48  ? -0.686  6.349   10.085  1.00 11.36 ? 48  LEU A CG  1 
ATOM   355  C CD1 . LEU A 1 48  ? -0.667  4.854   10.334  1.00 13.34 ? 48  LEU A CD1 1 
ATOM   356  C CD2 . LEU A 1 48  ? -0.559  7.112   11.398  1.00 11.75 ? 48  LEU A CD2 1 
ATOM   357  N N   . SER A 1 49  ? 2.775   8.644   8.433   1.00 11.98 ? 49  SER A N   1 
ATOM   358  C CA  . SER A 1 49  ? 3.972   9.097   7.735   1.00 11.67 ? 49  SER A CA  1 
ATOM   359  C C   . SER A 1 49  ? 4.811   8.135   6.900   1.00 10.55 ? 49  SER A C   1 
ATOM   360  O O   . SER A 1 49  ? 5.450   7.226   7.429   1.00 10.19 ? 49  SER A O   1 
ATOM   361  C CB  . SER A 1 49  ? 4.889   9.807   8.738   1.00 9.69  ? 49  SER A CB  1 
ATOM   362  O OG  . SER A 1 49  ? 6.096   10.216  8.124   1.00 10.70 ? 49  SER A OG  1 
ATOM   363  N N   . GLU A 1 50  ? 4.862   8.388   5.593   1.00 11.58 ? 50  GLU A N   1 
ATOM   364  C CA  . GLU A 1 50  ? 5.694   7.584   4.703   1.00 11.78 ? 50  GLU A CA  1 
ATOM   365  C C   . GLU A 1 50  ? 7.125   8.075   4.872   1.00 10.72 ? 50  GLU A C   1 
ATOM   366  O O   . GLU A 1 50  ? 8.075   7.300   4.753   1.00 11.48 ? 50  GLU A O   1 
ATOM   367  C CB  . GLU A 1 50  ? 5.295   7.764   3.236   1.00 13.04 ? 50  GLU A CB  1 
ATOM   368  C CG  . GLU A 1 50  ? 4.020   7.061   2.835   1.00 13.16 ? 50  GLU A CG  1 
ATOM   369  C CD  . GLU A 1 50  ? 2.765   7.819   3.212   1.00 12.54 ? 50  GLU A CD  1 
ATOM   370  O OE1 . GLU A 1 50  ? 2.842   9.028   3.515   1.00 13.53 ? 50  GLU A OE1 1 
ATOM   371  O OE2 . GLU A 1 50  ? 1.687   7.197   3.188   1.00 14.28 ? 50  GLU A OE2 1 
ATOM   372  N N   . GLN A 1 51  ? 7.269   9.367   5.177   1.00 10.21 ? 51  GLN A N   1 
ATOM   373  C CA  . GLN A 1 51  ? 8.585   9.972   5.358   1.00 9.88  ? 51  GLN A CA  1 
ATOM   374  C C   . GLN A 1 51  ? 9.363   9.298   6.478   1.00 10.28 ? 51  GLN A C   1 
ATOM   375  O O   . GLN A 1 51  ? 10.582  9.169   6.398   1.00 11.07 ? 51  GLN A O   1 
ATOM   376  C CB  . GLN A 1 51  ? 8.479   11.469  5.631   1.00 11.83 ? 51  GLN A CB  1 
ATOM   377  C CG  . GLN A 1 51  ? 9.798   12.191  5.439   1.00 11.22 ? 51  GLN A CG  1 
ATOM   378  C CD  . GLN A 1 51  ? 10.328  12.033  4.037   1.00 14.03 ? 51  GLN A CD  1 
ATOM   379  O OE1 . GLN A 1 51  ? 9.665   12.400  3.069   1.00 16.62 ? 51  GLN A OE1 1 
ATOM   380  N NE2 . GLN A 1 51  ? 11.525  11.466  3.916   1.00 14.94 ? 51  GLN A NE2 1 
ATOM   381  N N   . MET A 1 52  ? 8.652   8.861   7.513   1.00 11.82 ? 52  MET A N   1 
ATOM   382  C CA  . MET A 1 52  ? 9.281   8.170   8.633   1.00 10.98 ? 52  MET A CA  1 
ATOM   383  C C   . MET A 1 52  ? 10.070  6.981   8.093   1.00 11.65 ? 52  MET A C   1 
ATOM   384  O O   . MET A 1 52  ? 11.234  6.790   8.437   1.00 12.75 ? 52  MET A O   1 
ATOM   385  C CB  . MET A 1 52  ? 8.224   7.677   9.615   1.00 11.35 ? 52  MET A CB  1 
ATOM   386  C CG  . MET A 1 52  ? 8.800   6.838   10.736  1.00 12.44 ? 52  MET A CG  1 
ATOM   387  S SD  . MET A 1 52  ? 7.525   6.001   11.651  1.00 14.57 ? 52  MET A SD  1 
ATOM   388  C CE  . MET A 1 52  ? 7.106   4.704   10.500  1.00 15.72 ? 52  MET A CE  1 
ATOM   389  N N   . LEU A 1 53  ? 9.436   6.202   7.222   1.00 10.46 ? 53  LEU A N   1 
ATOM   390  C CA  . LEU A 1 53  ? 10.090  5.046   6.626   1.00 9.92  ? 53  LEU A CA  1 
ATOM   391  C C   . LEU A 1 53  ? 11.214  5.428   5.660   1.00 8.33  ? 53  LEU A C   1 
ATOM   392  O O   . LEU A 1 53  ? 12.330  4.931   5.771   1.00 10.67 ? 53  LEU A O   1 
ATOM   393  C CB  . LEU A 1 53  ? 9.066   4.160   5.912   1.00 10.43 ? 53  LEU A CB  1 
ATOM   394  C CG  . LEU A 1 53  ? 8.088   3.408   6.818   1.00 11.03 ? 53  LEU A CG  1 
ATOM   395  C CD1 . LEU A 1 53  ? 7.104   2.606   5.971   1.00 8.33  ? 53  LEU A CD1 1 
ATOM   396  C CD2 . LEU A 1 53  ? 8.856   2.495   7.773   1.00 10.26 ? 53  LEU A CD2 1 
ATOM   397  N N   . VAL A 1 54  ? 10.923  6.327   4.727   1.00 8.67  ? 54  VAL A N   1 
ATOM   398  C CA  . VAL A 1 54  ? 11.918  6.748   3.746   1.00 10.76 ? 54  VAL A CA  1 
ATOM   399  C C   . VAL A 1 54  ? 13.201  7.263   4.414   1.00 10.87 ? 54  VAL A C   1 
ATOM   400  O O   . VAL A 1 54  ? 14.307  6.880   4.030   1.00 13.74 ? 54  VAL A O   1 
ATOM   401  C CB  . VAL A 1 54  ? 11.334  7.826   2.789   1.00 11.54 ? 54  VAL A CB  1 
ATOM   402  C CG1 . VAL A 1 54  ? 12.366  8.252   1.759   1.00 13.04 ? 54  VAL A CG1 1 
ATOM   403  C CG2 . VAL A 1 54  ? 10.099  7.283   2.087   1.00 12.61 ? 54  VAL A CG2 1 
ATOM   404  N N   . SER A 1 55  ? 13.034  8.073   5.453   1.00 12.27 ? 55  SER A N   1 
ATOM   405  C CA  . SER A 1 55  ? 14.154  8.663   6.180   1.00 12.69 ? 55  SER A CA  1 
ATOM   406  C C   . SER A 1 55  ? 14.794  7.796   7.257   1.00 13.09 ? 55  SER A C   1 
ATOM   407  O O   . SER A 1 55  ? 16.016  7.751   7.362   1.00 16.95 ? 55  SER A O   1 
ATOM   408  C CB  . SER A 1 55  ? 13.721  9.980   6.834   1.00 13.25 ? 55  SER A CB  1 
ATOM   409  O OG  . SER A 1 55  ? 13.536  11.002  5.877   1.00 15.58 ? 55  SER A OG  1 
ATOM   410  N N   . CYS A 1 56  ? 13.975  7.100   8.038   1.00 12.82 ? 56  CYS A N   1 
ATOM   411  C CA  . CYS A 1 56  ? 14.471  6.312   9.166   1.00 12.84 ? 56  CYS A CA  1 
ATOM   412  C C   . CYS A 1 56  ? 14.673  4.817   9.029   1.00 12.46 ? 56  CYS A C   1 
ATOM   413  O O   . CYS A 1 56  ? 15.449  4.223   9.782   1.00 11.48 ? 56  CYS A O   1 
ATOM   414  C CB  . CYS A 1 56  ? 13.599  6.594   10.384  1.00 13.34 ? 56  CYS A CB  1 
ATOM   415  S SG  . CYS A 1 56  ? 13.401  8.372   10.707  1.00 16.99 ? 56  CYS A SG  1 
ATOM   416  N N   . ASP A 1 57  ? 13.935  4.195   8.120   1.00 12.59 ? 57  ASP A N   1 
ATOM   417  C CA  . ASP A 1 57  ? 14.047  2.757   7.906   1.00 12.76 ? 57  ASP A CA  1 
ATOM   418  C C   . ASP A 1 57  ? 15.346  2.428   7.180   1.00 13.61 ? 57  ASP A C   1 
ATOM   419  O O   . ASP A 1 57  ? 15.402  2.408   5.950   1.00 13.64 ? 57  ASP A O   1 
ATOM   420  C CB  . ASP A 1 57  ? 12.841  2.262   7.103   1.00 13.50 ? 57  ASP A CB  1 
ATOM   421  C CG  . ASP A 1 57  ? 12.865  0.771   6.844   1.00 12.12 ? 57  ASP A CG  1 
ATOM   422  O OD1 . ASP A 1 57  ? 13.833  0.075   7.206   1.00 9.91  ? 57  ASP A OD1 1 
ATOM   423  O OD2 . ASP A 1 57  ? 11.881  0.289   6.259   1.00 14.04 ? 57  ASP A OD2 1 
ATOM   424  N N   . LYS A 1 58  ? 16.366  2.094   7.960   1.00 13.61 ? 58  LYS A N   1 
ATOM   425  C CA  . LYS A 1 58  ? 17.673  1.768   7.413   1.00 15.71 ? 58  LYS A CA  1 
ATOM   426  C C   . LYS A 1 58  ? 17.819  0.366   6.838   1.00 13.47 ? 58  LYS A C   1 
ATOM   427  O O   . LYS A 1 58  ? 18.872  0.030   6.291   1.00 15.09 ? 58  LYS A O   1 
ATOM   428  C CB  . LYS A 1 58  ? 18.751  2.048   8.455   1.00 19.23 ? 58  LYS A CB  1 
ATOM   429  C CG  . LYS A 1 58  ? 19.468  3.360   8.232   1.00 25.90 ? 58  LYS A CG  1 
ATOM   430  C CD  . LYS A 1 58  ? 18.531  4.553   8.131   1.00 27.11 ? 58  LYS A CD  1 
ATOM   431  C CE  . LYS A 1 58  ? 18.726  5.273   6.804   1.00 29.88 ? 58  LYS A CE  1 
ATOM   432  N NZ  . LYS A 1 58  ? 18.579  6.754   6.933   1.00 28.88 ? 58  LYS A NZ  1 
ATOM   433  N N   . THR A 1 59  ? 16.781  -0.458  6.979   1.00 12.03 ? 59  THR A N   1 
ATOM   434  C CA  . THR A 1 59  ? 16.806  -1.813  6.429   1.00 11.15 ? 59  THR A CA  1 
ATOM   435  C C   . THR A 1 59  ? 16.302  -1.763  4.986   1.00 10.93 ? 59  THR A C   1 
ATOM   436  O O   . THR A 1 59  ? 16.314  -2.763  4.265   1.00 11.95 ? 59  THR A O   1 
ATOM   437  C CB  . THR A 1 59  ? 15.973  -2.816  7.265   1.00 11.62 ? 59  THR A CB  1 
ATOM   438  O OG1 . THR A 1 59  ? 14.579  -2.547  7.103   1.00 12.82 ? 59  THR A OG1 1 
ATOM   439  C CG2 . THR A 1 59  ? 16.334  -2.702  8.743   1.00 11.37 ? 59  THR A CG2 1 
ATOM   440  N N   . ASP A 1 60  ? 15.854  -0.577  4.583   1.00 10.27 ? 60  ASP A N   1 
ATOM   441  C CA  . ASP A 1 60  ? 15.389  -0.332  3.226   1.00 11.38 ? 60  ASP A CA  1 
ATOM   442  C C   . ASP A 1 60  ? 16.246  0.775   2.608   1.00 14.07 ? 60  ASP A C   1 
ATOM   443  O O   . ASP A 1 60  ? 17.177  1.269   3.255   1.00 13.69 ? 60  ASP A O   1 
ATOM   444  C CB  . ASP A 1 60  ? 13.892  -0.034  3.214   1.00 9.17  ? 60  ASP A CB  1 
ATOM   445  C CG  . ASP A 1 60  ? 13.070  -1.293  3.414   1.00 10.32 ? 60  ASP A CG  1 
ATOM   446  O OD1 . ASP A 1 60  ? 13.218  -2.225  2.604   1.00 10.84 ? 60  ASP A OD1 1 
ATOM   447  O OD2 . ASP A 1 60  ? 12.331  -1.398  4.406   1.00 9.25  ? 60  ASP A OD2 1 
ATOM   448  N N   . SER A 1 61  ? 15.959  1.156   1.367   1.00 12.56 ? 61  SER A N   1 
ATOM   449  C CA  . SER A 1 61  ? 16.795  2.143   0.692   1.00 12.62 ? 61  SER A CA  1 
ATOM   450  C C   . SER A 1 61  ? 16.159  3.448   0.223   1.00 13.13 ? 61  SER A C   1 
ATOM   451  O O   . SER A 1 61  ? 16.503  3.954   -0.846  1.00 12.85 ? 61  SER A O   1 
ATOM   452  C CB  . SER A 1 61  ? 17.527  1.470   -0.471  1.00 12.43 ? 61  SER A CB  1 
ATOM   453  O OG  . SER A 1 61  ? 18.307  0.372   -0.017  1.00 14.02 ? 61  SER A OG  1 
ATOM   454  N N   . GLY A 1 62  ? 15.248  3.991   1.029   1.00 12.76 ? 62  GLY A N   1 
ATOM   455  C CA  . GLY A 1 62  ? 14.603  5.257   0.707   1.00 13.14 ? 62  GLY A CA  1 
ATOM   456  C C   . GLY A 1 62  ? 14.047  5.391   -0.698  1.00 14.99 ? 62  GLY A C   1 
ATOM   457  O O   . GLY A 1 62  ? 13.183  4.613   -1.107  1.00 15.33 ? 62  GLY A O   1 
ATOM   458  N N   . CYS A 1 63  ? 14.548  6.380   -1.436  1.00 14.63 ? 63  CYS A N   1 
ATOM   459  C CA  . CYS A 1 63  ? 14.106  6.624   -2.806  1.00 12.80 ? 63  CYS A CA  1 
ATOM   460  C C   . CYS A 1 63  ? 14.631  5.603   -3.808  1.00 12.76 ? 63  CYS A C   1 
ATOM   461  O O   . CYS A 1 63  ? 14.211  5.590   -4.964  1.00 15.11 ? 63  CYS A O   1 
ATOM   462  C CB  . CYS A 1 63  ? 14.482  8.038   -3.242  1.00 12.35 ? 63  CYS A CB  1 
ATOM   463  S SG  . CYS A 1 63  ? 13.614  9.324   -2.296  1.00 16.35 ? 63  CYS A SG  1 
ATOM   464  N N   . SER A 1 64  ? 15.547  4.747   -3.363  0.50 8.15  ? 64  SER A N   1 
ATOM   465  C CA  . SER A 1 64  ? 16.118  3.719   -4.224  0.50 7.77  ? 64  SER A CA  1 
ATOM   466  C C   . SER A 1 64  ? 15.382  2.390   -4.115  0.50 7.21  ? 64  SER A C   1 
ATOM   467  O O   . SER A 1 64  ? 15.782  1.405   -4.727  0.50 5.65  ? 64  SER A O   1 
ATOM   468  C CB  . SER A 1 64  ? 17.597  3.522   -3.909  0.50 7.42  ? 64  SER A CB  1 
ATOM   469  O OG  . SER A 1 64  ? 18.337  4.676   -4.250  0.50 10.26 ? 64  SER A OG  1 
ATOM   470  N N   . GLY A 1 65  ? 14.331  2.354   -3.302  1.00 11.11 ? 65  GLY A N   1 
ATOM   471  C CA  . GLY A 1 65  ? 13.562  1.129   -3.168  1.00 11.75 ? 65  GLY A CA  1 
ATOM   472  C C   . GLY A 1 65  ? 13.518  0.504   -1.790  1.00 12.65 ? 65  GLY A C   1 
ATOM   473  O O   . GLY A 1 65  ? 14.209  0.942   -0.873  1.00 12.02 ? 65  GLY A O   1 
ATOM   474  N N   . GLY A 1 66  ? 12.702  -0.539  -1.661  1.00 11.59 ? 66  GLY A N   1 
ATOM   475  C CA  . GLY A 1 66  ? 12.553  -1.233  -0.396  1.00 10.56 ? 66  GLY A CA  1 
ATOM   476  C C   . GLY A 1 66  ? 11.457  -2.277  -0.440  1.00 11.26 ? 66  GLY A C   1 
ATOM   477  O O   . GLY A 1 66  ? 10.740  -2.403  -1.437  1.00 12.06 ? 66  GLY A O   1 
ATOM   478  N N   . LEU A 1 67  ? 11.307  -3.003  0.663   1.00 9.54  ? 67  LEU A N   1 
ATOM   479  C CA  . LEU A 1 67  ? 10.312  -4.062  0.779   1.00 11.11 ? 67  LEU A CA  1 
ATOM   480  C C   . LEU A 1 67  ? 9.327   -3.766  1.905   1.00 11.30 ? 67  LEU A C   1 
ATOM   481  O O   . LEU A 1 67  ? 9.724   -3.387  3.013   1.00 9.29  ? 67  LEU A O   1 
ATOM   482  C CB  . LEU A 1 67  ? 11.006  -5.402  1.053   1.00 10.35 ? 67  LEU A CB  1 
ATOM   483  C CG  . LEU A 1 67  ? 12.149  -5.786  0.109   1.00 12.27 ? 67  LEU A CG  1 
ATOM   484  C CD1 . LEU A 1 67  ? 12.821  -7.063  0.583   1.00 11.71 ? 67  LEU A CD1 1 
ATOM   485  C CD2 . LEU A 1 67  ? 11.608  -5.944  -1.309  1.00 12.61 ? 67  LEU A CD2 1 
ATOM   486  N N   . MET A 1 68  ? 8.037   -3.923  1.612   1.00 9.23  ? 68  MET A N   1 
ATOM   487  C CA  . MET A 1 68  ? 7.005   -3.690  2.611   1.00 8.42  ? 68  MET A CA  1 
ATOM   488  C C   . MET A 1 68  ? 7.234   -4.556  3.851   1.00 8.70  ? 68  MET A C   1 
ATOM   489  O O   . MET A 1 68  ? 7.060   -4.081  4.969   1.00 9.48  ? 68  MET A O   1 
ATOM   490  C CB  . MET A 1 68  ? 5.612   -3.952  2.035   1.00 7.98  ? 68  MET A CB  1 
ATOM   491  C CG  . MET A 1 68  ? 5.149   -2.919  1.020   1.00 9.55  ? 68  MET A CG  1 
ATOM   492  S SD  . MET A 1 68  ? 5.852   -3.125  -0.632  1.00 10.70 ? 68  MET A SD  1 
ATOM   493  C CE  . MET A 1 68  ? 4.793   -4.427  -1.261  1.00 10.76 ? 68  MET A CE  1 
ATOM   494  N N   . ASN A 1 69  ? 7.660   -5.806  3.657   1.00 8.55  ? 69  ASN A N   1 
ATOM   495  C CA  . ASN A 1 69  ? 7.916   -6.709  4.783   1.00 10.08 ? 69  ASN A CA  1 
ATOM   496  C C   . ASN A 1 69  ? 9.059   -6.204  5.667   1.00 10.62 ? 69  ASN A C   1 
ATOM   497  O O   . ASN A 1 69  ? 9.012   -6.342  6.892   1.00 11.16 ? 69  ASN A O   1 
ATOM   498  C CB  . ASN A 1 69  ? 8.196   -8.132  4.291   1.00 11.61 ? 69  ASN A CB  1 
ATOM   499  C CG  . ASN A 1 69  ? 6.958   -8.814  3.745   1.00 13.88 ? 69  ASN A CG  1 
ATOM   500  O OD1 . ASN A 1 69  ? 5.838   -8.483  4.128   1.00 14.09 ? 69  ASN A OD1 1 
ATOM   501  N ND2 . ASN A 1 69  ? 7.152   -9.763  2.842   1.00 14.60 ? 69  ASN A ND2 1 
ATOM   502  N N   . ASN A 1 70  ? 10.076  -5.604  5.050   1.00 10.17 ? 70  ASN A N   1 
ATOM   503  C CA  . ASN A 1 70  ? 11.201  -5.049  5.805   1.00 9.12  ? 70  ASN A CA  1 
ATOM   504  C C   . ASN A 1 70  ? 10.681  -3.866  6.611   1.00 11.30 ? 70  ASN A C   1 
ATOM   505  O O   . ASN A 1 70  ? 11.014  -3.707  7.785   1.00 10.22 ? 70  ASN A O   1 
ATOM   506  C CB  . ASN A 1 70  ? 12.303  -4.546  4.872   1.00 9.03  ? 70  ASN A CB  1 
ATOM   507  C CG  . ASN A 1 70  ? 13.233  -5.640  4.406   1.00 8.15  ? 70  ASN A CG  1 
ATOM   508  O OD1 . ASN A 1 70  ? 13.069  -6.815  4.739   1.00 11.05 ? 70  ASN A OD1 1 
ATOM   509  N ND2 . ASN A 1 70  ? 14.240  -5.252  3.639   1.00 9.64  ? 70  ASN A ND2 1 
ATOM   510  N N   . ALA A 1 71  ? 9.851   -3.045  5.970   1.00 8.07  ? 71  ALA A N   1 
ATOM   511  C CA  . ALA A 1 71  ? 9.280   -1.873  6.611   1.00 9.56  ? 71  ALA A CA  1 
ATOM   512  C C   . ALA A 1 71  ? 8.468   -2.257  7.846   1.00 10.39 ? 71  ALA A C   1 
ATOM   513  O O   . ALA A 1 71  ? 8.639   -1.659  8.908   1.00 10.84 ? 71  ALA A O   1 
ATOM   514  C CB  . ALA A 1 71  ? 8.424   -1.081  5.617   1.00 9.58  ? 71  ALA A CB  1 
ATOM   515  N N   . PHE A 1 72  ? 7.618   -3.275  7.716   1.00 8.38  ? 72  PHE A N   1 
ATOM   516  C CA  . PHE A 1 72  ? 6.798   -3.738  8.837   1.00 10.48 ? 72  PHE A CA  1 
ATOM   517  C C   . PHE A 1 72  ? 7.679   -4.185  10.001  1.00 11.70 ? 72  PHE A C   1 
ATOM   518  O O   . PHE A 1 72  ? 7.418   -3.844  11.152  1.00 13.19 ? 72  PHE A O   1 
ATOM   519  C CB  . PHE A 1 72  ? 5.901   -4.896  8.404   1.00 10.73 ? 72  PHE A CB  1 
ATOM   520  C CG  . PHE A 1 72  ? 4.807   -4.496  7.455   1.00 10.48 ? 72  PHE A CG  1 
ATOM   521  C CD1 . PHE A 1 72  ? 4.137   -3.281  7.607   1.00 11.89 ? 72  PHE A CD1 1 
ATOM   522  C CD2 . PHE A 1 72  ? 4.423   -5.350  6.424   1.00 10.61 ? 72  PHE A CD2 1 
ATOM   523  C CE1 . PHE A 1 72  ? 3.103   -2.921  6.745   1.00 10.89 ? 72  PHE A CE1 1 
ATOM   524  C CE2 . PHE A 1 72  ? 3.388   -4.998  5.556   1.00 9.06  ? 72  PHE A CE2 1 
ATOM   525  C CZ  . PHE A 1 72  ? 2.727   -3.784  5.719   1.00 9.45  ? 72  PHE A CZ  1 
ATOM   526  N N   . GLU A 1 73  ? 8.737   -4.928  9.685   1.00 13.03 ? 73  GLU A N   1 
ATOM   527  C CA  . GLU A 1 73  ? 9.670   -5.411  10.700  1.00 14.63 ? 73  GLU A CA  1 
ATOM   528  C C   . GLU A 1 73  ? 10.471  -4.289  11.355  1.00 12.99 ? 73  GLU A C   1 
ATOM   529  O O   . GLU A 1 73  ? 10.726  -4.333  12.553  1.00 13.24 ? 73  GLU A O   1 
ATOM   530  C CB  . GLU A 1 73  ? 10.615  -6.466  10.117  1.00 18.72 ? 73  GLU A CB  1 
ATOM   531  C CG  . GLU A 1 73  ? 9.980   -7.843  9.991   1.00 27.97 ? 73  GLU A CG  1 
ATOM   532  C CD  . GLU A 1 73  ? 9.450   -8.366  11.319  1.00 35.52 ? 73  GLU A CD  1 
ATOM   533  O OE1 . GLU A 1 73  ? 10.202  -8.334  12.319  1.00 40.88 ? 73  GLU A OE1 1 
ATOM   534  O OE2 . GLU A 1 73  ? 8.280   -8.803  11.366  1.00 39.21 ? 73  GLU A OE2 1 
ATOM   535  N N   . TRP A 1 74  ? 10.869  -3.289  10.575  1.00 10.94 ? 74  TRP A N   1 
ATOM   536  C CA  . TRP A 1 74  ? 11.624  -2.165  11.120  1.00 10.58 ? 74  TRP A CA  1 
ATOM   537  C C   . TRP A 1 74  ? 10.782  -1.440  12.169  1.00 11.71 ? 74  TRP A C   1 
ATOM   538  O O   . TRP A 1 74  ? 11.271  -1.106  13.245  1.00 10.96 ? 74  TRP A O   1 
ATOM   539  C CB  . TRP A 1 74  ? 12.026  -1.179  10.020  1.00 11.21 ? 74  TRP A CB  1 
ATOM   540  C CG  . TRP A 1 74  ? 12.741  0.031   10.562  1.00 12.43 ? 74  TRP A CG  1 
ATOM   541  C CD1 . TRP A 1 74  ? 14.075  0.138   10.837  1.00 13.22 ? 74  TRP A CD1 1 
ATOM   542  C CD2 . TRP A 1 74  ? 12.151  1.285   10.943  1.00 12.62 ? 74  TRP A CD2 1 
ATOM   543  N NE1 . TRP A 1 74  ? 14.352  1.375   11.371  1.00 12.35 ? 74  TRP A NE1 1 
ATOM   544  C CE2 . TRP A 1 74  ? 13.190  2.098   11.449  1.00 11.86 ? 74  TRP A CE2 1 
ATOM   545  C CE3 . TRP A 1 74  ? 10.844  1.796   10.909  1.00 11.55 ? 74  TRP A CE3 1 
ATOM   546  C CZ2 . TRP A 1 74  ? 12.965  3.396   11.921  1.00 11.84 ? 74  TRP A CZ2 1 
ATOM   547  C CZ3 . TRP A 1 74  ? 10.620  3.089   11.380  1.00 12.05 ? 74  TRP A CZ3 1 
ATOM   548  C CH2 . TRP A 1 74  ? 11.679  3.874   11.880  1.00 13.97 ? 74  TRP A CH2 1 
ATOM   549  N N   . ILE A 1 75  ? 9.521   -1.173  11.837  1.00 10.80 ? 75  ILE A N   1 
ATOM   550  C CA  . ILE A 1 75  ? 8.611   -0.492  12.753  1.00 11.81 ? 75  ILE A CA  1 
ATOM   551  C C   . ILE A 1 75  ? 8.571   -1.206  14.108  1.00 12.55 ? 75  ILE A C   1 
ATOM   552  O O   . ILE A 1 75  ? 8.789   -0.588  15.148  1.00 13.43 ? 75  ILE A O   1 
ATOM   553  C CB  . ILE A 1 75  ? 7.178   -0.416  12.159  1.00 10.89 ? 75  ILE A CB  1 
ATOM   554  C CG1 . ILE A 1 75  ? 7.186   0.454   10.897  1.00 11.35 ? 75  ILE A CG1 1 
ATOM   555  C CG2 . ILE A 1 75  ? 6.194   0.131   13.192  1.00 12.31 ? 75  ILE A CG2 1 
ATOM   556  C CD1 . ILE A 1 75  ? 5.882   0.444   10.113  1.00 9.92  ? 75  ILE A CD1 1 
ATOM   557  N N   . VAL A 1 76  ? 8.361   -2.519  14.073  1.00 13.11 ? 76  VAL A N   1 
ATOM   558  C CA  . VAL A 1 76  ? 8.288   -3.328  15.286  1.00 15.03 ? 76  VAL A CA  1 
ATOM   559  C C   . VAL A 1 76  ? 9.629   -3.486  16.018  1.00 15.83 ? 76  VAL A C   1 
ATOM   560  O O   . VAL A 1 76  ? 9.736   -3.171  17.202  1.00 16.80 ? 76  VAL A O   1 
ATOM   561  C CB  . VAL A 1 76  ? 7.704   -4.736  14.972  1.00 15.93 ? 76  VAL A CB  1 
ATOM   562  C CG1 . VAL A 1 76  ? 7.640   -5.588  16.236  1.00 14.60 ? 76  VAL A CG1 1 
ATOM   563  C CG2 . VAL A 1 76  ? 6.314   -4.602  14.359  1.00 14.40 ? 76  VAL A CG2 1 
ATOM   564  N N   . GLN A 1 77  ? 10.652  -3.931  15.295  1.00 15.33 ? 77  GLN A N   1 
ATOM   565  C CA  . GLN A 1 77  ? 11.972  -4.177  15.869  1.00 17.44 ? 77  GLN A CA  1 
ATOM   566  C C   . GLN A 1 77  ? 12.834  -2.961  16.200  1.00 17.22 ? 77  GLN A C   1 
ATOM   567  O O   . GLN A 1 77  ? 13.599  -2.996  17.165  1.00 17.17 ? 77  GLN A O   1 
ATOM   568  C CB  . GLN A 1 77  ? 12.784  -5.105  14.956  1.00 20.26 ? 77  GLN A CB  1 
ATOM   569  C CG  . GLN A 1 77  ? 12.096  -6.408  14.553  1.00 25.46 ? 77  GLN A CG  1 
ATOM   570  C CD  . GLN A 1 77  ? 11.709  -7.279  15.735  1.00 32.12 ? 77  GLN A CD  1 
ATOM   571  O OE1 . GLN A 1 77  ? 12.350  -7.250  16.789  1.00 34.87 ? 77  GLN A OE1 1 
ATOM   572  N NE2 . GLN A 1 77  ? 10.655  -8.071  15.560  1.00 33.75 ? 77  GLN A NE2 1 
ATOM   573  N N   . GLU A 1 78  ? 12.720  -1.899  15.409  1.00 15.96 ? 78  GLU A N   1 
ATOM   574  C CA  . GLU A 1 78  ? 13.546  -0.708  15.610  1.00 17.75 ? 78  GLU A CA  1 
ATOM   575  C C   . GLU A 1 78  ? 12.855  0.568   16.075  1.00 16.60 ? 78  GLU A C   1 
ATOM   576  O O   . GLU A 1 78  ? 13.515  1.466   16.593  1.00 19.49 ? 78  GLU A O   1 
ATOM   577  C CB  . GLU A 1 78  ? 14.331  -0.394  14.332  1.00 20.06 ? 78  GLU A CB  1 
ATOM   578  C CG  . GLU A 1 78  ? 15.152  -1.557  13.779  1.00 26.89 ? 78  GLU A CG  1 
ATOM   579  C CD  . GLU A 1 78  ? 16.232  -2.042  14.738  1.00 32.26 ? 78  GLU A CD  1 
ATOM   580  O OE1 . GLU A 1 78  ? 16.862  -1.198  15.411  1.00 33.14 ? 78  GLU A OE1 1 
ATOM   581  O OE2 . GLU A 1 78  ? 16.452  -3.273  14.811  1.00 34.79 ? 78  GLU A OE2 1 
ATOM   582  N N   . ASN A 1 79  A 11.544  0.667   15.894  1.00 13.22 ? 78  ASN A N   1 
ATOM   583  C CA  . ASN A 1 79  A 10.847  1.883   16.292  1.00 13.58 ? 78  ASN A CA  1 
ATOM   584  C C   . ASN A 1 79  A 9.807   1.674   17.389  1.00 12.19 ? 78  ASN A C   1 
ATOM   585  O O   . ASN A 1 79  A 8.904   2.492   17.559  1.00 12.77 ? 78  ASN A O   1 
ATOM   586  C CB  . ASN A 1 79  A 10.210  2.546   15.061  1.00 15.28 ? 78  ASN A CB  1 
ATOM   587  C CG  . ASN A 1 79  A 10.093  4.057   15.201  1.00 16.58 ? 78  ASN A CG  1 
ATOM   588  O OD1 . ASN A 1 79  A 9.122   4.669   14.738  1.00 17.21 ? 78  ASN A OD1 1 
ATOM   589  N ND2 . ASN A 1 79  A 11.092  4.670   15.825  1.00 14.25 ? 78  ASN A ND2 1 
ATOM   590  N N   . ASN A 1 80  B 9.951   0.586   18.140  1.00 13.63 ? 78  ASN A N   1 
ATOM   591  C CA  . ASN A 1 80  B 9.037   0.269   19.233  1.00 15.25 ? 78  ASN A CA  1 
ATOM   592  C C   . ASN A 1 80  B 7.586   0.178   18.766  1.00 13.17 ? 78  ASN A C   1 
ATOM   593  O O   . ASN A 1 80  B 6.667   0.562   19.490  1.00 15.10 ? 78  ASN A O   1 
ATOM   594  C CB  . ASN A 1 80  B 9.175   1.308   20.357  1.00 16.03 ? 78  ASN A CB  1 
ATOM   595  C CG  . ASN A 1 80  B 10.469  1.155   21.135  1.00 20.67 ? 78  ASN A CG  1 
ATOM   596  O OD1 . ASN A 1 80  B 11.453  1.857   20.881  1.00 22.26 ? 78  ASN A OD1 1 
ATOM   597  N ND2 . ASN A 1 80  B 10.475  0.232   22.089  1.00 16.52 ? 78  ASN A ND2 1 
ATOM   598  N N   . GLY A 1 81  C 7.399   -0.320  17.546  1.00 13.09 ? 78  GLY A N   1 
ATOM   599  C CA  . GLY A 1 81  C 6.070   -0.469  16.972  1.00 12.97 ? 78  GLY A CA  1 
ATOM   600  C C   . GLY A 1 81  C 5.346   0.811   16.593  1.00 13.44 ? 78  GLY A C   1 
ATOM   601  O O   . GLY A 1 81  C 4.210   0.761   16.125  1.00 15.32 ? 78  GLY A O   1 
ATOM   602  N N   . ALA A 1 82  ? 6.024   1.948   16.714  1.00 12.48 ? 79  ALA A N   1 
ATOM   603  C CA  . ALA A 1 82  ? 5.420   3.250   16.431  1.00 12.26 ? 79  ALA A CA  1 
ATOM   604  C C   . ALA A 1 82  ? 5.406   3.701   14.982  1.00 13.24 ? 79  ALA A C   1 
ATOM   605  O O   . ALA A 1 82  ? 6.360   3.474   14.238  1.00 12.53 ? 79  ALA A O   1 
ATOM   606  C CB  . ALA A 1 82  ? 6.085   4.323   17.288  1.00 12.32 ? 79  ALA A CB  1 
ATOM   607  N N   . VAL A 1 83  ? 4.318   4.374   14.613  1.00 11.80 ? 80  VAL A N   1 
ATOM   608  C CA  . VAL A 1 83  ? 4.135   4.933   13.278  1.00 12.98 ? 80  VAL A CA  1 
ATOM   609  C C   . VAL A 1 83  ? 3.628   6.363   13.480  1.00 11.40 ? 80  VAL A C   1 
ATOM   610  O O   . VAL A 1 83  ? 2.533   6.573   13.993  1.00 12.64 ? 80  VAL A O   1 
ATOM   611  C CB  . VAL A 1 83  ? 3.108   4.133   12.436  1.00 13.08 ? 80  VAL A CB  1 
ATOM   612  C CG1 . VAL A 1 83  ? 2.998   4.742   11.042  1.00 11.56 ? 80  VAL A CG1 1 
ATOM   613  C CG2 . VAL A 1 83  ? 3.525   2.668   12.337  1.00 13.09 ? 80  VAL A CG2 1 
ATOM   614  N N   . TYR A 1 84  ? 4.443   7.340   13.104  1.00 11.86 ? 81  TYR A N   1 
ATOM   615  C CA  . TYR A 1 84  ? 4.083   8.749   13.273  1.00 13.57 ? 81  TYR A CA  1 
ATOM   616  C C   . TYR A 1 84  ? 2.958   9.218   12.361  1.00 14.66 ? 81  TYR A C   1 
ATOM   617  O O   . TYR A 1 84  ? 2.706   8.620   11.313  1.00 13.76 ? 81  TYR A O   1 
ATOM   618  C CB  . TYR A 1 84  ? 5.299   9.640   13.017  1.00 14.12 ? 81  TYR A CB  1 
ATOM   619  C CG  . TYR A 1 84  ? 6.535   9.272   13.800  1.00 15.54 ? 81  TYR A CG  1 
ATOM   620  C CD1 . TYR A 1 84  ? 7.775   9.196   13.168  1.00 16.70 ? 81  TYR A CD1 1 
ATOM   621  C CD2 . TYR A 1 84  ? 6.473   9.024   15.172  1.00 16.85 ? 81  TYR A CD2 1 
ATOM   622  C CE1 . TYR A 1 84  ? 8.926   8.889   13.876  1.00 19.91 ? 81  TYR A CE1 1 
ATOM   623  C CE2 . TYR A 1 84  ? 7.628   8.712   15.896  1.00 20.40 ? 81  TYR A CE2 1 
ATOM   624  C CZ  . TYR A 1 84  ? 8.848   8.650   15.238  1.00 19.72 ? 81  TYR A CZ  1 
ATOM   625  O OH  . TYR A 1 84  ? 10.000  8.369   15.930  1.00 25.08 ? 81  TYR A OH  1 
ATOM   626  N N   . THR A 1 85  ? 2.290   10.296  12.765  1.00 14.10 ? 82  THR A N   1 
ATOM   627  C CA  . THR A 1 85  ? 1.220   10.876  11.961  1.00 15.46 ? 82  THR A CA  1 
ATOM   628  C C   . THR A 1 85  ? 1.903   11.625  10.821  1.00 15.39 ? 82  THR A C   1 
ATOM   629  O O   . THR A 1 85  ? 3.033   12.101  10.975  1.00 13.50 ? 82  THR A O   1 
ATOM   630  C CB  . THR A 1 85  ? 0.375   11.907  12.757  1.00 15.28 ? 82  THR A CB  1 
ATOM   631  O OG1 . THR A 1 85  ? 1.220   12.971  13.209  1.00 15.15 ? 82  THR A OG1 1 
ATOM   632  C CG2 . THR A 1 85  ? -0.317  11.258  13.943  1.00 15.54 ? 82  THR A CG2 1 
ATOM   633  N N   . GLU A 1 86  ? 1.214   11.748  9.691   1.00 16.49 ? 83  GLU A N   1 
ATOM   634  C CA  . GLU A 1 86  ? 1.771   12.449  8.541   1.00 17.00 ? 83  GLU A CA  1 
ATOM   635  C C   . GLU A 1 86  ? 1.944   13.940  8.820   1.00 17.80 ? 83  GLU A C   1 
ATOM   636  O O   . GLU A 1 86  ? 2.876   14.563  8.308   1.00 18.83 ? 83  GLU A O   1 
ATOM   637  C CB  . GLU A 1 86  ? 0.888   12.250  7.308   1.00 19.38 ? 83  GLU A CB  1 
ATOM   638  C CG  . GLU A 1 86  ? 1.503   12.776  6.008   1.00 20.55 ? 83  GLU A CG  1 
ATOM   639  C CD  . GLU A 1 86  ? 0.605   12.556  4.797   1.00 24.49 ? 83  GLU A CD  1 
ATOM   640  O OE1 . GLU A 1 86  ? 0.833   13.208  3.760   1.00 25.10 ? 83  GLU A OE1 1 
ATOM   641  O OE2 . GLU A 1 86  ? -0.328  11.730  4.876   1.00 23.46 ? 83  GLU A OE2 1 
ATOM   642  N N   A ASP A 1 87  ? 1.051   14.509  9.627   0.50 19.52 ? 84  ASP A N   1 
ATOM   643  N N   B ASP A 1 87  ? 1.051   14.497  9.637   0.50 18.55 ? 84  ASP A N   1 
ATOM   644  C CA  A ASP A 1 87  ? 1.128   15.932  9.954   0.50 20.50 ? 84  ASP A CA  1 
ATOM   645  C CA  B ASP A 1 87  ? 1.097   15.913  9.991   0.50 18.86 ? 84  ASP A CA  1 
ATOM   646  C C   A ASP A 1 87  ? 2.372   16.275  10.765  0.50 19.33 ? 84  ASP A C   1 
ATOM   647  C C   B ASP A 1 87  ? 2.360   16.268  10.765  0.50 18.18 ? 84  ASP A C   1 
ATOM   648  O O   A ASP A 1 87  ? 2.927   17.364  10.622  0.50 20.78 ? 84  ASP A O   1 
ATOM   649  O O   B ASP A 1 87  ? 2.916   17.353  10.595  0.50 19.74 ? 84  ASP A O   1 
ATOM   650  C CB  A ASP A 1 87  ? -0.142  16.416  10.670  0.50 22.76 ? 84  ASP A CB  1 
ATOM   651  C CB  B ASP A 1 87  ? -0.130  16.302  10.829  0.50 19.44 ? 84  ASP A CB  1 
ATOM   652  C CG  A ASP A 1 87  ? -0.459  15.619  11.922  0.50 24.96 ? 84  ASP A CG  1 
ATOM   653  C CG  B ASP A 1 87  ? -1.430  16.233  10.044  0.50 20.05 ? 84  ASP A CG  1 
ATOM   654  O OD1 A ASP A 1 87  ? 0.277   15.748  12.923  0.50 28.63 ? 84  ASP A OD1 1 
ATOM   655  O OD1 B ASP A 1 87  ? -1.397  16.278  8.798   0.50 22.71 ? 84  ASP A OD1 1 
ATOM   656  O OD2 A ASP A 1 87  ? -1.463  14.873  11.908  0.50 27.67 ? 84  ASP A OD2 1 
ATOM   657  O OD2 B ASP A 1 87  ? -2.496  16.146  10.688  0.50 22.49 ? 84  ASP A OD2 1 
ATOM   658  N N   . SER A 1 88  ? 2.814   15.342  11.605  1.00 18.82 ? 85  SER A N   1 
ATOM   659  C CA  . SER A 1 88  ? 4.007   15.558  12.420  1.00 18.65 ? 85  SER A CA  1 
ATOM   660  C C   . SER A 1 88  ? 5.309   15.187  11.705  1.00 18.96 ? 85  SER A C   1 
ATOM   661  O O   . SER A 1 88  ? 6.392   15.565  12.150  1.00 18.64 ? 85  SER A O   1 
ATOM   662  C CB  . SER A 1 88  ? 3.892   14.819  13.754  1.00 18.39 ? 85  SER A CB  1 
ATOM   663  O OG  . SER A 1 88  ? 3.953   13.418  13.586  1.00 18.86 ? 85  SER A OG  1 
ATOM   664  N N   . TYR A 1 89  ? 5.200   14.452  10.598  1.00 17.81 ? 86  TYR A N   1 
ATOM   665  C CA  . TYR A 1 89  ? 6.374   14.055  9.814   1.00 16.76 ? 86  TYR A CA  1 
ATOM   666  C C   . TYR A 1 89  ? 5.952   14.055  8.342   1.00 17.58 ? 86  TYR A C   1 
ATOM   667  O O   . TYR A 1 89  ? 5.833   13.000  7.710   1.00 15.16 ? 86  TYR A O   1 
ATOM   668  C CB  . TYR A 1 89  ? 6.875   12.663  10.244  1.00 13.00 ? 86  TYR A CB  1 
ATOM   669  C CG  . TYR A 1 89  ? 8.356   12.420  10.006  1.00 12.96 ? 86  TYR A CG  1 
ATOM   670  C CD1 . TYR A 1 89  ? 9.051   11.468  10.750  1.00 14.30 ? 86  TYR A CD1 1 
ATOM   671  C CD2 . TYR A 1 89  ? 9.069   13.158  9.059   1.00 13.93 ? 86  TYR A CD2 1 
ATOM   672  C CE1 . TYR A 1 89  ? 10.416  11.256  10.557  1.00 13.11 ? 86  TYR A CE1 1 
ATOM   673  C CE2 . TYR A 1 89  ? 10.433  12.956  8.862   1.00 13.85 ? 86  TYR A CE2 1 
ATOM   674  C CZ  . TYR A 1 89  ? 11.098  12.004  9.614   1.00 13.39 ? 86  TYR A CZ  1 
ATOM   675  O OH  . TYR A 1 89  ? 12.446  11.808  9.426   1.00 17.56 ? 86  TYR A OH  1 
ATOM   676  N N   . PRO A 1 90  ? 5.723   15.254  7.780   1.00 18.26 ? 87  PRO A N   1 
ATOM   677  C CA  . PRO A 1 90  ? 5.304   15.472  6.391   1.00 18.09 ? 87  PRO A CA  1 
ATOM   678  C C   . PRO A 1 90  ? 6.249   14.884  5.354   1.00 16.35 ? 87  PRO A C   1 
ATOM   679  O O   . PRO A 1 90  ? 7.446   14.733  5.590   1.00 13.35 ? 87  PRO A O   1 
ATOM   680  C CB  . PRO A 1 90  ? 5.267   16.999  6.279   1.00 20.81 ? 87  PRO A CB  1 
ATOM   681  C CG  . PRO A 1 90  ? 5.032   17.453  7.686   1.00 22.65 ? 87  PRO A CG  1 
ATOM   682  C CD  . PRO A 1 90  ? 5.939   16.544  8.458   1.00 18.78 ? 87  PRO A CD  1 
ATOM   683  N N   . TYR A 1 91  ? 5.691   14.552  4.196   1.00 16.51 ? 88  TYR A N   1 
ATOM   684  C CA  . TYR A 1 91  ? 6.475   14.004  3.104   1.00 15.97 ? 88  TYR A CA  1 
ATOM   685  C C   . TYR A 1 91  ? 7.302   15.140  2.507   1.00 17.29 ? 88  TYR A C   1 
ATOM   686  O O   . TYR A 1 91  ? 6.773   16.211  2.215   1.00 18.93 ? 88  TYR A O   1 
ATOM   687  C CB  . TYR A 1 91  ? 5.555   13.401  2.043   1.00 13.87 ? 88  TYR A CB  1 
ATOM   688  C CG  . TYR A 1 91  ? 6.275   12.563  1.017   1.00 15.96 ? 88  TYR A CG  1 
ATOM   689  C CD1 . TYR A 1 91  ? 6.859   11.346  1.373   1.00 15.38 ? 88  TYR A CD1 1 
ATOM   690  C CD2 . TYR A 1 91  ? 6.368   12.976  -0.317  1.00 15.21 ? 88  TYR A CD2 1 
ATOM   691  C CE1 . TYR A 1 91  ? 7.514   10.562  0.435   1.00 13.79 ? 88  TYR A CE1 1 
ATOM   692  C CE2 . TYR A 1 91  ? 7.023   12.197  -1.264  1.00 15.47 ? 88  TYR A CE2 1 
ATOM   693  C CZ  . TYR A 1 91  ? 7.591   10.991  -0.879  1.00 14.23 ? 88  TYR A CZ  1 
ATOM   694  O OH  . TYR A 1 91  ? 8.236   10.211  -1.798  1.00 16.00 ? 88  TYR A OH  1 
ATOM   695  N N   . ALA A 1 92  ? 8.602   14.912  2.367   1.00 19.63 ? 89  ALA A N   1 
ATOM   696  C CA  . ALA A 1 92  ? 9.512   15.913  1.821   1.00 21.79 ? 89  ALA A CA  1 
ATOM   697  C C   . ALA A 1 92  ? 10.514  15.288  0.853   1.00 22.00 ? 89  ALA A C   1 
ATOM   698  O O   . ALA A 1 92  ? 11.594  15.838  0.634   1.00 22.16 ? 89  ALA A O   1 
ATOM   699  C CB  . ALA A 1 92  ? 10.252  16.608  2.958   1.00 23.27 ? 89  ALA A CB  1 
ATOM   700  N N   . SER A 1 93  A 10.153  14.144  0.274   1.00 21.74 ? 89  SER A N   1 
ATOM   701  C CA  . SER A 1 93  A 11.030  13.443  -0.661  1.00 22.10 ? 89  SER A CA  1 
ATOM   702  C C   . SER A 1 93  A 10.583  13.522  -2.118  1.00 23.08 ? 89  SER A C   1 
ATOM   703  O O   . SER A 1 93  A 11.133  12.824  -2.971  1.00 24.48 ? 89  SER A O   1 
ATOM   704  C CB  . SER A 1 93  A 11.157  11.972  -0.259  1.00 21.28 ? 89  SER A CB  1 
ATOM   705  O OG  . SER A 1 93  A 11.776  11.840  1.006   1.00 20.37 ? 89  SER A OG  1 
ATOM   706  N N   . GLY A 1 94  B 9.611   14.386  -2.404  1.00 23.95 ? 89  GLY A N   1 
ATOM   707  C CA  . GLY A 1 94  B 9.103   14.528  -3.762  1.00 26.52 ? 89  GLY A CA  1 
ATOM   708  C C   . GLY A 1 94  B 10.138  14.903  -4.810  1.00 29.14 ? 89  GLY A C   1 
ATOM   709  O O   . GLY A 1 94  B 9.953   14.634  -5.996  1.00 27.32 ? 89  GLY A O   1 
ATOM   710  N N   . GLU A 1 95  C 11.233  15.516  -4.373  1.00 31.28 ? 89  GLU A N   1 
ATOM   711  C CA  . GLU A 1 95  C 12.296  15.931  -5.278  1.00 33.98 ? 89  GLU A CA  1 
ATOM   712  C C   . GLU A 1 95  C 13.229  14.774  -5.644  1.00 33.77 ? 89  GLU A C   1 
ATOM   713  O O   . GLU A 1 95  C 13.998  14.869  -6.602  1.00 35.59 ? 89  GLU A O   1 
ATOM   714  C CB  . GLU A 1 95  C 13.083  17.084  -4.643  1.00 36.90 ? 89  GLU A CB  1 
ATOM   715  C CG  . GLU A 1 95  C 14.005  17.824  -5.590  1.00 40.89 ? 89  GLU A CG  1 
ATOM   716  C CD  . GLU A 1 95  C 13.278  18.428  -6.781  1.00 44.17 ? 89  GLU A CD  1 
ATOM   717  O OE1 . GLU A 1 95  C 12.145  18.942  -6.617  1.00 42.64 ? 89  GLU A OE1 1 
ATOM   718  O OE2 . GLU A 1 95  C 13.857  18.391  -7.890  1.00 47.11 ? 89  GLU A OE2 1 
ATOM   719  N N   . GLY A 1 96  ? 13.150  13.682  -4.890  1.00 33.41 ? 90  GLY A N   1 
ATOM   720  C CA  . GLY A 1 96  ? 13.993  12.530  -5.158  1.00 33.82 ? 90  GLY A CA  1 
ATOM   721  C C   . GLY A 1 96  ? 15.093  12.328  -4.132  1.00 34.39 ? 90  GLY A C   1 
ATOM   722  O O   . GLY A 1 96  ? 15.910  11.414  -4.264  1.00 33.81 ? 90  GLY A O   1 
ATOM   723  N N   A ILE A 1 97  ? 15.119  13.180  -3.110  0.65 35.42 ? 91  ILE A N   1 
ATOM   724  N N   B ILE A 1 97  ? 15.117  13.181  -3.112  0.35 34.78 ? 91  ILE A N   1 
ATOM   725  C CA  A ILE A 1 97  ? 16.131  13.101  -2.059  0.65 36.58 ? 91  ILE A CA  1 
ATOM   726  C CA  B ILE A 1 97  ? 16.118  13.083  -2.056  0.35 35.52 ? 91  ILE A CA  1 
ATOM   727  C C   A ILE A 1 97  ? 15.479  13.007  -0.683  0.65 36.08 ? 91  ILE A C   1 
ATOM   728  C C   B ILE A 1 97  ? 15.443  12.973  -0.696  0.35 35.60 ? 91  ILE A C   1 
ATOM   729  O O   A ILE A 1 97  ? 14.611  13.811  -0.342  0.65 35.58 ? 91  ILE A O   1 
ATOM   730  O O   B ILE A 1 97  ? 14.499  13.703  -0.392  0.35 35.50 ? 91  ILE A O   1 
ATOM   731  C CB  A ILE A 1 97  ? 17.067  14.335  -2.088  0.65 37.50 ? 91  ILE A CB  1 
ATOM   732  C CB  B ILE A 1 97  ? 17.085  14.299  -2.039  0.35 35.74 ? 91  ILE A CB  1 
ATOM   733  C CG1 A ILE A 1 97  ? 17.776  14.422  -3.441  0.65 37.69 ? 91  ILE A CG1 1 
ATOM   734  C CG1 B ILE A 1 97  ? 16.327  15.593  -1.725  0.35 35.97 ? 91  ILE A CG1 1 
ATOM   735  C CG2 A ILE A 1 97  ? 18.090  14.256  -0.960  0.65 39.44 ? 91  ILE A CG2 1 
ATOM   736  C CG2 B ILE A 1 97  ? 17.820  14.407  -3.365  0.35 35.42 ? 91  ILE A CG2 1 
ATOM   737  C CD1 A ILE A 1 97  ? 18.673  15.627  -3.589  0.65 38.58 ? 91  ILE A CD1 1 
ATOM   738  C CD1 B ILE A 1 97  ? 17.219  16.730  -1.281  0.35 36.95 ? 91  ILE A CD1 1 
ATOM   739  N N   . SER A 1 98  ? 15.918  12.029  0.107   1.00 36.11 ? 92  SER A N   1 
ATOM   740  C CA  . SER A 1 98  ? 15.376  11.818  1.440   1.00 36.13 ? 92  SER A CA  1 
ATOM   741  C C   . SER A 1 98  ? 16.201  12.556  2.486   1.00 34.47 ? 92  SER A C   1 
ATOM   742  O O   . SER A 1 98  ? 17.399  12.308  2.621   1.00 35.21 ? 92  SER A O   1 
ATOM   743  C CB  . SER A 1 98  ? 15.357  10.322  1.763   1.00 38.40 ? 92  SER A CB  1 
ATOM   744  O OG  . SER A 1 98  ? 14.837  10.083  3.061   1.00 43.02 ? 92  SER A OG  1 
ATOM   745  N N   . PRO A 1 99  ? 15.585  13.515  3.202   1.00 33.05 ? 93  PRO A N   1 
ATOM   746  C CA  . PRO A 1 99  ? 16.316  14.259  4.234   1.00 32.53 ? 93  PRO A CA  1 
ATOM   747  C C   . PRO A 1 99  ? 16.644  13.310  5.393   1.00 31.61 ? 93  PRO A C   1 
ATOM   748  O O   . PRO A 1 99  ? 16.031  12.248  5.521   1.00 30.09 ? 93  PRO A O   1 
ATOM   749  C CB  . PRO A 1 99  ? 15.313  15.335  4.651   1.00 33.10 ? 93  PRO A CB  1 
ATOM   750  C CG  . PRO A 1 99  ? 13.987  14.675  4.425   1.00 33.81 ? 93  PRO A CG  1 
ATOM   751  C CD  . PRO A 1 99  ? 14.197  13.997  3.090   1.00 33.05 ? 93  PRO A CD  1 
ATOM   752  N N   . PRO A 1 100 ? 17.641  13.656  6.225   1.00 29.87 ? 94  PRO A N   1 
ATOM   753  C CA  . PRO A 1 100 ? 18.003  12.791  7.352   1.00 27.17 ? 94  PRO A CA  1 
ATOM   754  C C   . PRO A 1 100 ? 16.841  12.453  8.283   1.00 24.79 ? 94  PRO A C   1 
ATOM   755  O O   . PRO A 1 100 ? 15.821  13.144  8.315   1.00 23.34 ? 94  PRO A O   1 
ATOM   756  C CB  . PRO A 1 100 ? 19.073  13.609  8.070   1.00 27.71 ? 94  PRO A CB  1 
ATOM   757  C CG  . PRO A 1 100 ? 19.749  14.314  6.944   1.00 29.74 ? 94  PRO A CG  1 
ATOM   758  C CD  . PRO A 1 100 ? 18.570  14.795  6.128   1.00 30.13 ? 94  PRO A CD  1 
ATOM   759  N N   . CYS A 1 101 ? 17.001  11.362  9.021   1.00 23.41 ? 95  CYS A N   1 
ATOM   760  C CA  . CYS A 1 101 ? 15.997  10.923  9.974   1.00 22.53 ? 95  CYS A CA  1 
ATOM   761  C C   . CYS A 1 101 ? 16.068  11.768  11.242  1.00 22.98 ? 95  CYS A C   1 
ATOM   762  O O   . CYS A 1 101 ? 17.155  12.064  11.742  1.00 22.03 ? 95  CYS A O   1 
ATOM   763  C CB  . CYS A 1 101 ? 16.215  9.451   10.332  1.00 19.65 ? 95  CYS A CB  1 
ATOM   764  S SG  . CYS A 1 101 ? 15.130  8.843   11.661  1.00 17.89 ? 95  CYS A SG  1 
ATOM   765  N N   . THR A 1 102 ? 14.904  12.193  11.721  1.00 23.84 ? 96  THR A N   1 
ATOM   766  C CA  . THR A 1 102 ? 14.802  12.972  12.951  1.00 26.88 ? 96  THR A CA  1 
ATOM   767  C C   . THR A 1 102 ? 14.015  12.097  13.932  1.00 29.01 ? 96  THR A C   1 
ATOM   768  O O   . THR A 1 102 ? 12.907  11.650  13.626  1.00 28.27 ? 96  THR A O   1 
ATOM   769  C CB  . THR A 1 102 ? 14.085  14.329  12.722  1.00 26.25 ? 96  THR A CB  1 
ATOM   770  O OG1 . THR A 1 102 ? 12.864  14.119  12.003  1.00 23.33 ? 96  THR A OG1 1 
ATOM   771  C CG2 . THR A 1 102 ? 14.979  15.281  11.941  1.00 26.04 ? 96  THR A CG2 1 
ATOM   772  N N   . THR A 1 103 ? 14.621  11.804  15.079  1.00 30.82 ? 97  THR A N   1 
ATOM   773  C CA  . THR A 1 103 ? 14.001  10.944  16.089  1.00 31.91 ? 97  THR A CA  1 
ATOM   774  C C   . THR A 1 103 ? 13.090  11.644  17.095  1.00 31.48 ? 97  THR A C   1 
ATOM   775  O O   . THR A 1 103 ? 12.611  11.020  18.043  1.00 33.03 ? 97  THR A O   1 
ATOM   776  C CB  . THR A 1 103 ? 15.066  10.131  16.857  1.00 33.52 ? 97  THR A CB  1 
ATOM   777  O OG1 . THR A 1 103 ? 16.096  11.010  17.330  1.00 33.68 ? 97  THR A OG1 1 
ATOM   778  C CG2 . THR A 1 103 ? 15.678  9.071   15.955  1.00 33.31 ? 97  THR A CG2 1 
ATOM   779  N N   . SER A 1 104 ? 12.847  12.934  16.893  1.00 29.31 ? 98  SER A N   1 
ATOM   780  C CA  . SER A 1 104 ? 11.982  13.676  17.801  1.00 27.58 ? 98  SER A CA  1 
ATOM   781  C C   . SER A 1 104 ? 11.201  14.754  17.065  1.00 25.58 ? 98  SER A C   1 
ATOM   782  O O   . SER A 1 104 ? 11.505  15.079  15.917  1.00 25.60 ? 98  SER A O   1 
ATOM   783  C CB  . SER A 1 104 ? 12.795  14.300  18.940  1.00 25.82 ? 98  SER A CB  1 
ATOM   784  O OG  . SER A 1 104 ? 13.623  15.345  18.471  1.00 25.54 ? 98  SER A OG  1 
ATOM   785  N N   . GLY A 1 105 ? 10.191  15.300  17.734  1.00 23.66 ? 99  GLY A N   1 
ATOM   786  C CA  . GLY A 1 105 ? 9.371   16.329  17.132  1.00 23.68 ? 99  GLY A CA  1 
ATOM   787  C C   . GLY A 1 105 ? 8.230   15.732  16.329  1.00 23.53 ? 99  GLY A C   1 
ATOM   788  O O   . GLY A 1 105 ? 7.667   16.393  15.459  1.00 23.91 ? 99  GLY A O   1 
ATOM   789  N N   . HIS A 1 106 ? 7.899   14.476  16.618  1.00 22.09 ? 100 HIS A N   1 
ATOM   790  C CA  . HIS A 1 106 ? 6.819   13.777  15.928  1.00 20.69 ? 100 HIS A CA  1 
ATOM   791  C C   . HIS A 1 106 ? 5.805   13.253  16.929  1.00 21.55 ? 100 HIS A C   1 
ATOM   792  O O   . HIS A 1 106 ? 6.047   13.259  18.135  1.00 22.30 ? 100 HIS A O   1 
ATOM   793  C CB  . HIS A 1 106 ? 7.372   12.609  15.112  1.00 19.76 ? 100 HIS A CB  1 
ATOM   794  C CG  . HIS A 1 106 ? 8.513   12.988  14.225  1.00 19.58 ? 100 HIS A CG  1 
ATOM   795  N ND1 . HIS A 1 106 ? 8.457   14.061  13.362  1.00 18.79 ? 100 HIS A ND1 1 
ATOM   796  C CD2 . HIS A 1 106 ? 9.758   12.477  14.110  1.00 17.00 ? 100 HIS A CD2 1 
ATOM   797  C CE1 . HIS A 1 106 ? 9.623   14.198  12.758  1.00 18.30 ? 100 HIS A CE1 1 
ATOM   798  N NE2 . HIS A 1 106 ? 10.430  13.250  13.193  1.00 17.27 ? 100 HIS A NE2 1 
ATOM   799  N N   . THR A 1 107 ? 4.668   12.799  16.419  1.00 20.41 ? 101 THR A N   1 
ATOM   800  C CA  . THR A 1 107 ? 3.609   12.266  17.257  1.00 20.72 ? 101 THR A CA  1 
ATOM   801  C C   . THR A 1 107 ? 3.239   10.879  16.752  1.00 20.14 ? 101 THR A C   1 
ATOM   802  O O   . THR A 1 107 ? 3.126   10.662  15.545  1.00 17.99 ? 101 THR A O   1 
ATOM   803  C CB  . THR A 1 107 ? 2.352   13.157  17.203  1.00 23.03 ? 101 THR A CB  1 
ATOM   804  O OG1 . THR A 1 107 ? 2.705   14.511  17.511  1.00 24.66 ? 101 THR A OG1 1 
ATOM   805  C CG2 . THR A 1 107 ? 1.319   12.675  18.204  1.00 24.12 ? 101 THR A CG2 1 
ATOM   806  N N   . VAL A 1 108 ? 3.075   9.939   17.678  1.00 18.92 ? 102 VAL A N   1 
ATOM   807  C CA  . VAL A 1 108 ? 2.709   8.573   17.323  1.00 18.04 ? 102 VAL A CA  1 
ATOM   808  C C   . VAL A 1 108 ? 1.231   8.532   16.949  1.00 17.45 ? 102 VAL A C   1 
ATOM   809  O O   . VAL A 1 108 ? 0.373   8.907   17.744  1.00 18.95 ? 102 VAL A O   1 
ATOM   810  C CB  . VAL A 1 108 ? 2.979   7.595   18.494  1.00 19.48 ? 102 VAL A CB  1 
ATOM   811  C CG1 . VAL A 1 108 ? 2.532   6.183   18.122  1.00 19.88 ? 102 VAL A CG1 1 
ATOM   812  C CG2 . VAL A 1 108 ? 4.462   7.599   18.852  1.00 18.28 ? 102 VAL A CG2 1 
ATOM   813  N N   . GLY A 1 109 ? 0.945   8.120   15.718  1.00 16.55 ? 103 GLY A N   1 
ATOM   814  C CA  . GLY A 1 109 ? -0.431  8.035   15.266  1.00 17.03 ? 103 GLY A CA  1 
ATOM   815  C C   . GLY A 1 109 ? -1.000  6.629   15.305  1.00 17.64 ? 103 GLY A C   1 
ATOM   816  O O   . GLY A 1 109 ? -2.216  6.450   15.378  1.00 19.71 ? 103 GLY A O   1 
ATOM   817  N N   . ALA A 1 110 ? -0.123  5.630   15.265  1.00 15.25 ? 105 ALA A N   1 
ATOM   818  C CA  . ALA A 1 110 ? -0.546  4.234   15.284  1.00 13.90 ? 105 ALA A CA  1 
ATOM   819  C C   . ALA A 1 110 ? 0.595   3.324   15.712  1.00 14.34 ? 105 ALA A C   1 
ATOM   820  O O   . ALA A 1 110 ? 1.763   3.722   15.695  1.00 14.73 ? 105 ALA A O   1 
ATOM   821  C CB  . ALA A 1 110 ? -1.035  3.819   13.898  1.00 13.72 ? 105 ALA A CB  1 
ATOM   822  N N   . THR A 1 111 ? 0.247   2.095   16.085  1.00 13.90 ? 106 THR A N   1 
ATOM   823  C CA  . THR A 1 111 ? 1.231   1.097   16.488  1.00 14.01 ? 106 THR A CA  1 
ATOM   824  C C   . THR A 1 111 ? 0.846   -0.268  15.926  1.00 14.07 ? 106 THR A C   1 
ATOM   825  O O   . THR A 1 111 ? -0.340  -0.575  15.776  1.00 14.34 ? 106 THR A O   1 
ATOM   826  C CB  . THR A 1 111 ? 1.345   0.960   18.033  1.00 15.23 ? 106 THR A CB  1 
ATOM   827  O OG1 . THR A 1 111 ? 0.086   0.550   18.575  1.00 16.54 ? 106 THR A OG1 1 
ATOM   828  C CG2 . THR A 1 111 ? 1.763   2.276   18.668  1.00 14.71 ? 106 THR A CG2 1 
ATOM   829  N N   . ILE A 1 112 ? 1.854   -1.065  15.589  1.00 12.40 ? 107 ILE A N   1 
ATOM   830  C CA  . ILE A 1 112 ? 1.639   -2.410  15.071  1.00 12.69 ? 107 ILE A CA  1 
ATOM   831  C C   . ILE A 1 112 ? 2.490   -3.385  15.882  1.00 12.60 ? 107 ILE A C   1 
ATOM   832  O O   . ILE A 1 112 ? 3.516   -3.006  16.451  1.00 12.56 ? 107 ILE A O   1 
ATOM   833  C CB  . ILE A 1 112 ? 1.985   -2.528  13.561  1.00 13.59 ? 107 ILE A CB  1 
ATOM   834  C CG1 . ILE A 1 112 ? 3.478   -2.288  13.323  1.00 13.97 ? 107 ILE A CG1 1 
ATOM   835  C CG2 . ILE A 1 112 ? 1.145   -1.543  12.747  1.00 13.29 ? 107 ILE A CG2 1 
ATOM   836  C CD1 . ILE A 1 112 ? 3.948   -2.708  11.937  1.00 18.90 ? 107 ILE A CD1 1 
ATOM   837  N N   . THR A 1 113 ? 2.044   -4.633  15.948  1.00 12.51 ? 108 THR A N   1 
ATOM   838  C CA  . THR A 1 113 ? 2.743   -5.663  16.704  1.00 14.10 ? 108 THR A CA  1 
ATOM   839  C C   . THR A 1 113 ? 3.498   -6.659  15.827  1.00 14.22 ? 108 THR A C   1 
ATOM   840  O O   . THR A 1 113 ? 4.384   -7.374  16.301  1.00 15.34 ? 108 THR A O   1 
ATOM   841  C CB  . THR A 1 113 ? 1.770   -6.419  17.622  1.00 13.46 ? 108 THR A CB  1 
ATOM   842  O OG1 . THR A 1 113 ? 0.709   -6.970  16.840  1.00 16.45 ? 108 THR A OG1 1 
ATOM   843  C CG2 . THR A 1 113 ? 1.179   -5.472  18.648  1.00 17.62 ? 108 THR A CG2 1 
ATOM   844  N N   . GLY A 1 114 ? 3.157   -6.701  14.544  1.00 12.68 ? 109 GLY A N   1 
ATOM   845  C CA  . GLY A 1 114 ? 3.834   -7.614  13.642  1.00 13.01 ? 109 GLY A CA  1 
ATOM   846  C C   . GLY A 1 114 ? 3.229   -7.561  12.254  1.00 13.32 ? 109 GLY A C   1 
ATOM   847  O O   . GLY A 1 114 ? 2.616   -6.565  11.877  1.00 11.92 ? 109 GLY A O   1 
ATOM   848  N N   . HIS A 1 115 ? 3.434   -8.619  11.481  1.00 13.46 ? 110 HIS A N   1 
ATOM   849  C CA  . HIS A 1 115 ? 2.874   -8.680  10.140  1.00 12.44 ? 110 HIS A CA  1 
ATOM   850  C C   . HIS A 1 115 ? 2.747   -10.127 9.693   1.00 12.19 ? 110 HIS A C   1 
ATOM   851  O O   . HIS A 1 115 ? 3.424   -11.017 10.217  1.00 11.44 ? 110 HIS A O   1 
ATOM   852  C CB  . HIS A 1 115 ? 3.736   -7.887  9.151   1.00 11.94 ? 110 HIS A CB  1 
ATOM   853  C CG  . HIS A 1 115 ? 4.920   -8.644  8.629   1.00 14.29 ? 110 HIS A CG  1 
ATOM   854  N ND1 . HIS A 1 115 ? 6.082   -8.802  9.355   1.00 15.44 ? 110 HIS A ND1 1 
ATOM   855  C CD2 . HIS A 1 115 ? 5.111   -9.295  7.460   1.00 14.83 ? 110 HIS A CD2 1 
ATOM   856  C CE1 . HIS A 1 115 ? 6.938   -9.523  8.653   1.00 16.25 ? 110 HIS A CE1 1 
ATOM   857  N NE2 . HIS A 1 115 ? 6.376   -9.836  7.500   1.00 15.87 ? 110 HIS A NE2 1 
ATOM   858  N N   . VAL A 1 116 ? 1.830   -10.361 8.765   1.00 11.33 ? 111 VAL A N   1 
ATOM   859  C CA  . VAL A 1 116 ? 1.618   -11.691 8.211   1.00 12.21 ? 111 VAL A CA  1 
ATOM   860  C C   . VAL A 1 116 ? 1.838   -11.640 6.706   1.00 12.14 ? 111 VAL A C   1 
ATOM   861  O O   . VAL A 1 116 ? 1.603   -10.613 6.066   1.00 10.86 ? 111 VAL A O   1 
ATOM   862  C CB  . VAL A 1 116 ? 0.186   -12.231 8.495   1.00 13.62 ? 111 VAL A CB  1 
ATOM   863  C CG1 . VAL A 1 116 ? 0.006   -12.505 9.980   1.00 14.97 ? 111 VAL A CG1 1 
ATOM   864  C CG2 . VAL A 1 116 ? -0.866  -11.249 7.998   1.00 13.73 ? 111 VAL A CG2 1 
ATOM   865  N N   . GLU A 1 117 ? 2.370   -12.727 6.166   1.00 11.19 ? 112 GLU A N   1 
ATOM   866  C CA  . GLU A 1 117 ? 2.603   -12.830 4.737   1.00 13.02 ? 112 GLU A CA  1 
ATOM   867  C C   . GLU A 1 117 ? 1.539   -13.787 4.217   1.00 13.20 ? 112 GLU A C   1 
ATOM   868  O O   . GLU A 1 117 ? 1.391   -14.907 4.713   1.00 14.93 ? 112 GLU A O   1 
ATOM   869  C CB  . GLU A 1 117 ? 4.029   -13.315 4.463   1.00 15.43 ? 112 GLU A CB  1 
ATOM   870  C CG  . GLU A 1 117 ? 5.061   -12.224 4.767   1.00 19.90 ? 112 GLU A CG  1 
ATOM   871  C CD  . GLU A 1 117 ? 6.502   -12.708 4.798   1.00 22.50 ? 112 GLU A CD  1 
ATOM   872  O OE1 . GLU A 1 117 ? 7.315   -12.068 5.505   1.00 24.69 ? 112 GLU A OE1 1 
ATOM   873  O OE2 . GLU A 1 117 ? 6.831   -13.704 4.120   1.00 24.94 ? 112 GLU A OE2 1 
ATOM   874  N N   . LEU A 1 118 ? 0.735   -13.289 3.283   1.00 12.46 ? 113 LEU A N   1 
ATOM   875  C CA  . LEU A 1 118 ? -0.363  -14.051 2.711   1.00 12.89 ? 113 LEU A CA  1 
ATOM   876  C C   . LEU A 1 118 ? 0.052   -15.028 1.614   1.00 13.73 ? 113 LEU A C   1 
ATOM   877  O O   . LEU A 1 118 ? 1.103   -14.869 0.986   1.00 11.67 ? 113 LEU A O   1 
ATOM   878  C CB  . LEU A 1 118 ? -1.444  -13.095 2.187   1.00 14.54 ? 113 LEU A CB  1 
ATOM   879  C CG  . LEU A 1 118 ? -1.979  -12.026 3.152   1.00 18.85 ? 113 LEU A CG  1 
ATOM   880  C CD1 . LEU A 1 118 ? -3.200  -11.353 2.543   1.00 19.08 ? 113 LEU A CD1 1 
ATOM   881  C CD2 . LEU A 1 118 ? -2.339  -12.644 4.491   1.00 20.16 ? 113 LEU A CD2 1 
ATOM   882  N N   . PRO A 1 119 ? -0.764  -16.078 1.396   1.00 14.38 ? 114 PRO A N   1 
ATOM   883  C CA  . PRO A 1 119 ? -0.513  -17.103 0.382   1.00 14.89 ? 114 PRO A CA  1 
ATOM   884  C C   . PRO A 1 119 ? -0.486  -16.489 -1.010  1.00 15.21 ? 114 PRO A C   1 
ATOM   885  O O   . PRO A 1 119 ? -1.135  -15.469 -1.263  1.00 13.14 ? 114 PRO A O   1 
ATOM   886  C CB  . PRO A 1 119 ? -1.721  -18.026 0.530   1.00 15.34 ? 114 PRO A CB  1 
ATOM   887  C CG  . PRO A 1 119 ? -2.089  -17.881 1.966   1.00 17.81 ? 114 PRO A CG  1 
ATOM   888  C CD  . PRO A 1 119 ? -1.982  -16.401 2.160   1.00 15.63 ? 114 PRO A CD  1 
ATOM   889  N N   . GLN A 1 120 ? 0.283   -17.103 -1.901  1.00 14.61 ? 115 GLN A N   1 
ATOM   890  C CA  . GLN A 1 120 ? 0.380   -16.630 -3.274  1.00 15.49 ? 115 GLN A CA  1 
ATOM   891  C C   . GLN A 1 120 ? -0.794  -17.234 -4.035  1.00 14.74 ? 115 GLN A C   1 
ATOM   892  O O   . GLN A 1 120 ? -0.624  -18.084 -4.910  1.00 13.84 ? 115 GLN A O   1 
ATOM   893  C CB  . GLN A 1 120 ? 1.721   -17.051 -3.882  1.00 15.98 ? 115 GLN A CB  1 
ATOM   894  C CG  . GLN A 1 120 ? 2.913   -16.470 -3.142  1.00 19.64 ? 115 GLN A CG  1 
ATOM   895  C CD  . GLN A 1 120 ? 4.224   -17.050 -3.609  1.00 22.50 ? 115 GLN A CD  1 
ATOM   896  O OE1 . GLN A 1 120 ? 4.428   -18.264 -3.564  1.00 26.47 ? 115 GLN A OE1 1 
ATOM   897  N NE2 . GLN A 1 120 ? 5.127   -16.188 -4.056  1.00 22.68 ? 115 GLN A NE2 1 
ATOM   898  N N   . ASP A 1 121 ? -1.991  -16.789 -3.669  1.00 12.73 ? 116 ASP A N   1 
ATOM   899  C CA  . ASP A 1 121 ? -3.225  -17.271 -4.265  1.00 14.96 ? 116 ASP A CA  1 
ATOM   900  C C   . ASP A 1 121 ? -4.246  -16.149 -4.152  1.00 15.66 ? 116 ASP A C   1 
ATOM   901  O O   . ASP A 1 121 ? -4.564  -15.706 -3.049  1.00 14.33 ? 116 ASP A O   1 
ATOM   902  C CB  . ASP A 1 121 ? -3.706  -18.505 -3.498  1.00 16.96 ? 116 ASP A CB  1 
ATOM   903  C CG  . ASP A 1 121 ? -4.924  -19.152 -4.126  1.00 20.84 ? 116 ASP A CG  1 
ATOM   904  O OD1 . ASP A 1 121 ? -6.028  -18.579 -4.039  1.00 19.87 ? 116 ASP A OD1 1 
ATOM   905  O OD2 . ASP A 1 121 ? -4.781  -20.253 -4.694  1.00 26.98 ? 116 ASP A OD2 1 
ATOM   906  N N   . GLU A 1 122 ? -4.759  -15.698 -5.295  1.00 13.00 ? 117 GLU A N   1 
ATOM   907  C CA  . GLU A 1 122 ? -5.739  -14.614 -5.326  1.00 13.27 ? 117 GLU A CA  1 
ATOM   908  C C   . GLU A 1 122 ? -7.030  -14.868 -4.564  1.00 13.32 ? 117 GLU A C   1 
ATOM   909  O O   . GLU A 1 122 ? -7.567  -13.950 -3.951  1.00 14.50 ? 117 GLU A O   1 
ATOM   910  C CB  . GLU A 1 122 ? -6.073  -14.236 -6.763  1.00 13.24 ? 117 GLU A CB  1 
ATOM   911  C CG  . GLU A 1 122 ? -4.934  -13.577 -7.489  1.00 12.62 ? 117 GLU A CG  1 
ATOM   912  C CD  . GLU A 1 122 ? -5.289  -13.277 -8.913  1.00 12.94 ? 117 GLU A CD  1 
ATOM   913  O OE1 . GLU A 1 122 ? -5.815  -12.179 -9.179  1.00 12.43 ? 117 GLU A OE1 1 
ATOM   914  O OE2 . GLU A 1 122 ? -5.068  -14.157 -9.762  1.00 16.37 ? 117 GLU A OE2 1 
ATOM   915  N N   . ALA A 1 123 ? -7.545  -16.094 -4.628  1.00 12.33 ? 118 ALA A N   1 
ATOM   916  C CA  . ALA A 1 123 ? -8.779  -16.434 -3.926  1.00 13.01 ? 118 ALA A CA  1 
ATOM   917  C C   . ALA A 1 123 ? -8.548  -16.344 -2.424  1.00 11.87 ? 118 ALA A C   1 
ATOM   918  O O   . ALA A 1 123 ? -9.396  -15.851 -1.686  1.00 12.83 ? 118 ALA A O   1 
ATOM   919  C CB  . ALA A 1 123 ? -9.247  -17.833 -4.303  1.00 13.54 ? 118 ALA A CB  1 
ATOM   920  N N   . GLN A 1 124 ? -7.381  -16.808 -1.989  1.00 12.28 ? 119 GLN A N   1 
ATOM   921  C CA  . GLN A 1 124 ? -7.027  -16.782 -0.578  1.00 13.95 ? 119 GLN A CA  1 
ATOM   922  C C   . GLN A 1 124 ? -6.755  -15.352 -0.107  1.00 13.63 ? 119 GLN A C   1 
ATOM   923  O O   . GLN A 1 124 ? -7.129  -14.980 1.006   1.00 12.87 ? 119 GLN A O   1 
ATOM   924  C CB  . GLN A 1 124 ? -5.837  -17.703 -0.322  1.00 14.47 ? 119 GLN A CB  1 
ATOM   925  C CG  . GLN A 1 124 ? -6.165  -19.156 -0.639  1.00 19.13 ? 119 GLN A CG  1 
ATOM   926  C CD  . GLN A 1 124 ? -5.003  -20.104 -0.424  1.00 23.20 ? 119 GLN A CD  1 
ATOM   927  O OE1 . GLN A 1 124 ? -4.176  -19.909 0.466   1.00 24.74 ? 119 GLN A OE1 1 
ATOM   928  N NE2 . GLN A 1 124 ? -4.950  -21.155 -1.233  1.00 23.67 ? 119 GLN A NE2 1 
ATOM   929  N N   . ILE A 1 125 ? -6.144  -14.540 -0.965  1.00 11.35 ? 120 ILE A N   1 
ATOM   930  C CA  . ILE A 1 125 ? -5.874  -13.147 -0.621  1.00 10.77 ? 120 ILE A CA  1 
ATOM   931  C C   . ILE A 1 125 ? -7.208  -12.409 -0.490  1.00 10.59 ? 120 ILE A C   1 
ATOM   932  O O   . ILE A 1 125 ? -7.404  -11.636 0.446   1.00 12.58 ? 120 ILE A O   1 
ATOM   933  C CB  . ILE A 1 125 ? -4.997  -12.448 -1.692  1.00 9.48  ? 120 ILE A CB  1 
ATOM   934  C CG1 . ILE A 1 125 ? -3.591  -13.055 -1.702  1.00 10.24 ? 120 ILE A CG1 1 
ATOM   935  C CG2 . ILE A 1 125 ? -4.941  -10.942 -1.439  1.00 9.23  ? 120 ILE A CG2 1 
ATOM   936  C CD1 . ILE A 1 125 ? -2.714  -12.559 -2.848  1.00 9.55  ? 120 ILE A CD1 1 
ATOM   937  N N   . ALA A 1 126 ? -8.134  -12.688 -1.406  1.00 10.00 ? 121 ALA A N   1 
ATOM   938  C CA  . ALA A 1 126 ? -9.446  -12.051 -1.395  1.00 10.04 ? 121 ALA A CA  1 
ATOM   939  C C   . ALA A 1 126 ? -10.203 -12.395 -0.116  1.00 9.12  ? 121 ALA A C   1 
ATOM   940  O O   . ALA A 1 126 ? -10.827 -11.528 0.494   1.00 10.93 ? 121 ALA A O   1 
ATOM   941  C CB  . ALA A 1 126 ? -10.252 -12.475 -2.615  1.00 11.21 ? 121 ALA A CB  1 
ATOM   942  N N   . ALA A 1 127 ? -10.126 -13.659 0.295   1.00 10.35 ? 122 ALA A N   1 
ATOM   943  C CA  . ALA A 1 127 ? -10.804 -14.115 1.509   1.00 12.05 ? 122 ALA A CA  1 
ATOM   944  C C   . ALA A 1 127 ? -10.291 -13.380 2.755   1.00 11.41 ? 122 ALA A C   1 
ATOM   945  O O   . ALA A 1 127 ? -11.073 -12.972 3.617   1.00 12.41 ? 122 ALA A O   1 
ATOM   946  C CB  . ALA A 1 127 ? -10.634 -15.628 1.676   1.00 11.34 ? 122 ALA A CB  1 
ATOM   947  N N   . TRP A 1 128 ? -8.975  -13.203 2.831   1.00 9.37  ? 123 TRP A N   1 
ATOM   948  C CA  . TRP A 1 128 ? -8.352  -12.523 3.962   1.00 9.99  ? 123 TRP A CA  1 
ATOM   949  C C   . TRP A 1 128 ? -8.727  -11.045 3.959   1.00 10.12 ? 123 TRP A C   1 
ATOM   950  O O   . TRP A 1 128 ? -9.089  -10.488 4.992   1.00 8.82  ? 123 TRP A O   1 
ATOM   951  C CB  . TRP A 1 128 ? -6.833  -12.681 3.893   1.00 10.01 ? 123 TRP A CB  1 
ATOM   952  C CG  . TRP A 1 128 ? -6.122  -12.391 5.174   1.00 10.53 ? 123 TRP A CG  1 
ATOM   953  C CD1 . TRP A 1 128 ? -5.733  -13.299 6.117   1.00 11.38 ? 123 TRP A CD1 1 
ATOM   954  C CD2 . TRP A 1 128 ? -5.681  -11.112 5.645   1.00 10.85 ? 123 TRP A CD2 1 
ATOM   955  N NE1 . TRP A 1 128 ? -5.075  -12.667 7.140   1.00 11.25 ? 123 TRP A NE1 1 
ATOM   956  C CE2 . TRP A 1 128 ? -5.024  -11.325 6.876   1.00 12.12 ? 123 TRP A CE2 1 
ATOM   957  C CE3 . TRP A 1 128 ? -5.771  -9.806  5.142   1.00 9.66  ? 123 TRP A CE3 1 
ATOM   958  C CZ2 . TRP A 1 128 ? -4.461  -10.278 7.619   1.00 12.42 ? 123 TRP A CZ2 1 
ATOM   959  C CZ3 . TRP A 1 128 ? -5.212  -8.765  5.878   1.00 12.27 ? 123 TRP A CZ3 1 
ATOM   960  C CH2 . TRP A 1 128 ? -4.563  -9.010  7.105   1.00 13.61 ? 123 TRP A CH2 1 
ATOM   961  N N   . LEU A 1 129 ? -8.655  -10.421 2.785   1.00 9.62  ? 124 LEU A N   1 
ATOM   962  C CA  . LEU A 1 129 ? -8.990  -9.005  2.635   1.00 9.80  ? 124 LEU A CA  1 
ATOM   963  C C   . LEU A 1 129 ? -10.448 -8.701  3.002   1.00 10.74 ? 124 LEU A C   1 
ATOM   964  O O   . LEU A 1 129 ? -10.739 -7.659  3.592   1.00 9.40  ? 124 LEU A O   1 
ATOM   965  C CB  . LEU A 1 129 ? -8.695  -8.539  1.200   1.00 12.10 ? 124 LEU A CB  1 
ATOM   966  C CG  . LEU A 1 129 ? -9.122  -7.120  0.789   1.00 12.11 ? 124 LEU A CG  1 
ATOM   967  C CD1 . LEU A 1 129 ? -8.141  -6.547  -0.209  1.00 13.04 ? 124 LEU A CD1 1 
ATOM   968  C CD2 . LEU A 1 129 ? -10.538 -7.108  0.221   1.00 12.43 ? 124 LEU A CD2 1 
ATOM   969  N N   . ALA A 1 130 ? -11.348 -9.622  2.661   1.00 9.58  ? 125 ALA A N   1 
ATOM   970  C CA  . ALA A 1 130 ? -12.777 -9.467  2.931   1.00 10.67 ? 125 ALA A CA  1 
ATOM   971  C C   . ALA A 1 130 ? -13.093 -9.318  4.415   1.00 11.42 ? 125 ALA A C   1 
ATOM   972  O O   . ALA A 1 130 ? -14.007 -8.585  4.793   1.00 13.92 ? 125 ALA A O   1 
ATOM   973  C CB  . ALA A 1 130 ? -13.549 -10.648 2.353   1.00 11.08 ? 125 ALA A CB  1 
ATOM   974  N N   . VAL A 1 131 ? -12.317 -9.996  5.251   1.00 10.23 ? 126 VAL A N   1 
ATOM   975  C CA  . VAL A 1 131 ? -12.531 -9.965  6.689   1.00 11.04 ? 126 VAL A CA  1 
ATOM   976  C C   . VAL A 1 131 ? -11.574 -9.037  7.438   1.00 11.52 ? 126 VAL A C   1 
ATOM   977  O O   . VAL A 1 131 ? -12.002 -8.247  8.281   1.00 11.66 ? 126 VAL A O   1 
ATOM   978  C CB  . VAL A 1 131 ? -12.424 -11.400 7.276   1.00 12.50 ? 126 VAL A CB  1 
ATOM   979  C CG1 . VAL A 1 131 ? -12.510 -11.374 8.799   1.00 14.88 ? 126 VAL A CG1 1 
ATOM   980  C CG2 . VAL A 1 131 ? -13.524 -12.282 6.704   1.00 14.28 ? 126 VAL A CG2 1 
ATOM   981  N N   . ASN A 1 132 ? -10.293 -9.099  7.088   1.00 11.05 ? 127 ASN A N   1 
ATOM   982  C CA  . ASN A 1 132 ? -9.264  -8.318  7.770   1.00 10.43 ? 127 ASN A CA  1 
ATOM   983  C C   . ASN A 1 132 ? -8.865  -6.963  7.194   1.00 11.40 ? 127 ASN A C   1 
ATOM   984  O O   . ASN A 1 132 ? -8.136  -6.210  7.845   1.00 12.58 ? 127 ASN A O   1 
ATOM   985  C CB  . ASN A 1 132 ? -8.029  -9.189  7.978   1.00 10.20 ? 127 ASN A CB  1 
ATOM   986  C CG  . ASN A 1 132 ? -8.375  -10.539 8.569   1.00 11.57 ? 127 ASN A CG  1 
ATOM   987  O OD1 . ASN A 1 132 ? -8.243  -11.572 7.912   1.00 14.90 ? 127 ASN A OD1 1 
ATOM   988  N ND2 . ASN A 1 132 ? -8.861  -10.535 9.801   1.00 8.44  ? 127 ASN A ND2 1 
ATOM   989  N N   . GLY A 1 133 ? -9.310  -6.656  5.980   1.00 10.71 ? 128 GLY A N   1 
ATOM   990  C CA  . GLY A 1 133 ? -8.995  -5.359  5.402   1.00 8.33  ? 128 GLY A CA  1 
ATOM   991  C C   . GLY A 1 133 ? -7.922  -5.299  4.334   1.00 7.67  ? 128 GLY A C   1 
ATOM   992  O O   . GLY A 1 133 ? -7.355  -6.325  3.957   1.00 8.96  ? 128 GLY A O   1 
ATOM   993  N N   . PRO A 1 134 ? -7.606  -4.087  3.845   1.00 8.13  ? 129 PRO A N   1 
ATOM   994  C CA  . PRO A 1 134 ? -6.607  -3.815  2.811   1.00 9.44  ? 129 PRO A CA  1 
ATOM   995  C C   . PRO A 1 134 ? -5.267  -4.505  3.040   1.00 11.19 ? 129 PRO A C   1 
ATOM   996  O O   . PRO A 1 134 ? -4.769  -4.581  4.165   1.00 11.93 ? 129 PRO A O   1 
ATOM   997  C CB  . PRO A 1 134 ? -6.499  -2.293  2.838   1.00 9.01  ? 129 PRO A CB  1 
ATOM   998  C CG  . PRO A 1 134 ? -7.894  -1.889  3.140   1.00 8.46  ? 129 PRO A CG  1 
ATOM   999  C CD  . PRO A 1 134 ? -8.246  -2.832  4.276   1.00 8.07  ? 129 PRO A CD  1 
ATOM   1000 N N   . VAL A 1 135 ? -4.694  -4.986  1.942   1.00 10.66 ? 130 VAL A N   1 
ATOM   1001 C CA  . VAL A 1 135 ? -3.437  -5.728  1.948   1.00 10.65 ? 130 VAL A CA  1 
ATOM   1002 C C   . VAL A 1 135 ? -2.383  -5.052  1.073   1.00 10.00 ? 130 VAL A C   1 
ATOM   1003 O O   . VAL A 1 135 ? -2.699  -4.519  0.011   1.00 9.15  ? 130 VAL A O   1 
ATOM   1004 C CB  . VAL A 1 135 ? -3.693  -7.172  1.401   1.00 11.27 ? 130 VAL A CB  1 
ATOM   1005 C CG1 . VAL A 1 135 ? -2.394  -7.931  1.174   1.00 11.67 ? 130 VAL A CG1 1 
ATOM   1006 C CG2 . VAL A 1 135 ? -4.599  -7.946  2.360   1.00 12.83 ? 130 VAL A CG2 1 
ATOM   1007 N N   . ALA A 1 136 ? -1.137  -5.049  1.541   1.00 8.09  ? 131 ALA A N   1 
ATOM   1008 C CA  . ALA A 1 136 ? -0.026  -4.484  0.775   1.00 7.00  ? 131 ALA A CA  1 
ATOM   1009 C C   . ALA A 1 136 ? 0.410   -5.556  -0.216  1.00 8.32  ? 131 ALA A C   1 
ATOM   1010 O O   . ALA A 1 136 ? 0.574   -6.716  0.156   1.00 9.24  ? 131 ALA A O   1 
ATOM   1011 C CB  . ALA A 1 136 ? 1.137   -4.133  1.697   1.00 5.93  ? 131 ALA A CB  1 
ATOM   1012 N N   . VAL A 1 137 ? 0.563   -5.183  -1.482  1.00 9.26  ? 132 VAL A N   1 
ATOM   1013 C CA  . VAL A 1 137 ? 0.991   -6.134  -2.510  1.00 8.87  ? 132 VAL A CA  1 
ATOM   1014 C C   . VAL A 1 137 ? 2.020   -5.512  -3.439  1.00 8.42  ? 132 VAL A C   1 
ATOM   1015 O O   . VAL A 1 137 ? 2.103   -4.289  -3.562  1.00 8.88  ? 132 VAL A O   1 
ATOM   1016 C CB  . VAL A 1 137 ? -0.199  -6.646  -3.393  1.00 10.47 ? 132 VAL A CB  1 
ATOM   1017 C CG1 . VAL A 1 137 ? -1.197  -7.440  -2.560  1.00 9.37  ? 132 VAL A CG1 1 
ATOM   1018 C CG2 . VAL A 1 137 ? -0.889  -5.481  -4.102  1.00 10.69 ? 132 VAL A CG2 1 
ATOM   1019 N N   . ALA A 1 138 ? 2.836   -6.370  -4.042  1.00 9.17  ? 133 ALA A N   1 
ATOM   1020 C CA  . ALA A 1 138 ? 3.844   -5.950  -5.006  1.00 9.09  ? 133 ALA A CA  1 
ATOM   1021 C C   . ALA A 1 138 ? 3.286   -6.344  -6.371  1.00 10.49 ? 133 ALA A C   1 
ATOM   1022 O O   . ALA A 1 138 ? 2.581   -7.347  -6.493  1.00 11.43 ? 133 ALA A O   1 
ATOM   1023 C CB  . ALA A 1 138 ? 5.164   -6.668  -4.749  1.00 8.92  ? 133 ALA A CB  1 
ATOM   1024 N N   . VAL A 1 139 ? 3.558   -5.533  -7.385  1.00 8.99  ? 134 VAL A N   1 
ATOM   1025 C CA  . VAL A 1 139 ? 3.082   -5.820  -8.737  1.00 10.84 ? 134 VAL A CA  1 
ATOM   1026 C C   . VAL A 1 139 ? 4.121   -5.388  -9.759  1.00 11.85 ? 134 VAL A C   1 
ATOM   1027 O O   . VAL A 1 139 ? 5.111   -4.735  -9.417  1.00 10.28 ? 134 VAL A O   1 
ATOM   1028 C CB  . VAL A 1 139 ? 1.769   -5.039  -9.085  1.00 9.63  ? 134 VAL A CB  1 
ATOM   1029 C CG1 . VAL A 1 139 ? 0.633   -5.452  -8.177  1.00 9.52  ? 134 VAL A CG1 1 
ATOM   1030 C CG2 . VAL A 1 139 ? 2.003   -3.522  -9.016  1.00 9.77  ? 134 VAL A CG2 1 
ATOM   1031 N N   . ASP A 1 140 ? 3.906   -5.802  -11.004 1.00 11.61 ? 135 ASP A N   1 
ATOM   1032 C CA  . ASP A 1 140 ? 4.761   -5.389  -12.095 1.00 11.37 ? 135 ASP A CA  1 
ATOM   1033 C C   . ASP A 1 140 ? 3.996   -4.186  -12.636 1.00 11.94 ? 135 ASP A C   1 
ATOM   1034 O O   . ASP A 1 140 ? 2.876   -4.333  -13.130 1.00 13.65 ? 135 ASP A O   1 
ATOM   1035 C CB  . ASP A 1 140 ? 4.857   -6.475  -13.169 1.00 12.81 ? 135 ASP A CB  1 
ATOM   1036 C CG  . ASP A 1 140 ? 5.781   -6.084  -14.315 1.00 12.74 ? 135 ASP A CG  1 
ATOM   1037 O OD1 . ASP A 1 140 ? 6.300   -6.984  -14.999 1.00 14.61 ? 135 ASP A OD1 1 
ATOM   1038 O OD2 . ASP A 1 140 ? 6.009   -4.878  -14.529 1.00 13.10 ? 135 ASP A OD2 1 
ATOM   1039 N N   . ALA A 1 141 ? 4.580   -2.998  -12.506 1.00 13.07 ? 136 ALA A N   1 
ATOM   1040 C CA  . ALA A 1 141 ? 3.938   -1.773  -12.970 1.00 14.56 ? 136 ALA A CA  1 
ATOM   1041 C C   . ALA A 1 141 ? 4.453   -1.250  -14.316 1.00 16.21 ? 136 ALA A C   1 
ATOM   1042 O O   . ALA A 1 141 ? 4.352   -0.055  -14.602 1.00 17.38 ? 136 ALA A O   1 
ATOM   1043 C CB  . ALA A 1 141 ? 4.053   -0.693  -11.908 1.00 15.76 ? 136 ALA A CB  1 
ATOM   1044 N N   . SER A 1 142 ? 4.982   -2.145  -15.144 1.00 18.91 ? 139 SER A N   1 
ATOM   1045 C CA  . SER A 1 142 ? 5.495   -1.780  -16.467 1.00 22.49 ? 139 SER A CA  1 
ATOM   1046 C C   . SER A 1 142 ? 4.411   -1.172  -17.355 1.00 22.13 ? 139 SER A C   1 
ATOM   1047 O O   . SER A 1 142 ? 4.632   -0.158  -18.017 1.00 25.07 ? 139 SER A O   1 
ATOM   1048 C CB  . SER A 1 142 ? 6.058   -3.013  -17.179 1.00 20.23 ? 139 SER A CB  1 
ATOM   1049 O OG  . SER A 1 142 ? 7.228   -3.481  -16.548 1.00 27.00 ? 139 SER A OG  1 
ATOM   1050 N N   . SER A 1 143 ? 3.239   -1.800  -17.350 1.00 23.78 ? 140 SER A N   1 
ATOM   1051 C CA  . SER A 1 143 ? 2.098   -1.372  -18.160 1.00 24.57 ? 140 SER A CA  1 
ATOM   1052 C C   . SER A 1 143 ? 1.299   -0.225  -17.553 1.00 24.21 ? 140 SER A C   1 
ATOM   1053 O O   . SER A 1 143 ? 0.379   0.290   -18.190 1.00 25.41 ? 140 SER A O   1 
ATOM   1054 C CB  . SER A 1 143 ? 1.131   -2.545  -18.351 1.00 24.94 ? 140 SER A CB  1 
ATOM   1055 O OG  . SER A 1 143 ? 1.810   -3.732  -18.706 1.00 32.81 ? 140 SER A OG  1 
ATOM   1056 N N   . TRP A 1 144 ? 1.650   0.180   -16.336 1.00 20.50 ? 141 TRP A N   1 
ATOM   1057 C CA  . TRP A 1 144 ? 0.906   1.217   -15.631 1.00 18.78 ? 141 TRP A CA  1 
ATOM   1058 C C   . TRP A 1 144 ? 1.080   2.674   -16.024 1.00 19.11 ? 141 TRP A C   1 
ATOM   1059 O O   . TRP A 1 144 ? 0.232   3.498   -15.688 1.00 18.04 ? 141 TRP A O   1 
ATOM   1060 C CB  . TRP A 1 144 ? 1.109   1.068   -14.125 1.00 15.61 ? 141 TRP A CB  1 
ATOM   1061 C CG  . TRP A 1 144 ? 0.552   -0.206  -13.576 1.00 14.62 ? 141 TRP A CG  1 
ATOM   1062 C CD1 . TRP A 1 144 ? 0.401   -1.398  -14.235 1.00 16.21 ? 141 TRP A CD1 1 
ATOM   1063 C CD2 . TRP A 1 144 ? 0.059   -0.418  -12.249 1.00 16.09 ? 141 TRP A CD2 1 
ATOM   1064 N NE1 . TRP A 1 144 ? -0.157  -2.334  -13.398 1.00 16.10 ? 141 TRP A NE1 1 
ATOM   1065 C CE2 . TRP A 1 144 ? -0.375  -1.762  -12.174 1.00 15.52 ? 141 TRP A CE2 1 
ATOM   1066 C CE3 . TRP A 1 144 ? -0.056  0.398   -11.115 1.00 14.30 ? 141 TRP A CE3 1 
ATOM   1067 C CZ2 . TRP A 1 144 ? -0.920  -2.306  -11.006 1.00 15.78 ? 141 TRP A CZ2 1 
ATOM   1068 C CZ3 . TRP A 1 144 ? -0.598  -0.146  -9.957  1.00 14.61 ? 141 TRP A CZ3 1 
ATOM   1069 C CH2 . TRP A 1 144 ? -1.022  -1.485  -9.913  1.00 15.46 ? 141 TRP A CH2 1 
ATOM   1070 N N   . MET A 1 145 ? 2.148   2.997   -16.744 1.00 22.73 ? 142 MET A N   1 
ATOM   1071 C CA  . MET A 1 145 ? 2.381   4.384   -17.127 1.00 28.17 ? 142 MET A CA  1 
ATOM   1072 C C   . MET A 1 145 ? 1.373   4.923   -18.137 1.00 28.89 ? 142 MET A C   1 
ATOM   1073 O O   . MET A 1 145 ? 1.089   6.122   -18.160 1.00 31.76 ? 142 MET A O   1 
ATOM   1074 C CB  . MET A 1 145 ? 3.801   4.569   -17.652 1.00 35.14 ? 142 MET A CB  1 
ATOM   1075 C CG  . MET A 1 145 ? 4.373   5.931   -17.319 1.00 44.72 ? 142 MET A CG  1 
ATOM   1076 S SD  . MET A 1 145 ? 4.324   6.239   -15.525 1.00 56.19 ? 142 MET A SD  1 
ATOM   1077 C CE  . MET A 1 145 ? 2.911   7.402   -15.385 1.00 49.69 ? 142 MET A CE  1 
ATOM   1078 N N   . THR A 1 146 ? 0.819   4.029   -18.950 1.00 27.05 ? 143 THR A N   1 
ATOM   1079 C CA  . THR A 1 146 ? -0.161  4.412   -19.962 1.00 27.68 ? 143 THR A CA  1 
ATOM   1080 C C   . THR A 1 146 ? -1.610  4.159   -19.526 1.00 25.74 ? 143 THR A C   1 
ATOM   1081 O O   . THR A 1 146 ? -2.538  4.323   -20.323 1.00 25.51 ? 143 THR A O   1 
ATOM   1082 C CB  . THR A 1 146 ? 0.102   3.677   -21.301 1.00 28.44 ? 143 THR A CB  1 
ATOM   1083 O OG1 . THR A 1 146 ? 0.187   2.264   -21.070 1.00 30.81 ? 143 THR A OG1 1 
ATOM   1084 C CG2 . THR A 1 146 ? 1.392   4.172   -21.937 1.00 29.46 ? 143 THR A CG2 1 
ATOM   1085 N N   . TYR A 1 147 ? -1.803  3.774   -18.267 1.00 20.60 ? 144 TYR A N   1 
ATOM   1086 C CA  . TYR A 1 147 ? -3.143  3.502   -17.757 1.00 18.08 ? 144 TYR A CA  1 
ATOM   1087 C C   . TYR A 1 147 ? -3.959  4.783   -17.613 1.00 19.42 ? 144 TYR A C   1 
ATOM   1088 O O   . TYR A 1 147 ? -3.535  5.724   -16.939 1.00 19.88 ? 144 TYR A O   1 
ATOM   1089 C CB  . TYR A 1 147 ? -3.072  2.765   -16.414 1.00 15.17 ? 144 TYR A CB  1 
ATOM   1090 C CG  . TYR A 1 147 ? -4.426  2.473   -15.809 1.00 12.51 ? 144 TYR A CG  1 
ATOM   1091 C CD1 . TYR A 1 147 ? -4.916  3.239   -14.754 1.00 11.14 ? 144 TYR A CD1 1 
ATOM   1092 C CD2 . TYR A 1 147 ? -5.220  1.433   -16.293 1.00 12.04 ? 144 TYR A CD2 1 
ATOM   1093 C CE1 . TYR A 1 147 ? -6.157  2.982   -14.196 1.00 10.19 ? 144 TYR A CE1 1 
ATOM   1094 C CE2 . TYR A 1 147 ? -6.468  1.164   -15.737 1.00 13.04 ? 144 TYR A CE2 1 
ATOM   1095 C CZ  . TYR A 1 147 ? -6.929  1.944   -14.687 1.00 11.18 ? 144 TYR A CZ  1 
ATOM   1096 O OH  . TYR A 1 147 ? -8.151  1.691   -14.119 1.00 13.12 ? 144 TYR A OH  1 
ATOM   1097 N N   . THR A 1 148 ? -5.137  4.802   -18.236 1.00 18.82 ? 145 THR A N   1 
ATOM   1098 C CA  . THR A 1 148 ? -6.023  5.965   -18.188 1.00 21.04 ? 145 THR A CA  1 
ATOM   1099 C C   . THR A 1 148 ? -7.356  5.672   -17.508 1.00 22.21 ? 145 THR A C   1 
ATOM   1100 O O   . THR A 1 148 ? -8.086  6.596   -17.152 1.00 26.26 ? 145 THR A O   1 
ATOM   1101 C CB  . THR A 1 148 ? -6.325  6.521   -19.603 1.00 20.32 ? 145 THR A CB  1 
ATOM   1102 O OG1 . THR A 1 148 ? -6.915  5.494   -20.412 1.00 20.91 ? 145 THR A OG1 1 
ATOM   1103 C CG2 . THR A 1 148 ? -5.054  7.023   -20.267 1.00 22.54 ? 145 THR A CG2 1 
ATOM   1104 N N   . GLY A 1 149 ? -7.690  4.392   -17.360 1.00 20.36 ? 146 GLY A N   1 
ATOM   1105 C CA  . GLY A 1 149 ? -8.947  4.031   -16.727 1.00 18.48 ? 146 GLY A CA  1 
ATOM   1106 C C   . GLY A 1 149 ? -9.501  2.695   -17.187 1.00 18.56 ? 146 GLY A C   1 
ATOM   1107 O O   . GLY A 1 149 ? -8.935  2.045   -18.068 1.00 19.94 ? 146 GLY A O   1 
ATOM   1108 N N   . GLY A 1 150 ? -10.629 2.301   -16.602 1.00 16.69 ? 147 GLY A N   1 
ATOM   1109 C CA  . GLY A 1 150 ? -11.261 1.041   -16.945 1.00 15.97 ? 147 GLY A CA  1 
ATOM   1110 C C   . GLY A 1 150 ? -10.569 -0.151  -16.313 1.00 17.17 ? 147 GLY A C   1 
ATOM   1111 O O   . GLY A 1 150 ? -9.563  -0.002  -15.627 1.00 17.24 ? 147 GLY A O   1 
ATOM   1112 N N   . VAL A 1 151 ? -11.127 -1.336  -16.519 1.00 16.04 ? 148 VAL A N   1 
ATOM   1113 C CA  . VAL A 1 151 ? -10.539 -2.555  -15.977 1.00 15.91 ? 148 VAL A CA  1 
ATOM   1114 C C   . VAL A 1 151 ? -9.449  -3.059  -16.921 1.00 17.82 ? 148 VAL A C   1 
ATOM   1115 O O   . VAL A 1 151 ? -9.712  -3.345  -18.093 1.00 17.69 ? 148 VAL A O   1 
ATOM   1116 C CB  . VAL A 1 151 ? -11.605 -3.659  -15.793 1.00 15.62 ? 148 VAL A CB  1 
ATOM   1117 C CG1 . VAL A 1 151 ? -10.967 -4.914  -15.208 1.00 14.87 ? 148 VAL A CG1 1 
ATOM   1118 C CG2 . VAL A 1 151 ? -12.737 -3.155  -14.904 1.00 14.08 ? 148 VAL A CG2 1 
ATOM   1119 N N   . MET A 1 152 ? -8.219  -3.128  -16.420 1.00 17.16 ? 149 MET A N   1 
ATOM   1120 C CA  . MET A 1 152 ? -7.093  -3.609  -17.215 1.00 17.83 ? 149 MET A CA  1 
ATOM   1121 C C   . MET A 1 152 ? -7.191  -5.134  -17.299 1.00 18.53 ? 149 MET A C   1 
ATOM   1122 O O   . MET A 1 152 ? -7.025  -5.832  -16.299 1.00 18.21 ? 149 MET A O   1 
ATOM   1123 C CB  . MET A 1 152 ? -5.770  -3.185  -16.574 1.00 20.15 ? 149 MET A CB  1 
ATOM   1124 C CG  . MET A 1 152 ? -4.550  -3.434  -17.444 1.00 25.88 ? 149 MET A CG  1 
ATOM   1125 S SD  . MET A 1 152 ? -3.037  -2.808  -16.693 1.00 28.12 ? 149 MET A SD  1 
ATOM   1126 C CE  . MET A 1 152 ? -3.021  -1.160  -17.346 1.00 28.19 ? 149 MET A CE  1 
ATOM   1127 N N   . THR A 1 153 ? -7.492  -5.638  -18.495 1.00 17.22 ? 151 THR A N   1 
ATOM   1128 C CA  . THR A 1 153 ? -7.653  -7.075  -18.716 1.00 18.22 ? 151 THR A CA  1 
ATOM   1129 C C   . THR A 1 153 ? -6.382  -7.805  -19.147 1.00 18.56 ? 151 THR A C   1 
ATOM   1130 O O   . THR A 1 153 ? -6.344  -9.035  -19.171 1.00 20.45 ? 151 THR A O   1 
ATOM   1131 C CB  . THR A 1 153 ? -8.767  -7.341  -19.745 1.00 19.05 ? 151 THR A CB  1 
ATOM   1132 O OG1 . THR A 1 153 ? -8.454  -6.665  -20.966 1.00 18.62 ? 151 THR A OG1 1 
ATOM   1133 C CG2 . THR A 1 153 ? -10.108 -6.833  -19.226 1.00 19.77 ? 151 THR A CG2 1 
ATOM   1134 N N   . SER A 1 154 ? -5.349  -7.044  -19.485 1.00 17.01 ? 152 SER A N   1 
ATOM   1135 C CA  . SER A 1 154 ? -4.080  -7.616  -19.907 1.00 18.87 ? 152 SER A CA  1 
ATOM   1136 C C   . SER A 1 154 ? -2.983  -6.744  -19.331 1.00 19.05 ? 152 SER A C   1 
ATOM   1137 O O   . SER A 1 154 ? -2.890  -5.559  -19.650 1.00 23.05 ? 152 SER A O   1 
ATOM   1138 C CB  . SER A 1 154 ? -3.980  -7.641  -21.431 1.00 20.16 ? 152 SER A CB  1 
ATOM   1139 O OG  . SER A 1 154 ? -2.744  -8.196  -21.837 1.00 25.85 ? 152 SER A OG  1 
ATOM   1140 N N   . CYS A 1 155 ? -2.142  -7.345  -18.496 1.00 17.11 ? 153 CYS A N   1 
ATOM   1141 C CA  . CYS A 1 155 ? -1.061  -6.630  -17.834 1.00 17.19 ? 153 CYS A CA  1 
ATOM   1142 C C   . CYS A 1 155 ? 0.261   -7.378  -17.955 1.00 16.91 ? 153 CYS A C   1 
ATOM   1143 O O   . CYS A 1 155 ? 0.301   -8.598  -17.785 1.00 17.79 ? 153 CYS A O   1 
ATOM   1144 C CB  . CYS A 1 155 ? -1.422  -6.471  -16.354 1.00 17.39 ? 153 CYS A CB  1 
ATOM   1145 S SG  . CYS A 1 155 ? -0.245  -5.559  -15.305 1.00 17.12 ? 153 CYS A SG  1 
ATOM   1146 N N   . VAL A 1 156 ? 1.334   -6.653  -18.267 1.00 16.06 ? 154 VAL A N   1 
ATOM   1147 C CA  . VAL A 1 156 ? 2.660   -7.267  -18.370 1.00 17.69 ? 154 VAL A CA  1 
ATOM   1148 C C   . VAL A 1 156 ? 3.031   -7.788  -16.979 1.00 18.11 ? 154 VAL A C   1 
ATOM   1149 O O   . VAL A 1 156 ? 3.093   -7.021  -16.014 1.00 18.00 ? 154 VAL A O   1 
ATOM   1150 C CB  . VAL A 1 156 ? 3.722   -6.258  -18.871 1.00 18.80 ? 154 VAL A CB  1 
ATOM   1151 C CG1 . VAL A 1 156 ? 5.119   -6.854  -18.752 1.00 18.91 ? 154 VAL A CG1 1 
ATOM   1152 C CG2 . VAL A 1 156 ? 3.443   -5.887  -20.321 1.00 19.04 ? 154 VAL A CG2 1 
ATOM   1153 N N   . SER A 1 157 ? 3.243   -9.098  -16.888 1.00 16.28 ? 155 SER A N   1 
ATOM   1154 C CA  . SER A 1 157 ? 3.563   -9.760  -15.625 1.00 18.02 ? 155 SER A CA  1 
ATOM   1155 C C   . SER A 1 157 ? 4.898   -10.502 -15.697 1.00 19.08 ? 155 SER A C   1 
ATOM   1156 O O   . SER A 1 157 ? 4.930   -11.727 -15.824 1.00 20.36 ? 155 SER A O   1 
ATOM   1157 C CB  . SER A 1 157 ? 2.445   -10.748 -15.282 1.00 17.06 ? 155 SER A CB  1 
ATOM   1158 O OG  . SER A 1 157 ? 1.171   -10.151 -15.442 1.00 17.17 ? 155 SER A OG  1 
ATOM   1159 N N   A GLU A 1 158 ? 5.997   -9.755  -15.607 0.65 19.75 ? 156 GLU A N   1 
ATOM   1160 N N   B GLU A 1 158 ? 5.993   -9.746  -15.631 0.35 19.35 ? 156 GLU A N   1 
ATOM   1161 C CA  A GLU A 1 158 ? 7.335   -10.340 -15.666 0.65 21.44 ? 156 GLU A CA  1 
ATOM   1162 C CA  B GLU A 1 158 ? 7.334   -10.315 -15.699 0.35 20.04 ? 156 GLU A CA  1 
ATOM   1163 C C   A GLU A 1 158 ? 8.181   -10.147 -14.409 0.65 20.41 ? 156 GLU A C   1 
ATOM   1164 C C   B GLU A 1 158 ? 8.155   -10.149 -14.422 0.35 19.81 ? 156 GLU A C   1 
ATOM   1165 O O   A GLU A 1 158 ? 8.755   -11.104 -13.892 0.65 20.01 ? 156 GLU A O   1 
ATOM   1166 O O   B GLU A 1 158 ? 8.677   -11.127 -13.885 0.35 19.84 ? 156 GLU A O   1 
ATOM   1167 C CB  A GLU A 1 158 ? 8.119   -9.790  -16.864 0.65 24.43 ? 156 GLU A CB  1 
ATOM   1168 C CB  B GLU A 1 158 ? 8.122   -9.696  -16.859 0.35 20.75 ? 156 GLU A CB  1 
ATOM   1169 C CG  A GLU A 1 158 ? 7.998   -10.611 -18.135 0.65 29.60 ? 156 GLU A CG  1 
ATOM   1170 C CG  B GLU A 1 158 ? 7.573   -9.987  -18.247 0.35 22.03 ? 156 GLU A CG  1 
ATOM   1171 C CD  A GLU A 1 158 ? 7.027   -10.015 -19.126 0.65 33.12 ? 156 GLU A CD  1 
ATOM   1172 C CD  B GLU A 1 158 ? 8.451   -9.425  -19.357 0.35 22.21 ? 156 GLU A CD  1 
ATOM   1173 O OE1 A GLU A 1 158 ? 7.454   -9.165  -19.939 0.65 34.99 ? 156 GLU A OE1 1 
ATOM   1174 O OE1 B GLU A 1 158 ? 9.286   -8.536  -19.083 0.35 24.14 ? 156 GLU A OE1 1 
ATOM   1175 O OE2 A GLU A 1 158 ? 5.838   -10.395 -19.092 0.65 36.26 ? 156 GLU A OE2 1 
ATOM   1176 O OE2 B GLU A 1 158 ? 8.306   -9.879  -20.511 0.35 25.52 ? 156 GLU A OE2 1 
ATOM   1177 N N   A GLN A 1 159 A 8.270   -8.908  -13.936 0.50 19.10 ? 156 GLN A N   1 
ATOM   1178 N N   B GLN A 1 159 A 8.275   -8.913  -13.949 0.50 19.01 ? 156 GLN A N   1 
ATOM   1179 C CA  A GLN A 1 159 A 9.086   -8.591  -12.767 0.50 18.25 ? 156 GLN A CA  1 
ATOM   1180 C CA  B GLN A 1 159 A 9.072   -8.618  -12.763 0.50 18.53 ? 156 GLN A CA  1 
ATOM   1181 C C   A GLN A 1 159 A 8.409   -7.620  -11.803 0.50 16.97 ? 156 GLN A C   1 
ATOM   1182 C C   B GLN A 1 159 A 8.402   -7.632  -11.807 0.50 17.17 ? 156 GLN A C   1 
ATOM   1183 O O   A GLN A 1 159 A 7.970   -6.543  -12.201 0.50 16.79 ? 156 GLN A O   1 
ATOM   1184 O O   B GLN A 1 159 A 7.966   -6.556  -12.215 0.50 16.89 ? 156 GLN A O   1 
ATOM   1185 C CB  A GLN A 1 159 A 10.412  -7.988  -13.243 0.50 19.29 ? 156 GLN A CB  1 
ATOM   1186 C CB  B GLN A 1 159 A 10.432  -8.063  -13.207 0.50 20.27 ? 156 GLN A CB  1 
ATOM   1187 C CG  A GLN A 1 159 A 11.339  -7.509  -12.136 0.50 21.93 ? 156 GLN A CG  1 
ATOM   1188 C CG  B GLN A 1 159 A 11.394  -7.704  -12.079 0.50 23.78 ? 156 GLN A CG  1 
ATOM   1189 C CD  A GLN A 1 159 A 12.419  -6.575  -12.650 0.50 22.83 ? 156 GLN A CD  1 
ATOM   1190 C CD  B GLN A 1 159 A 11.883  -8.907  -11.284 0.50 25.50 ? 156 GLN A CD  1 
ATOM   1191 O OE1 A GLN A 1 159 A 12.422  -5.382  -12.340 0.50 25.47 ? 156 GLN A OE1 1 
ATOM   1192 O OE1 B GLN A 1 159 A 12.416  -8.752  -10.187 0.50 28.65 ? 156 GLN A OE1 1 
ATOM   1193 N NE2 A GLN A 1 159 A 13.335  -7.109  -13.448 0.50 23.94 ? 156 GLN A NE2 1 
ATOM   1194 N NE2 B GLN A 1 159 A 11.708  -10.106 -11.833 0.50 26.43 ? 156 GLN A NE2 1 
ATOM   1195 N N   . LEU A 1 160 ? 8.366   -7.991  -10.525 1.00 16.01 ? 157 LEU A N   1 
ATOM   1196 C CA  . LEU A 1 160 ? 7.769   -7.135  -9.497  1.00 15.52 ? 157 LEU A CA  1 
ATOM   1197 C C   . LEU A 1 160 ? 8.693   -5.931  -9.323  1.00 13.69 ? 157 LEU A C   1 
ATOM   1198 O O   . LEU A 1 160 ? 9.905   -6.099  -9.191  1.00 16.07 ? 157 LEU A O   1 
ATOM   1199 C CB  . LEU A 1 160 ? 7.668   -7.884  -8.159  1.00 15.50 ? 157 LEU A CB  1 
ATOM   1200 C CG  . LEU A 1 160 ? 6.756   -9.106  -8.032  1.00 14.73 ? 157 LEU A CG  1 
ATOM   1201 C CD1 . LEU A 1 160 ? 6.941   -9.729  -6.658  1.00 17.35 ? 157 LEU A CD1 1 
ATOM   1202 C CD2 . LEU A 1 160 ? 5.308   -8.712  -8.235  1.00 14.53 ? 157 LEU A CD2 1 
ATOM   1203 N N   . ASP A 1 161 ? 8.131   -4.725  -9.338  1.00 11.78 ? 158 ASP A N   1 
ATOM   1204 C CA  . ASP A 1 161 ? 8.939   -3.515  -9.183  1.00 11.84 ? 158 ASP A CA  1 
ATOM   1205 C C   . ASP A 1 161 ? 8.178   -2.360  -8.531  1.00 11.59 ? 158 ASP A C   1 
ATOM   1206 O O   . ASP A 1 161 ? 8.676   -1.235  -8.471  1.00 12.57 ? 158 ASP A O   1 
ATOM   1207 C CB  . ASP A 1 161 ? 9.477   -3.060  -10.552 1.00 14.53 ? 158 ASP A CB  1 
ATOM   1208 C CG  . ASP A 1 161 ? 8.373   -2.576  -11.506 1.00 17.20 ? 158 ASP A CG  1 
ATOM   1209 O OD1 . ASP A 1 161 ? 8.709   -2.181  -12.643 1.00 21.28 ? 158 ASP A OD1 1 
ATOM   1210 O OD2 . ASP A 1 161 ? 7.177   -2.573  -11.139 1.00 16.80 ? 158 ASP A OD2 1 
ATOM   1211 N N   . HIS A 1 162 ? 6.977   -2.641  -8.034  1.00 10.50 ? 159 HIS A N   1 
ATOM   1212 C CA  . HIS A 1 162 ? 6.149   -1.601  -7.446  1.00 9.95  ? 159 HIS A CA  1 
ATOM   1213 C C   . HIS A 1 162 ? 5.335   -2.119  -6.263  1.00 9.74  ? 159 HIS A C   1 
ATOM   1214 O O   . HIS A 1 162 ? 4.935   -3.279  -6.242  1.00 12.41 ? 159 HIS A O   1 
ATOM   1215 C CB  . HIS A 1 162 ? 5.223   -1.063  -8.543  1.00 9.68  ? 159 HIS A CB  1 
ATOM   1216 C CG  . HIS A 1 162 ? 4.432   0.146   -8.153  1.00 9.60  ? 159 HIS A CG  1 
ATOM   1217 N ND1 . HIS A 1 162 ? 4.932   1.144   -7.347  1.00 11.61 ? 159 HIS A ND1 1 
ATOM   1218 C CD2 . HIS A 1 162 ? 3.183   0.531   -8.496  1.00 10.43 ? 159 HIS A CD2 1 
ATOM   1219 C CE1 . HIS A 1 162 ? 4.024   2.093   -7.209  1.00 11.35 ? 159 HIS A CE1 1 
ATOM   1220 N NE2 . HIS A 1 162 ? 2.953   1.745   -7.898  1.00 11.70 ? 159 HIS A NE2 1 
ATOM   1221 N N   . GLY A 1 163 ? 5.129   -1.256  -5.272  1.00 9.18  ? 160 GLY A N   1 
ATOM   1222 C CA  . GLY A 1 163 ? 4.351   -1.624  -4.102  1.00 7.65  ? 160 GLY A CA  1 
ATOM   1223 C C   . GLY A 1 163 ? 3.099   -0.772  -4.072  1.00 7.88  ? 160 GLY A C   1 
ATOM   1224 O O   . GLY A 1 163 ? 3.176   0.449   -4.217  1.00 9.03  ? 160 GLY A O   1 
ATOM   1225 N N   . VAL A 1 164 ? 1.948   -1.413  -3.898  1.00 6.49  ? 161 VAL A N   1 
ATOM   1226 C CA  . VAL A 1 164 ? 0.661   -0.717  -3.869  1.00 7.64  ? 161 VAL A CA  1 
ATOM   1227 C C   . VAL A 1 164 ? -0.254  -1.291  -2.795  1.00 8.87  ? 161 VAL A C   1 
ATOM   1228 O O   . VAL A 1 164 ? 0.163   -2.136  -2.009  1.00 10.09 ? 161 VAL A O   1 
ATOM   1229 C CB  . VAL A 1 164 ? -0.057  -0.777  -5.250  1.00 9.05  ? 161 VAL A CB  1 
ATOM   1230 C CG1 . VAL A 1 164 ? 0.715   0.028   -6.274  1.00 8.52  ? 161 VAL A CG1 1 
ATOM   1231 C CG2 . VAL A 1 164 ? -0.222  -2.225  -5.712  1.00 8.79  ? 161 VAL A CG2 1 
ATOM   1232 N N   . LEU A 1 165 ? -1.505  -0.846  -2.767  1.00 8.40  ? 162 LEU A N   1 
ATOM   1233 C CA  . LEU A 1 165 ? -2.445  -1.320  -1.758  1.00 9.19  ? 162 LEU A CA  1 
ATOM   1234 C C   . LEU A 1 165 ? -3.755  -1.837  -2.355  1.00 9.79  ? 162 LEU A C   1 
ATOM   1235 O O   . LEU A 1 165 ? -4.387  -1.154  -3.160  1.00 9.73  ? 162 LEU A O   1 
ATOM   1236 C CB  . LEU A 1 165 ? -2.745  -0.181  -0.770  1.00 7.72  ? 162 LEU A CB  1 
ATOM   1237 C CG  . LEU A 1 165 ? -3.670  -0.465  0.414   1.00 7.98  ? 162 LEU A CG  1 
ATOM   1238 C CD1 . LEU A 1 165 ? -2.958  -1.370  1.409   1.00 9.00  ? 162 LEU A CD1 1 
ATOM   1239 C CD2 . LEU A 1 165 ? -4.072  0.848   1.087   1.00 11.64 ? 162 LEU A CD2 1 
ATOM   1240 N N   . LEU A 1 166 ? -4.133  -3.056  -1.980  1.00 8.21  ? 163 LEU A N   1 
ATOM   1241 C CA  . LEU A 1 166 ? -5.380  -3.659  -2.435  1.00 10.54 ? 163 LEU A CA  1 
ATOM   1242 C C   . LEU A 1 166 ? -6.472  -3.229  -1.469  1.00 12.12 ? 163 LEU A C   1 
ATOM   1243 O O   . LEU A 1 166 ? -6.413  -3.562  -0.282  1.00 13.89 ? 163 LEU A O   1 
ATOM   1244 C CB  . LEU A 1 166 ? -5.296  -5.184  -2.412  1.00 12.35 ? 163 LEU A CB  1 
ATOM   1245 C CG  . LEU A 1 166 ? -4.640  -5.949  -3.551  1.00 16.37 ? 163 LEU A CG  1 
ATOM   1246 C CD1 . LEU A 1 166 ? -4.732  -7.441  -3.247  1.00 15.68 ? 163 LEU A CD1 1 
ATOM   1247 C CD2 . LEU A 1 166 ? -5.345  -5.620  -4.865  1.00 16.58 ? 163 LEU A CD2 1 
ATOM   1248 N N   . VAL A 1 167 ? -7.468  -2.505  -1.969  1.00 10.10 ? 164 VAL A N   1 
ATOM   1249 C CA  . VAL A 1 167 ? -8.554  -2.032  -1.117  1.00 11.36 ? 164 VAL A CA  1 
ATOM   1250 C C   . VAL A 1 167 ? -9.892  -2.723  -1.346  1.00 11.40 ? 164 VAL A C   1 
ATOM   1251 O O   . VAL A 1 167 ? -10.856 -2.457  -0.634  1.00 11.02 ? 164 VAL A O   1 
ATOM   1252 C CB  . VAL A 1 167 ? -8.756  -0.507  -1.236  1.00 12.54 ? 164 VAL A CB  1 
ATOM   1253 C CG1 . VAL A 1 167 ? -7.476  0.228   -0.853  1.00 11.36 ? 164 VAL A CG1 1 
ATOM   1254 C CG2 . VAL A 1 167 ? -9.194  -0.141  -2.643  1.00 12.72 ? 164 VAL A CG2 1 
ATOM   1255 N N   . GLY A 1 168 ? -9.959  -3.596  -2.345  1.00 10.05 ? 165 GLY A N   1 
ATOM   1256 C CA  . GLY A 1 168 ? -11.208 -4.282  -2.600  1.00 10.15 ? 165 GLY A CA  1 
ATOM   1257 C C   . GLY A 1 168 ? -11.210 -5.111  -3.863  1.00 10.68 ? 165 GLY A C   1 
ATOM   1258 O O   . GLY A 1 168 ? -10.187 -5.255  -4.533  1.00 10.22 ? 165 GLY A O   1 
ATOM   1259 N N   . TYR A 1 169 ? -12.365 -5.693  -4.156  1.00 10.30 ? 166 TYR A N   1 
ATOM   1260 C CA  . TYR A 1 169 ? -12.541 -6.520  -5.339  1.00 11.18 ? 166 TYR A CA  1 
ATOM   1261 C C   . TYR A 1 169 ? -14.026 -6.644  -5.657  1.00 12.94 ? 166 TYR A C   1 
ATOM   1262 O O   . TYR A 1 169 ? -14.883 -6.347  -4.824  1.00 12.08 ? 166 TYR A O   1 
ATOM   1263 C CB  . TYR A 1 169 ? -11.935 -7.915  -5.121  1.00 10.45 ? 166 TYR A CB  1 
ATOM   1264 C CG  . TYR A 1 169 ? -12.662 -8.770  -4.100  1.00 11.75 ? 166 TYR A CG  1 
ATOM   1265 C CD1 . TYR A 1 169 ? -13.772 -9.541  -4.464  1.00 12.55 ? 166 TYR A CD1 1 
ATOM   1266 C CD2 . TYR A 1 169 ? -12.245 -8.805  -2.770  1.00 13.18 ? 166 TYR A CD2 1 
ATOM   1267 C CE1 . TYR A 1 169 ? -14.447 -10.322 -3.531  1.00 13.24 ? 166 TYR A CE1 1 
ATOM   1268 C CE2 . TYR A 1 169 ? -12.912 -9.582  -1.829  1.00 13.50 ? 166 TYR A CE2 1 
ATOM   1269 C CZ  . TYR A 1 169 ? -14.012 -10.335 -2.217  1.00 16.19 ? 166 TYR A CZ  1 
ATOM   1270 O OH  . TYR A 1 169 ? -14.682 -11.090 -1.285  1.00 16.45 ? 166 TYR A OH  1 
ATOM   1271 N N   A ASN A 1 170 ? -14.322 -7.096  -6.871  0.50 13.93 ? 167 ASN A N   1 
ATOM   1272 N N   B ASN A 1 170 ? -14.323 -7.097  -6.871  0.50 13.84 ? 167 ASN A N   1 
ATOM   1273 C CA  A ASN A 1 170 ? -15.700 -7.278  -7.307  0.50 14.51 ? 167 ASN A CA  1 
ATOM   1274 C CA  B ASN A 1 170 ? -15.700 -7.278  -7.307  0.50 14.50 ? 167 ASN A CA  1 
ATOM   1275 C C   A ASN A 1 170 ? -15.749 -8.502  -8.212  0.50 14.78 ? 167 ASN A C   1 
ATOM   1276 C C   B ASN A 1 170 ? -15.747 -8.502  -8.212  0.50 14.75 ? 167 ASN A C   1 
ATOM   1277 O O   A ASN A 1 170 ? -15.255 -8.469  -9.338  0.50 14.79 ? 167 ASN A O   1 
ATOM   1278 O O   B ASN A 1 170 ? -15.253 -8.469  -9.339  0.50 14.59 ? 167 ASN A O   1 
ATOM   1279 C CB  A ASN A 1 170 ? -16.185 -6.037  -8.062  0.50 15.41 ? 167 ASN A CB  1 
ATOM   1280 C CB  B ASN A 1 170 ? -16.183 -6.037  -8.062  0.50 15.36 ? 167 ASN A CB  1 
ATOM   1281 C CG  A ASN A 1 170 ? -17.671 -6.083  -8.379  0.50 17.17 ? 167 ASN A CG  1 
ATOM   1282 C CG  B ASN A 1 170 ? -17.668 -6.083  -8.379  0.50 17.30 ? 167 ASN A CG  1 
ATOM   1283 O OD1 A ASN A 1 170 ? -18.339 -7.094  -8.156  0.50 18.03 ? 167 ASN A OD1 1 
ATOM   1284 O OD1 B ASN A 1 170 ? -18.337 -7.093  -8.159  0.50 18.04 ? 167 ASN A OD1 1 
ATOM   1285 N ND2 A ASN A 1 170 ? -18.195 -4.981  -8.901  0.50 19.24 ? 167 ASN A ND2 1 
ATOM   1286 N ND2 B ASN A 1 170 ? -18.190 -4.980  -8.903  0.50 19.47 ? 167 ASN A ND2 1 
ATOM   1287 N N   . ASP A 1 171 A -16.310 -9.589  -7.689  1.00 13.88 ? 167 ASP A N   1 
ATOM   1288 C CA  . ASP A 1 171 A -16.429 -10.843 -8.426  1.00 16.89 ? 167 ASP A CA  1 
ATOM   1289 C C   . ASP A 1 171 A -17.716 -10.958 -9.229  1.00 18.73 ? 167 ASP A C   1 
ATOM   1290 O O   . ASP A 1 171 A -17.859 -11.877 -10.031 1.00 19.88 ? 167 ASP A O   1 
ATOM   1291 C CB  . ASP A 1 171 A -16.339 -12.042 -7.475  1.00 15.55 ? 167 ASP A CB  1 
ATOM   1292 C CG  . ASP A 1 171 A -14.922 -12.334 -7.026  1.00 18.22 ? 167 ASP A CG  1 
ATOM   1293 O OD1 . ASP A 1 171 A -14.762 -13.162 -6.107  1.00 20.19 ? 167 ASP A OD1 1 
ATOM   1294 O OD2 . ASP A 1 171 A -13.969 -11.759 -7.595  1.00 20.14 ? 167 ASP A OD2 1 
ATOM   1295 N N   . SER A 1 172 B -18.645 -10.030 -9.016  1.00 20.18 ? 167 SER A N   1 
ATOM   1296 C CA  . SER A 1 172 B -19.918 -10.068 -9.720  1.00 21.40 ? 167 SER A CA  1 
ATOM   1297 C C   . SER A 1 172 B -19.915 -9.283  -11.032 1.00 21.22 ? 167 SER A C   1 
ATOM   1298 O O   . SER A 1 172 B -20.876 -9.352  -11.801 1.00 23.77 ? 167 SER A O   1 
ATOM   1299 C CB  . SER A 1 172 B -21.042 -9.578  -8.804  1.00 21.95 ? 167 SER A CB  1 
ATOM   1300 O OG  . SER A 1 172 B -20.904 -8.200  -8.523  1.00 27.91 ? 167 SER A OG  1 
ATOM   1301 N N   . ALA A 1 173 C -18.840 -8.544  -11.288 1.00 20.00 ? 167 ALA A N   1 
ATOM   1302 C CA  . ALA A 1 173 C -18.723 -7.757  -12.515 1.00 18.71 ? 167 ALA A CA  1 
ATOM   1303 C C   . ALA A 1 173 C -18.484 -8.660  -13.724 1.00 18.12 ? 167 ALA A C   1 
ATOM   1304 O O   . ALA A 1 173 C -18.181 -9.842  -13.567 1.00 18.97 ? 167 ALA A O   1 
ATOM   1305 C CB  . ALA A 1 173 C -17.593 -6.746  -12.383 1.00 17.40 ? 167 ALA A CB  1 
ATOM   1306 N N   . ALA A 1 174 D -18.626 -8.096  -14.925 1.00 19.18 ? 167 ALA A N   1 
ATOM   1307 C CA  . ALA A 1 174 D -18.417 -8.843  -16.168 1.00 19.00 ? 167 ALA A CA  1 
ATOM   1308 C C   . ALA A 1 174 D -17.076 -9.566  -16.072 1.00 19.52 ? 167 ALA A C   1 
ATOM   1309 O O   . ALA A 1 174 D -16.990 -10.787 -16.236 1.00 20.05 ? 167 ALA A O   1 
ATOM   1310 C CB  . ALA A 1 174 D -18.419 -7.887  -17.353 1.00 19.39 ? 167 ALA A CB  1 
ATOM   1311 N N   . VAL A 1 175 ? -16.035 -8.795  -15.793 1.00 18.33 ? 168 VAL A N   1 
ATOM   1312 C CA  . VAL A 1 175 ? -14.697 -9.339  -15.614 1.00 18.55 ? 168 VAL A CA  1 
ATOM   1313 C C   . VAL A 1 175 ? -14.346 -8.992  -14.170 1.00 16.88 ? 168 VAL A C   1 
ATOM   1314 O O   . VAL A 1 175 ? -14.239 -7.812  -13.817 1.00 15.23 ? 168 VAL A O   1 
ATOM   1315 C CB  . VAL A 1 175 ? -13.669 -8.675  -16.562 1.00 20.31 ? 168 VAL A CB  1 
ATOM   1316 C CG1 . VAL A 1 175 ? -12.262 -9.162  -16.246 1.00 19.40 ? 168 VAL A CG1 1 
ATOM   1317 C CG2 . VAL A 1 175 ? -14.009 -8.994  -18.004 1.00 21.60 ? 168 VAL A CG2 1 
ATOM   1318 N N   . PRO A 1 176 ? -14.255 -10.008 -13.294 1.00 15.47 ? 169 PRO A N   1 
ATOM   1319 C CA  . PRO A 1 176 ? -13.920 -9.741  -11.890 1.00 15.61 ? 169 PRO A CA  1 
ATOM   1320 C C   . PRO A 1 176 ? -12.629 -8.934  -11.808 1.00 13.84 ? 169 PRO A C   1 
ATOM   1321 O O   . PRO A 1 176 ? -11.724 -9.119  -12.627 1.00 13.79 ? 169 PRO A O   1 
ATOM   1322 C CB  . PRO A 1 176 ? -13.780 -11.145 -11.294 1.00 15.96 ? 169 PRO A CB  1 
ATOM   1323 C CG  . PRO A 1 176 ? -13.498 -12.021 -12.489 1.00 21.74 ? 169 PRO A CG  1 
ATOM   1324 C CD  . PRO A 1 176 ? -14.402 -11.451 -13.535 1.00 16.87 ? 169 PRO A CD  1 
ATOM   1325 N N   . TYR A 1 177 ? -12.557 -8.015  -10.850 1.00 11.38 ? 170 TYR A N   1 
ATOM   1326 C CA  . TYR A 1 177 ? -11.371 -7.179  -10.729 1.00 12.42 ? 170 TYR A CA  1 
ATOM   1327 C C   . TYR A 1 177 ? -10.961 -6.820  -9.309  1.00 11.43 ? 170 TYR A C   1 
ATOM   1328 O O   . TYR A 1 177 ? -11.726 -6.981  -8.360  1.00 12.25 ? 170 TYR A O   1 
ATOM   1329 C CB  . TYR A 1 177 ? -11.562 -5.884  -11.534 1.00 13.37 ? 170 TYR A CB  1 
ATOM   1330 C CG  . TYR A 1 177 ? -12.763 -5.054  -11.117 1.00 16.04 ? 170 TYR A CG  1 
ATOM   1331 C CD1 . TYR A 1 177 ? -12.727 -4.255  -9.974  1.00 15.61 ? 170 TYR A CD1 1 
ATOM   1332 C CD2 . TYR A 1 177 ? -13.942 -5.072  -11.867 1.00 15.79 ? 170 TYR A CD2 1 
ATOM   1333 C CE1 . TYR A 1 177 ? -13.835 -3.497  -9.589  1.00 16.91 ? 170 TYR A CE1 1 
ATOM   1334 C CE2 . TYR A 1 177 ? -15.049 -4.318  -11.491 1.00 14.68 ? 170 TYR A CE2 1 
ATOM   1335 C CZ  . TYR A 1 177 ? -14.990 -3.535  -10.352 1.00 15.58 ? 170 TYR A CZ  1 
ATOM   1336 O OH  . TYR A 1 177 ? -16.084 -2.795  -9.973  1.00 18.48 ? 170 TYR A OH  1 
ATOM   1337 N N   . TRP A 1 178 ? -9.723  -6.355  -9.194  1.00 9.29  ? 171 TRP A N   1 
ATOM   1338 C CA  . TRP A 1 178 ? -9.151  -5.892  -7.940  1.00 9.41  ? 171 TRP A CA  1 
ATOM   1339 C C   . TRP A 1 178 ? -9.196  -4.367  -7.998  1.00 9.80  ? 171 TRP A C   1 
ATOM   1340 O O   . TRP A 1 178 ? -9.074  -3.774  -9.076  1.00 11.16 ? 171 TRP A O   1 
ATOM   1341 C CB  . TRP A 1 178 ? -7.676  -6.286  -7.841  1.00 8.65  ? 171 TRP A CB  1 
ATOM   1342 C CG  . TRP A 1 178 ? -7.388  -7.722  -7.569  1.00 9.41  ? 171 TRP A CG  1 
ATOM   1343 C CD1 . TRP A 1 178 ? -6.743  -8.595  -8.398  1.00 9.36  ? 171 TRP A CD1 1 
ATOM   1344 C CD2 . TRP A 1 178 ? -7.641  -8.437  -6.352  1.00 9.99  ? 171 TRP A CD2 1 
ATOM   1345 N NE1 . TRP A 1 178 ? -6.565  -9.798  -7.769  1.00 11.94 ? 171 TRP A NE1 1 
ATOM   1346 C CE2 . TRP A 1 178 ? -7.107  -9.735  -6.514  1.00 11.94 ? 171 TRP A CE2 1 
ATOM   1347 C CE3 . TRP A 1 178 ? -8.260  -8.106  -5.137  1.00 9.97  ? 171 TRP A CE3 1 
ATOM   1348 C CZ2 . TRP A 1 178 ? -7.172  -10.706 -5.508  1.00 11.96 ? 171 TRP A CZ2 1 
ATOM   1349 C CZ3 . TRP A 1 178 ? -8.325  -9.071  -4.136  1.00 11.82 ? 171 TRP A CZ3 1 
ATOM   1350 C CH2 . TRP A 1 178 ? -7.781  -10.358 -4.330  1.00 11.93 ? 171 TRP A CH2 1 
ATOM   1351 N N   . ILE A 1 179 ? -9.373  -3.737  -6.839  1.00 10.03 ? 172 ILE A N   1 
ATOM   1352 C CA  . ILE A 1 179 ? -9.371  -2.280  -6.736  1.00 10.10 ? 172 ILE A CA  1 
ATOM   1353 C C   . ILE A 1 179 ? -8.064  -1.966  -6.015  1.00 10.52 ? 172 ILE A C   1 
ATOM   1354 O O   . ILE A 1 179 ? -7.848  -2.417  -4.886  1.00 9.41  ? 172 ILE A O   1 
ATOM   1355 C CB  . ILE A 1 179 ? -10.542 -1.746  -5.905  1.00 9.54  ? 172 ILE A CB  1 
ATOM   1356 C CG1 . ILE A 1 179 ? -11.869 -2.214  -6.503  1.00 12.18 ? 172 ILE A CG1 1 
ATOM   1357 C CG2 . ILE A 1 179 ? -10.493 -0.224  -5.875  1.00 9.96  ? 172 ILE A CG2 1 
ATOM   1358 C CD1 . ILE A 1 179 ? -13.072 -1.809  -5.689  1.00 14.08 ? 172 ILE A CD1 1 
ATOM   1359 N N   . ILE A 1 180 ? -7.203  -1.198  -6.672  1.00 9.59  ? 173 ILE A N   1 
ATOM   1360 C CA  . ILE A 1 180 ? -5.892  -0.871  -6.126  1.00 9.86  ? 173 ILE A CA  1 
ATOM   1361 C C   . ILE A 1 180 ? -5.612  0.621   -5.980  1.00 9.77  ? 173 ILE A C   1 
ATOM   1362 O O   . ILE A 1 180 ? -5.812  1.405   -6.912  1.00 8.80  ? 173 ILE A O   1 
ATOM   1363 C CB  . ILE A 1 180 ? -4.781  -1.515  -7.002  1.00 9.75  ? 173 ILE A CB  1 
ATOM   1364 C CG1 . ILE A 1 180 ? -4.872  -3.042  -6.933  1.00 13.44 ? 173 ILE A CG1 1 
ATOM   1365 C CG2 . ILE A 1 180 ? -3.410  -1.022  -6.586  1.00 11.86 ? 173 ILE A CG2 1 
ATOM   1366 C CD1 . ILE A 1 180 ? -3.889  -3.769  -7.827  1.00 15.34 ? 173 ILE A CD1 1 
ATOM   1367 N N   . LYS A 1 181 ? -5.154  1.004   -4.793  1.00 8.89  ? 174 LYS A N   1 
ATOM   1368 C CA  . LYS A 1 181 ? -4.801  2.381   -4.507  1.00 8.93  ? 174 LYS A CA  1 
ATOM   1369 C C   . LYS A 1 181 ? -3.336  2.574   -4.878  1.00 10.98 ? 174 LYS A C   1 
ATOM   1370 O O   . LYS A 1 181 ? -2.469  1.827   -4.415  1.00 10.76 ? 174 LYS A O   1 
ATOM   1371 C CB  . LYS A 1 181 ? -4.984  2.678   -3.019  1.00 9.50  ? 174 LYS A CB  1 
ATOM   1372 C CG  . LYS A 1 181 ? -4.753  4.129   -2.665  1.00 9.76  ? 174 LYS A CG  1 
ATOM   1373 C CD  . LYS A 1 181 ? -4.780  4.341   -1.163  1.00 7.84  ? 174 LYS A CD  1 
ATOM   1374 C CE  . LYS A 1 181 ? -4.573  5.810   -0.836  1.00 9.39  ? 174 LYS A CE  1 
ATOM   1375 N NZ  . LYS A 1 181 ? -4.562  6.041   0.628   1.00 8.94  ? 174 LYS A NZ  1 
ATOM   1376 N N   . ASN A 1 182 ? -3.069  3.550   -5.742  1.00 10.43 ? 175 ASN A N   1 
ATOM   1377 C CA  . ASN A 1 182 ? -1.703  3.841   -6.162  1.00 11.87 ? 175 ASN A CA  1 
ATOM   1378 C C   . ASN A 1 182 ? -1.246  5.132   -5.468  1.00 10.65 ? 175 ASN A C   1 
ATOM   1379 O O   . ASN A 1 182 ? -2.038  5.781   -4.786  1.00 11.90 ? 175 ASN A O   1 
ATOM   1380 C CB  . ASN A 1 182 ? -1.631  3.974   -7.689  1.00 11.34 ? 175 ASN A CB  1 
ATOM   1381 C CG  . ASN A 1 182 ? -0.235  3.736   -8.241  1.00 12.71 ? 175 ASN A CG  1 
ATOM   1382 O OD1 . ASN A 1 182 ? 0.702   3.418   -7.506  1.00 12.74 ? 175 ASN A OD1 1 
ATOM   1383 N ND2 . ASN A 1 182 ? -0.088  3.897   -9.552  1.00 14.06 ? 175 ASN A ND2 1 
ATOM   1384 N N   . SER A 1 183 ? 0.023   5.491   -5.634  1.00 10.94 ? 176 SER A N   1 
ATOM   1385 C CA  . SER A 1 183 ? 0.576   6.685   -5.002  1.00 11.07 ? 176 SER A CA  1 
ATOM   1386 C C   . SER A 1 183 ? 1.193   7.663   -6.006  1.00 12.24 ? 176 SER A C   1 
ATOM   1387 O O   . SER A 1 183 ? 2.256   8.239   -5.759  1.00 10.54 ? 176 SER A O   1 
ATOM   1388 C CB  . SER A 1 183 ? 1.625   6.262   -3.981  1.00 10.00 ? 176 SER A CB  1 
ATOM   1389 O OG  . SER A 1 183 ? 2.534   5.357   -4.568  1.00 10.09 ? 176 SER A OG  1 
ATOM   1390 N N   . TRP A 1 184 ? 0.512   7.853   -7.133  1.00 14.45 ? 177 TRP A N   1 
ATOM   1391 C CA  . TRP A 1 184 ? 0.978   8.756   -8.186  1.00 14.01 ? 177 TRP A CA  1 
ATOM   1392 C C   . TRP A 1 184 ? -0.022  9.895   -8.430  1.00 14.87 ? 177 TRP A C   1 
ATOM   1393 O O   . TRP A 1 184 ? -0.210  10.324  -9.570  1.00 16.49 ? 177 TRP A O   1 
ATOM   1394 C CB  . TRP A 1 184 ? 1.178   7.974   -9.491  1.00 13.59 ? 177 TRP A CB  1 
ATOM   1395 C CG  . TRP A 1 184 ? 2.183   6.857   -9.428  1.00 15.91 ? 177 TRP A CG  1 
ATOM   1396 C CD1 . TRP A 1 184 ? 3.108   6.622   -8.442  1.00 16.02 ? 177 TRP A CD1 1 
ATOM   1397 C CD2 . TRP A 1 184 ? 2.360   5.818   -10.398 1.00 15.39 ? 177 TRP A CD2 1 
ATOM   1398 N NE1 . TRP A 1 184 ? 3.844   5.500   -8.742  1.00 15.45 ? 177 TRP A NE1 1 
ATOM   1399 C CE2 . TRP A 1 184 ? 3.408   4.987   -9.936  1.00 15.10 ? 177 TRP A CE2 1 
ATOM   1400 C CE3 . TRP A 1 184 ? 1.734   5.508   -11.615 1.00 15.69 ? 177 TRP A CE3 1 
ATOM   1401 C CZ2 . TRP A 1 184 ? 3.841   3.861   -10.648 1.00 14.18 ? 177 TRP A CZ2 1 
ATOM   1402 C CZ3 . TRP A 1 184 ? 2.166   4.387   -12.323 1.00 16.30 ? 177 TRP A CZ3 1 
ATOM   1403 C CH2 . TRP A 1 184 ? 3.211   3.578   -11.836 1.00 15.81 ? 177 TRP A CH2 1 
ATOM   1404 N N   . THR A 1 185 ? -0.623  10.398  -7.352  1.00 13.04 ? 178 THR A N   1 
ATOM   1405 C CA  . THR A 1 185 ? -1.625  11.483  -7.375  1.00 14.78 ? 178 THR A CA  1 
ATOM   1406 C C   . THR A 1 185 ? -2.964  11.030  -7.952  1.00 15.09 ? 178 THR A C   1 
ATOM   1407 O O   . THR A 1 185 ? -3.068  9.961   -8.558  1.00 15.71 ? 178 THR A O   1 
ATOM   1408 C CB  . THR A 1 185 ? -1.173  12.768  -8.165  1.00 14.90 ? 178 THR A CB  1 
ATOM   1409 O OG1 . THR A 1 185 ? -1.331  12.560  -9.575  1.00 13.43 ? 178 THR A OG1 1 
ATOM   1410 C CG2 . THR A 1 185 ? 0.276   13.121  -7.879  1.00 16.86 ? 178 THR A CG2 1 
ATOM   1411 N N   . THR A 1 186 ? -3.982  11.867  -7.764  1.00 14.90 ? 179 THR A N   1 
ATOM   1412 C CA  . THR A 1 186 ? -5.322  11.582  -8.266  1.00 15.63 ? 179 THR A CA  1 
ATOM   1413 C C   . THR A 1 186 ? -5.452  11.857  -9.770  1.00 15.68 ? 179 THR A C   1 
ATOM   1414 O O   . THR A 1 186 ? -6.485  11.571  -10.365 1.00 15.72 ? 179 THR A O   1 
ATOM   1415 C CB  . THR A 1 186 ? -6.393  12.399  -7.510  1.00 16.85 ? 179 THR A CB  1 
ATOM   1416 O OG1 . THR A 1 186 ? -6.106  13.797  -7.626  1.00 19.16 ? 179 THR A OG1 1 
ATOM   1417 C CG2 . THR A 1 186 ? -6.422  12.006  -6.034  1.00 18.60 ? 179 THR A CG2 1 
ATOM   1418 N N   . GLN A 1 187 ? -4.408  12.419  -10.372 1.00 15.86 ? 180 GLN A N   1 
ATOM   1419 C CA  . GLN A 1 187 ? -4.413  12.722  -11.802 1.00 18.71 ? 180 GLN A CA  1 
ATOM   1420 C C   . GLN A 1 187 ? -4.190  11.465  -12.630 1.00 17.23 ? 180 GLN A C   1 
ATOM   1421 O O   . GLN A 1 187 ? -4.533  11.415  -13.810 1.00 17.05 ? 180 GLN A O   1 
ATOM   1422 C CB  . GLN A 1 187 ? -3.328  13.742  -12.140 1.00 22.32 ? 180 GLN A CB  1 
ATOM   1423 C CG  . GLN A 1 187 ? -3.441  15.032  -11.359 1.00 28.75 ? 180 GLN A CG  1 
ATOM   1424 C CD  . GLN A 1 187 ? -2.700  16.180  -12.008 1.00 33.46 ? 180 GLN A CD  1 
ATOM   1425 O OE1 . GLN A 1 187 ? -3.126  17.333  -11.909 1.00 39.84 ? 180 GLN A OE1 1 
ATOM   1426 N NE2 . GLN A 1 187 ? -1.598  15.876  -12.692 1.00 30.53 ? 180 GLN A NE2 1 
ATOM   1427 N N   . TRP A 1 188 ? -3.597  10.457  -12.004 1.00 14.97 ? 181 TRP A N   1 
ATOM   1428 C CA  . TRP A 1 188 ? -3.320  9.196   -12.670 1.00 14.12 ? 181 TRP A CA  1 
ATOM   1429 C C   . TRP A 1 188 ? -4.470  8.210   -12.471 1.00 14.92 ? 181 TRP A C   1 
ATOM   1430 O O   . TRP A 1 188 ? -5.078  8.168   -11.400 1.00 14.65 ? 181 TRP A O   1 
ATOM   1431 C CB  . TRP A 1 188 ? -2.019  8.594   -12.126 1.00 12.58 ? 181 TRP A CB  1 
ATOM   1432 C CG  . TRP A 1 188 ? -1.671  7.276   -12.733 1.00 11.97 ? 181 TRP A CG  1 
ATOM   1433 C CD1 . TRP A 1 188 ? -0.926  7.062   -13.857 1.00 10.94 ? 181 TRP A CD1 1 
ATOM   1434 C CD2 . TRP A 1 188 ? -2.055  5.981   -12.250 1.00 10.84 ? 181 TRP A CD2 1 
ATOM   1435 N NE1 . TRP A 1 188 ? -0.821  5.715   -14.103 1.00 12.41 ? 181 TRP A NE1 1 
ATOM   1436 C CE2 . TRP A 1 188 ? -1.502  5.027   -13.134 1.00 13.59 ? 181 TRP A CE2 1 
ATOM   1437 C CE3 . TRP A 1 188 ? -2.808  5.534   -11.157 1.00 9.93  ? 181 TRP A CE3 1 
ATOM   1438 C CZ2 . TRP A 1 188 ? -1.680  3.646   -12.956 1.00 12.47 ? 181 TRP A CZ2 1 
ATOM   1439 C CZ3 . TRP A 1 188 ? -2.985  4.163   -10.981 1.00 8.45  ? 181 TRP A CZ3 1 
ATOM   1440 C CH2 . TRP A 1 188 ? -2.421  3.236   -11.877 1.00 9.43  ? 181 TRP A CH2 1 
ATOM   1441 N N   . GLY A 1 189 ? -4.759  7.429   -13.514 1.00 14.24 ? 182 GLY A N   1 
ATOM   1442 C CA  . GLY A 1 189 ? -5.806  6.426   -13.455 1.00 11.43 ? 182 GLY A CA  1 
ATOM   1443 C C   . GLY A 1 189 ? -7.183  6.944   -13.101 1.00 11.64 ? 182 GLY A C   1 
ATOM   1444 O O   . GLY A 1 189 ? -7.578  8.027   -13.532 1.00 13.30 ? 182 GLY A O   1 
ATOM   1445 N N   . GLU A 1 190 ? -7.925  6.145   -12.339 1.00 10.70 ? 183 GLU A N   1 
ATOM   1446 C CA  . GLU A 1 190 ? -9.269  6.508   -11.915 1.00 11.17 ? 183 GLU A CA  1 
ATOM   1447 C C   . GLU A 1 190 ? -9.172  7.205   -10.574 1.00 11.93 ? 183 GLU A C   1 
ATOM   1448 O O   . GLU A 1 190 ? -9.376  6.587   -9.526  1.00 11.50 ? 183 GLU A O   1 
ATOM   1449 C CB  . GLU A 1 190 ? -10.138 5.262   -11.803 1.00 10.55 ? 183 GLU A CB  1 
ATOM   1450 C CG  . GLU A 1 190 ? -10.199 4.459   -13.093 1.00 13.06 ? 183 GLU A CG  1 
ATOM   1451 C CD  . GLU A 1 190 ? -11.142 3.281   -13.014 1.00 16.09 ? 183 GLU A CD  1 
ATOM   1452 O OE1 . GLU A 1 190 ? -11.398 2.790   -11.895 1.00 17.78 ? 183 GLU A OE1 1 
ATOM   1453 O OE2 . GLU A 1 190 ? -11.632 2.843   -14.076 1.00 16.45 ? 183 GLU A OE2 1 
ATOM   1454 N N   A GLU A 1 191 ? -8.858  8.498   -10.616 0.50 13.17 ? 184 GLU A N   1 
ATOM   1455 N N   B GLU A 1 191 ? -8.853  8.496   -10.620 0.50 13.56 ? 184 GLU A N   1 
ATOM   1456 C CA  A GLU A 1 191 ? -8.712  9.310   -9.410  0.50 14.57 ? 184 GLU A CA  1 
ATOM   1457 C CA  B GLU A 1 191 ? -8.699  9.316   -9.421  0.50 15.10 ? 184 GLU A CA  1 
ATOM   1458 C C   A GLU A 1 191 ? -7.641  8.728   -8.481  0.50 13.56 ? 184 GLU A C   1 
ATOM   1459 C C   B GLU A 1 191 ? -7.639  8.736   -8.484  0.50 14.02 ? 184 GLU A C   1 
ATOM   1460 O O   A GLU A 1 191 ? -7.807  8.710   -7.260  0.50 14.26 ? 184 GLU A O   1 
ATOM   1461 O O   B GLU A 1 191 ? -7.809  8.724   -7.264  0.50 14.69 ? 184 GLU A O   1 
ATOM   1462 C CB  A GLU A 1 191 ? -10.053 9.428   -8.675  0.50 16.68 ? 184 GLU A CB  1 
ATOM   1463 C CB  B GLU A 1 191 ? -10.036 9.471   -8.691  0.50 17.74 ? 184 GLU A CB  1 
ATOM   1464 C CG  A GLU A 1 191 ? -11.127 10.194  -9.437  0.50 21.18 ? 184 GLU A CG  1 
ATOM   1465 C CG  B GLU A 1 191 ? -11.106 10.192  -9.496  0.50 22.74 ? 184 GLU A CG  1 
ATOM   1466 C CD  A GLU A 1 191 ? -10.784 11.661  -9.641  0.50 23.54 ? 184 GLU A CD  1 
ATOM   1467 C CD  B GLU A 1 191 ? -12.375 10.441  -8.701  0.50 25.15 ? 184 GLU A CD  1 
ATOM   1468 O OE1 A GLU A 1 191 ? -10.248 12.294  -8.705  0.50 25.90 ? 184 GLU A OE1 1 
ATOM   1469 O OE1 B GLU A 1 191 ? -12.682 9.651   -7.783  0.50 29.58 ? 184 GLU A OE1 1 
ATOM   1470 O OE2 A GLU A 1 191 ? -11.064 12.186  -10.740 0.50 26.40 ? 184 GLU A OE2 1 
ATOM   1471 O OE2 B GLU A 1 191 ? -13.073 11.431  -8.998  0.50 28.00 ? 184 GLU A OE2 1 
ATOM   1472 N N   . GLY A 1 192 ? -6.552  8.247   -9.075  1.00 13.79 ? 185 GLY A N   1 
ATOM   1473 C CA  . GLY A 1 192 ? -5.465  7.673   -8.299  1.00 12.44 ? 185 GLY A CA  1 
ATOM   1474 C C   . GLY A 1 192 ? -5.544  6.170   -8.120  1.00 13.18 ? 185 GLY A C   1 
ATOM   1475 O O   . GLY A 1 192 ? -4.623  5.559   -7.568  1.00 12.84 ? 185 GLY A O   1 
ATOM   1476 N N   . TYR A 1 193 ? -6.644  5.574   -8.579  1.00 12.17 ? 186 TYR A N   1 
ATOM   1477 C CA  . TYR A 1 193 ? -6.856  4.132   -8.473  1.00 11.33 ? 186 TYR A CA  1 
ATOM   1478 C C   . TYR A 1 193 ? -6.736  3.399   -9.805  1.00 13.57 ? 186 TYR A C   1 
ATOM   1479 O O   . TYR A 1 193 ? -6.767  4.008   -10.876 1.00 11.74 ? 186 TYR A O   1 
ATOM   1480 C CB  . TYR A 1 193 ? -8.235  3.840   -7.874  1.00 11.31 ? 186 TYR A CB  1 
ATOM   1481 C CG  . TYR A 1 193 ? -8.314  4.093   -6.394  1.00 11.19 ? 186 TYR A CG  1 
ATOM   1482 C CD1 . TYR A 1 193 ? -8.248  3.037   -5.488  1.00 11.81 ? 186 TYR A CD1 1 
ATOM   1483 C CD2 . TYR A 1 193 ? -8.417  5.390   -5.892  1.00 12.28 ? 186 TYR A CD2 1 
ATOM   1484 C CE1 . TYR A 1 193 ? -8.278  3.259   -4.121  1.00 13.84 ? 186 TYR A CE1 1 
ATOM   1485 C CE2 . TYR A 1 193 ? -8.445  5.624   -4.522  1.00 13.33 ? 186 TYR A CE2 1 
ATOM   1486 C CZ  . TYR A 1 193 ? -8.373  4.554   -3.646  1.00 13.84 ? 186 TYR A CZ  1 
ATOM   1487 O OH  . TYR A 1 193 ? -8.376  4.770   -2.293  1.00 15.32 ? 186 TYR A OH  1 
ATOM   1488 N N   . ILE A 1 194 ? -6.584  2.083   -9.715  1.00 11.59 ? 187 ILE A N   1 
ATOM   1489 C CA  . ILE A 1 194 ? -6.494  1.232   -10.887 1.00 11.07 ? 187 ILE A CA  1 
ATOM   1490 C C   . ILE A 1 194 ? -7.222  -0.070  -10.597 1.00 12.01 ? 187 ILE A C   1 
ATOM   1491 O O   . ILE A 1 194 ? -7.211  -0.572  -9.472  1.00 10.41 ? 187 ILE A O   1 
ATOM   1492 C CB  . ILE A 1 194 ? -5.018  0.943   -11.301 1.00 12.44 ? 187 ILE A CB  1 
ATOM   1493 C CG1 . ILE A 1 194 ? -4.977  -0.044  -12.473 1.00 10.80 ? 187 ILE A CG1 1 
ATOM   1494 C CG2 . ILE A 1 194 ? -4.217  0.401   -10.118 1.00 12.79 ? 187 ILE A CG2 1 
ATOM   1495 C CD1 . ILE A 1 194 ? -3.613  -0.183  -13.119 1.00 10.66 ? 187 ILE A CD1 1 
ATOM   1496 N N   . ARG A 1 195 ? -7.931  -0.565  -11.600 1.00 10.83 ? 188 ARG A N   1 
ATOM   1497 C CA  . ARG A 1 195 ? -8.645  -1.818  -11.473 1.00 11.19 ? 188 ARG A CA  1 
ATOM   1498 C C   . ARG A 1 195 ? -8.016  -2.785  -12.457 1.00 12.24 ? 188 ARG A C   1 
ATOM   1499 O O   . ARG A 1 195 ? -7.790  -2.437  -13.614 1.00 13.16 ? 188 ARG A O   1 
ATOM   1500 C CB  . ARG A 1 195 ? -10.131 -1.611  -11.772 1.00 12.48 ? 188 ARG A CB  1 
ATOM   1501 C CG  . ARG A 1 195 ? -10.853 -0.861  -10.674 1.00 14.34 ? 188 ARG A CG  1 
ATOM   1502 C CD  . ARG A 1 195 ? -11.940 0.020   -11.217 1.00 21.48 ? 188 ARG A CD  1 
ATOM   1503 N NE  . ARG A 1 195 ? -13.057 -0.730  -11.760 1.00 26.69 ? 188 ARG A NE  1 
ATOM   1504 C CZ  . ARG A 1 195 ? -13.771 -0.364  -12.821 1.00 23.79 ? 188 ARG A CZ  1 
ATOM   1505 N NH1 . ARG A 1 195 ? -13.491 0.751   -13.485 1.00 20.69 ? 188 ARG A NH1 1 
ATOM   1506 N NH2 . ARG A 1 195 ? -14.795 -1.107  -13.193 1.00 26.65 ? 188 ARG A NH2 1 
ATOM   1507 N N   . ILE A 1 196 ? -7.613  -3.949  -11.962 1.00 10.80 ? 189 ILE A N   1 
ATOM   1508 C CA  . ILE A 1 196 ? -7.015  -4.965  -12.815 1.00 12.43 ? 189 ILE A CA  1 
ATOM   1509 C C   . ILE A 1 196 ? -7.839  -6.242  -12.703 1.00 11.13 ? 189 ILE A C   1 
ATOM   1510 O O   . ILE A 1 196 ? -8.451  -6.497  -11.670 1.00 10.84 ? 189 ILE A O   1 
ATOM   1511 C CB  . ILE A 1 196 ? -5.532  -5.266  -12.440 1.00 12.85 ? 189 ILE A CB  1 
ATOM   1512 C CG1 . ILE A 1 196 ? -5.433  -5.868  -11.038 1.00 9.89  ? 189 ILE A CG1 1 
ATOM   1513 C CG2 . ILE A 1 196 ? -4.696  -3.992  -12.540 1.00 13.06 ? 189 ILE A CG2 1 
ATOM   1514 C CD1 . ILE A 1 196 ? -4.059  -6.407  -10.714 1.00 10.99 ? 189 ILE A CD1 1 
ATOM   1515 N N   . ALA A 1 197 ? -7.875  -7.027  -13.778 1.00 11.90 ? 190 ALA A N   1 
ATOM   1516 C CA  . ALA A 1 197 ? -8.623  -8.277  -13.783 1.00 10.57 ? 190 ALA A CA  1 
ATOM   1517 C C   . ALA A 1 197 ? -8.120  -9.190  -12.667 1.00 10.81 ? 190 ALA A C   1 
ATOM   1518 O O   . ALA A 1 197 ? -6.923  -9.247  -12.383 1.00 11.56 ? 190 ALA A O   1 
ATOM   1519 C CB  . ALA A 1 197 ? -8.495  -8.960  -15.129 1.00 11.97 ? 190 ALA A CB  1 
ATOM   1520 N N   . LYS A 1 198 ? -9.058  -9.884  -12.035 1.00 10.69 ? 191 LYS A N   1 
ATOM   1521 C CA  . LYS A 1 198 ? -8.779  -10.792 -10.930 1.00 11.58 ? 191 LYS A CA  1 
ATOM   1522 C C   . LYS A 1 198 ? -8.948  -12.247 -11.359 1.00 11.89 ? 191 LYS A C   1 
ATOM   1523 O O   . LYS A 1 198 ? -9.877  -12.577 -12.101 1.00 12.69 ? 191 LYS A O   1 
ATOM   1524 C CB  . LYS A 1 198 ? -9.732  -10.463 -9.775  1.00 11.87 ? 191 LYS A CB  1 
ATOM   1525 C CG  . LYS A 1 198 ? -9.694  -11.391 -8.578  1.00 13.45 ? 191 LYS A CG  1 
ATOM   1526 C CD  . LYS A 1 198 ? -10.559 -10.808 -7.467  1.00 13.94 ? 191 LYS A CD  1 
ATOM   1527 C CE  . LYS A 1 198 ? -10.733 -11.769 -6.302  1.00 14.90 ? 191 LYS A CE  1 
ATOM   1528 N NZ  . LYS A 1 198 ? -11.552 -12.963 -6.659  1.00 13.04 ? 191 LYS A NZ  1 
ATOM   1529 N N   . GLY A 1 199 ? -8.035  -13.103 -10.908 1.00 10.64 ? 192 GLY A N   1 
ATOM   1530 C CA  . GLY A 1 199 ? -8.110  -14.513 -11.239 1.00 11.90 ? 192 GLY A CA  1 
ATOM   1531 C C   . GLY A 1 199 ? -7.029  -15.093 -12.140 1.00 13.23 ? 192 GLY A C   1 
ATOM   1532 O O   . GLY A 1 199 ? -6.921  -16.316 -12.253 1.00 16.46 ? 192 GLY A O   1 
ATOM   1533 N N   . SER A 1 200 ? -6.222  -14.242 -12.771 1.00 12.74 ? 193 SER A N   1 
ATOM   1534 C CA  . SER A 1 200 ? -5.167  -14.717 -13.666 1.00 13.77 ? 193 SER A CA  1 
ATOM   1535 C C   . SER A 1 200 ? -3.783  -14.158 -13.340 1.00 13.87 ? 193 SER A C   1 
ATOM   1536 O O   . SER A 1 200 ? -2.908  -14.090 -14.205 1.00 15.70 ? 193 SER A O   1 
ATOM   1537 C CB  . SER A 1 200 ? -5.529  -14.406 -15.119 1.00 12.97 ? 193 SER A CB  1 
ATOM   1538 O OG  . SER A 1 200 ? -5.793  -13.028 -15.290 1.00 13.51 ? 193 SER A OG  1 
ATOM   1539 N N   . ASN A 1 201 ? -3.600  -13.758 -12.087 1.00 13.69 ? 198 ASN A N   1 
ATOM   1540 C CA  . ASN A 1 201 ? -2.340  -13.207 -11.597 1.00 11.86 ? 198 ASN A CA  1 
ATOM   1541 C C   . ASN A 1 201 ? -1.834  -12.048 -12.451 1.00 11.40 ? 198 ASN A C   1 
ATOM   1542 O O   . ASN A 1 201 ? -0.660  -11.992 -12.818 1.00 14.01 ? 198 ASN A O   1 
ATOM   1543 C CB  . ASN A 1 201 ? -1.273  -14.305 -11.477 1.00 14.71 ? 198 ASN A CB  1 
ATOM   1544 C CG  . ASN A 1 201 ? -0.093  -13.883 -10.609 1.00 15.23 ? 198 ASN A CG  1 
ATOM   1545 O OD1 . ASN A 1 201 ? -0.226  -13.012 -9.754  1.00 13.61 ? 198 ASN A OD1 1 
ATOM   1546 N ND2 . ASN A 1 201 ? 1.060   -14.505 -10.823 1.00 13.54 ? 198 ASN A ND2 1 
ATOM   1547 N N   . GLN A 1 202 ? -2.737  -11.123 -12.762 1.00 11.68 ? 199 GLN A N   1 
ATOM   1548 C CA  . GLN A 1 202 ? -2.406  -9.944  -13.555 1.00 11.06 ? 199 GLN A CA  1 
ATOM   1549 C C   . GLN A 1 202 ? -1.397  -9.080  -12.808 1.00 12.33 ? 199 GLN A C   1 
ATOM   1550 O O   . GLN A 1 202 ? -1.587  -8.765  -11.629 1.00 12.04 ? 199 GLN A O   1 
ATOM   1551 C CB  . GLN A 1 202 ? -3.669  -9.128  -13.847 1.00 13.27 ? 199 GLN A CB  1 
ATOM   1552 C CG  . GLN A 1 202 ? -4.666  -9.824  -14.768 1.00 16.73 ? 199 GLN A CG  1 
ATOM   1553 C CD  . GLN A 1 202 ? -4.074  -10.138 -16.128 1.00 19.60 ? 199 GLN A CD  1 
ATOM   1554 O OE1 . GLN A 1 202 ? -4.068  -11.292 -16.568 1.00 20.55 ? 199 GLN A OE1 1 
ATOM   1555 N NE2 . GLN A 1 202 ? -3.553  -9.113  -16.796 1.00 20.28 ? 199 GLN A NE2 1 
ATOM   1556 N N   . CYS A 1 203 ? -0.323  -8.713  -13.501 1.00 10.74 ? 200 CYS A N   1 
ATOM   1557 C CA  . CYS A 1 203 ? 0.741   -7.895  -12.932 1.00 11.43 ? 200 CYS A CA  1 
ATOM   1558 C C   . CYS A 1 203 ? 1.442   -8.591  -11.755 1.00 11.69 ? 200 CYS A C   1 
ATOM   1559 O O   . CYS A 1 203 ? 2.086   -7.927  -10.948 1.00 11.84 ? 200 CYS A O   1 
ATOM   1560 C CB  . CYS A 1 203 ? 0.201   -6.540  -12.454 1.00 11.80 ? 200 CYS A CB  1 
ATOM   1561 S SG  . CYS A 1 203 ? -1.086  -5.733  -13.466 1.00 14.50 ? 200 CYS A SG  1 
ATOM   1562 N N   . LEU A 1 204 ? 1.304   -9.915  -11.656 1.00 11.35 ? 201 LEU A N   1 
ATOM   1563 C CA  . LEU A 1 204 ? 1.914   -10.706 -10.578 1.00 11.55 ? 201 LEU A CA  1 
ATOM   1564 C C   . LEU A 1 204 ? 1.403   -10.301 -9.189  1.00 11.42 ? 201 LEU A C   1 
ATOM   1565 O O   . LEU A 1 204 ? 2.097   -10.474 -8.186  1.00 11.90 ? 201 LEU A O   1 
ATOM   1566 C CB  . LEU A 1 204 ? 3.449   -10.598 -10.620 1.00 10.92 ? 201 LEU A CB  1 
ATOM   1567 C CG  . LEU A 1 204 ? 4.159   -11.061 -11.896 1.00 11.79 ? 201 LEU A CG  1 
ATOM   1568 C CD1 . LEU A 1 204 ? 5.657   -10.903 -11.734 1.00 16.00 ? 201 LEU A CD1 1 
ATOM   1569 C CD2 . LEU A 1 204 ? 3.817   -12.507 -12.200 1.00 12.87 ? 201 LEU A CD2 1 
ATOM   1570 N N   . VAL A 1 205 ? 0.158   -9.832  -9.142  1.00 10.51 ? 202 VAL A N   1 
ATOM   1571 C CA  . VAL A 1 205 ? -0.478  -9.361  -7.911  1.00 11.57 ? 202 VAL A CA  1 
ATOM   1572 C C   . VAL A 1 205 ? -0.532  -10.316 -6.700  1.00 11.91 ? 202 VAL A C   1 
ATOM   1573 O O   . VAL A 1 205 ? -0.606  -9.859  -5.558  1.00 13.67 ? 202 VAL A O   1 
ATOM   1574 C CB  . VAL A 1 205 ? -1.903  -8.826  -8.214  1.00 11.40 ? 202 VAL A CB  1 
ATOM   1575 C CG1 . VAL A 1 205 ? -2.832  -9.968  -8.626  1.00 11.70 ? 202 VAL A CG1 1 
ATOM   1576 C CG2 . VAL A 1 205 ? -2.452  -8.055  -7.021  1.00 13.53 ? 202 VAL A CG2 1 
ATOM   1577 N N   . LYS A 1 206 ? -0.473  -11.623 -6.927  1.00 11.57 ? 203 LYS A N   1 
ATOM   1578 C CA  . LYS A 1 206 ? -0.551  -12.567 -5.813  1.00 11.12 ? 203 LYS A CA  1 
ATOM   1579 C C   . LYS A 1 206 ? 0.804   -12.974 -5.242  1.00 10.63 ? 203 LYS A C   1 
ATOM   1580 O O   . LYS A 1 206 ? 0.862   -13.659 -4.226  1.00 11.00 ? 203 LYS A O   1 
ATOM   1581 C CB  . LYS A 1 206 ? -1.279  -13.842 -6.252  1.00 13.91 ? 203 LYS A CB  1 
ATOM   1582 C CG  . LYS A 1 206 ? -0.437  -14.750 -7.146  1.00 16.05 ? 203 LYS A CG  1 
ATOM   1583 C CD  . LYS A 1 206 ? -1.146  -16.058 -7.461  1.00 20.19 ? 203 LYS A CD  1 
ATOM   1584 C CE  . LYS A 1 206 ? -0.293  -16.964 -8.347  1.00 21.58 ? 203 LYS A CE  1 
ATOM   1585 N NZ  . LYS A 1 206 ? 1.039   -17.262 -7.741  1.00 27.88 ? 203 LYS A NZ  1 
ATOM   1586 N N   . GLU A 1 207 ? 1.883   -12.535 -5.877  1.00 10.84 ? 204 GLU A N   1 
ATOM   1587 C CA  . GLU A 1 207 ? 3.229   -12.943 -5.480  1.00 13.23 ? 204 GLU A CA  1 
ATOM   1588 C C   . GLU A 1 207 ? 3.809   -12.493 -4.144  1.00 12.41 ? 204 GLU A C   1 
ATOM   1589 O O   . GLU A 1 207 ? 4.499   -13.266 -3.483  1.00 11.96 ? 204 GLU A O   1 
ATOM   1590 C CB  . GLU A 1 207 ? 4.232   -12.622 -6.600  1.00 15.15 ? 204 GLU A CB  1 
ATOM   1591 C CG  . GLU A 1 207 ? 3.893   -13.234 -7.971  1.00 18.14 ? 204 GLU A CG  1 
ATOM   1592 C CD  . GLU A 1 207 ? 3.902   -14.762 -8.003  1.00 23.14 ? 204 GLU A CD  1 
ATOM   1593 O OE1 . GLU A 1 207 ? 3.375   -15.334 -8.985  1.00 24.15 ? 204 GLU A OE1 1 
ATOM   1594 O OE2 . GLU A 1 207 ? 4.436   -15.399 -7.069  1.00 26.55 ? 204 GLU A OE2 1 
ATOM   1595 N N   . GLU A 1 208 ? 3.527   -11.263 -3.741  1.00 12.27 ? 205 GLU A N   1 
ATOM   1596 C CA  . GLU A 1 208 ? 4.089   -10.734 -2.501  1.00 13.42 ? 205 GLU A CA  1 
ATOM   1597 C C   . GLU A 1 208 ? 3.066   -9.900  -1.736  1.00 10.80 ? 205 GLU A C   1 
ATOM   1598 O O   . GLU A 1 208 ? 3.179   -8.675  -1.658  1.00 10.03 ? 205 GLU A O   1 
ATOM   1599 C CB  . GLU A 1 208 ? 5.314   -9.879  -2.844  1.00 16.70 ? 205 GLU A CB  1 
ATOM   1600 C CG  . GLU A 1 208 ? 6.299   -9.686  -1.707  1.00 25.60 ? 205 GLU A CG  1 
ATOM   1601 C CD  . GLU A 1 208 ? 7.097   -10.941 -1.419  1.00 29.94 ? 205 GLU A CD  1 
ATOM   1602 O OE1 . GLU A 1 208 ? 7.749   -11.461 -2.348  1.00 33.55 ? 205 GLU A OE1 1 
ATOM   1603 O OE2 . GLU A 1 208 ? 7.073   -11.405 -0.259  1.00 34.11 ? 205 GLU A OE2 1 
ATOM   1604 N N   . ALA A 1 209 ? 2.073   -10.579 -1.168  1.00 10.38 ? 206 ALA A N   1 
ATOM   1605 C CA  . ALA A 1 209 ? 1.009   -9.928  -0.414  1.00 9.83  ? 206 ALA A CA  1 
ATOM   1606 C C   . ALA A 1 209 ? 1.259   -10.054 1.075   1.00 10.26 ? 206 ALA A C   1 
ATOM   1607 O O   . ALA A 1 209 ? 1.616   -11.123 1.567   1.00 11.30 ? 206 ALA A O   1 
ATOM   1608 C CB  . ALA A 1 209 ? -0.331  -10.555 -0.763  1.00 11.40 ? 206 ALA A CB  1 
ATOM   1609 N N   . SER A 1 210 ? 1.033   -8.969  1.801   1.00 8.60  ? 207 SER A N   1 
ATOM   1610 C CA  . SER A 1 210 ? 1.232   -8.985  3.241   1.00 9.76  ? 207 SER A CA  1 
ATOM   1611 C C   . SER A 1 210 ? 0.459   -7.868  3.924   1.00 8.51  ? 207 SER A C   1 
ATOM   1612 O O   . SER A 1 210 ? -0.053  -6.953  3.279   1.00 7.66  ? 207 SER A O   1 
ATOM   1613 C CB  . SER A 1 210 ? 2.723   -8.873  3.567   1.00 11.61 ? 207 SER A CB  1 
ATOM   1614 O OG  . SER A 1 210 ? 3.253   -7.662  3.066   1.00 11.83 ? 207 SER A OG  1 
ATOM   1615 N N   . SER A 1 211 ? 0.384   -7.940  5.244   1.00 8.09  ? 208 SER A N   1 
ATOM   1616 C CA  . SER A 1 211 ? -0.331  -6.933  6.002   1.00 7.72  ? 208 SER A CA  1 
ATOM   1617 C C   . SER A 1 211 ? 0.201   -6.829  7.415   1.00 10.53 ? 208 SER A C   1 
ATOM   1618 O O   . SER A 1 211 ? 0.619   -7.826  8.018   1.00 9.28  ? 208 SER A O   1 
ATOM   1619 C CB  . SER A 1 211 ? -1.821  -7.274  6.065   1.00 8.53  ? 208 SER A CB  1 
ATOM   1620 O OG  . SER A 1 211 ? -2.509  -6.384  6.934   1.00 10.83 ? 208 SER A OG  1 
ATOM   1621 N N   . ALA A 1 212 ? 0.156   -5.611  7.938   1.00 11.17 ? 209 ALA A N   1 
ATOM   1622 C CA  . ALA A 1 212 ? 0.567   -5.334  9.301   1.00 11.64 ? 209 ALA A CA  1 
ATOM   1623 C C   . ALA A 1 212 ? -0.549  -5.863  10.197  1.00 13.06 ? 209 ALA A C   1 
ATOM   1624 O O   . ALA A 1 212 ? -1.691  -6.050  9.756   1.00 10.57 ? 209 ALA A O   1 
ATOM   1625 C CB  . ALA A 1 212 ? 0.733   -3.831  9.505   1.00 9.84  ? 209 ALA A CB  1 
ATOM   1626 N N   . VAL A 1 213 ? -0.189  -6.159  11.437  1.00 12.83 ? 210 VAL A N   1 
ATOM   1627 C CA  . VAL A 1 213 ? -1.130  -6.642  12.422  1.00 14.08 ? 210 VAL A CA  1 
ATOM   1628 C C   . VAL A 1 213 ? -1.060  -5.650  13.569  1.00 15.79 ? 210 VAL A C   1 
ATOM   1629 O O   . VAL A 1 213 ? 0.022   -5.342  14.058  1.00 13.12 ? 210 VAL A O   1 
ATOM   1630 C CB  . VAL A 1 213 ? -0.744  -8.047  12.933  1.00 15.36 ? 210 VAL A CB  1 
ATOM   1631 C CG1 . VAL A 1 213 ? -1.604  -8.431  14.122  1.00 17.54 ? 210 VAL A CG1 1 
ATOM   1632 C CG2 . VAL A 1 213 ? -0.908  -9.074  11.821  1.00 17.99 ? 210 VAL A CG2 1 
ATOM   1633 N N   . VAL A 1 214 ? -2.204  -5.070  13.909  1.00 19.99 ? 211 VAL A N   1 
ATOM   1634 C CA  . VAL A 1 214 ? -2.292  -4.125  15.014  1.00 26.58 ? 211 VAL A CA  1 
ATOM   1635 C C   . VAL A 1 214 ? -3.042  -4.854  16.130  1.00 30.57 ? 211 VAL A C   1 
ATOM   1636 O O   . VAL A 1 214 ? -4.271  -4.950  16.115  1.00 33.04 ? 211 VAL A O   1 
ATOM   1637 C CB  . VAL A 1 214 ? -2.992  -2.793  14.587  1.00 26.90 ? 211 VAL A CB  1 
ATOM   1638 C CG1 . VAL A 1 214 ? -4.145  -3.062  13.659  1.00 30.68 ? 211 VAL A CG1 1 
ATOM   1639 C CG2 . VAL A 1 214 ? -3.474  -2.018  15.809  1.00 29.44 ? 211 VAL A CG2 1 
ATOM   1640 N N   . GLY A 1 215 ? -2.272  -5.445  17.041  1.00 34.15 ? 212 GLY A N   1 
ATOM   1641 C CA  . GLY A 1 215 ? -2.836  -6.203  18.146  1.00 38.53 ? 212 GLY A CA  1 
ATOM   1642 C C   . GLY A 1 215 ? -3.901  -5.494  18.961  1.00 40.53 ? 212 GLY A C   1 
ATOM   1643 O O   . GLY A 1 215 ? -3.547  -4.578  19.731  1.00 43.64 ? 212 GLY A O   1 
ATOM   1644 O OXT . GLY A 1 215 ? -5.089  -5.861  18.837  1.00 44.48 ? 212 GLY A OXT 1 
HETATM 1645 C C1  . VS2 B 2 .   ? 15.526  -3.518  -2.181  1.00 16.79 ? 300 VS2 A C1  1 
HETATM 1646 C C2  . VS2 B 2 .   ? 15.497  -4.766  -1.520  1.00 17.66 ? 300 VS2 A C2  1 
HETATM 1647 C C3  . VS2 B 2 .   ? 15.942  -4.879  -0.186  1.00 19.56 ? 300 VS2 A C3  1 
HETATM 1648 C C4  . VS2 B 2 .   ? 16.417  -3.749  0.495   1.00 16.74 ? 300 VS2 A C4  1 
HETATM 1649 C C5  . VS2 B 2 .   ? 16.458  -2.508  -0.155  1.00 16.16 ? 300 VS2 A C5  1 
HETATM 1650 C C6  . VS2 B 2 .   ? 16.015  -2.388  -1.490  1.00 17.12 ? 300 VS2 A C6  1 
HETATM 1651 C C7  . VS2 B 2 .   ? 14.838  -3.361  -3.517  1.00 17.02 ? 300 VS2 A C7  1 
HETATM 1652 O O1  . VS2 B 2 .   ? 13.424  -3.234  -3.356  1.00 15.41 ? 300 VS2 A O1  1 
HETATM 1653 C C8  . VS2 B 2 .   ? 12.668  -2.862  -4.402  1.00 16.65 ? 300 VS2 A C8  1 
HETATM 1654 O O2  . VS2 B 2 .   ? 13.139  -2.412  -5.447  1.00 18.14 ? 300 VS2 A O2  1 
HETATM 1655 N N1  . VS2 B 2 .   ? 11.335  -2.858  -4.115  1.00 13.63 ? 300 VS2 A N1  1 
HETATM 1656 C C9  . VS2 B 2 .   ? 10.333  -2.242  -5.001  1.00 13.25 ? 300 VS2 A C9  1 
HETATM 1657 C C10 . VS2 B 2 .   ? 8.910   -2.631  -4.581  1.00 12.82 ? 300 VS2 A C10 1 
HETATM 1658 C C11 . VS2 B 2 .   ? 8.796   -4.111  -4.340  1.00 13.51 ? 300 VS2 A C11 1 
HETATM 1659 C C12 . VS2 B 2 .   ? 8.343   -4.528  -3.080  1.00 12.54 ? 300 VS2 A C12 1 
HETATM 1660 C C13 . VS2 B 2 .   ? 8.287   -5.893  -2.769  1.00 13.97 ? 300 VS2 A C13 1 
HETATM 1661 C C14 . VS2 B 2 .   ? 8.682   -6.857  -3.707  1.00 13.19 ? 300 VS2 A C14 1 
HETATM 1662 C C15 . VS2 B 2 .   ? 9.143   -6.447  -4.965  1.00 14.40 ? 300 VS2 A C15 1 
HETATM 1663 C C16 . VS2 B 2 .   ? 9.198   -5.076  -5.285  1.00 13.67 ? 300 VS2 A C16 1 
HETATM 1664 C C17 . VS2 B 2 .   ? 10.465  -0.761  -4.963  1.00 14.76 ? 300 VS2 A C17 1 
HETATM 1665 O O3  . VS2 B 2 .   ? 10.862  -0.169  -3.952  1.00 14.79 ? 300 VS2 A O3  1 
HETATM 1666 N N2  . VS2 B 2 .   ? 10.056  -0.074  -6.057  1.00 12.54 ? 300 VS2 A N2  1 
HETATM 1667 C C18 . VS2 B 2 .   ? 10.092  1.389   -6.025  1.00 14.47 ? 300 VS2 A C18 1 
HETATM 1668 C C19 . VS2 B 2 .   ? 11.151  1.883   -7.064  1.00 15.52 ? 300 VS2 A C19 1 
HETATM 1669 C C20 . VS2 B 2 .   ? 12.578  1.462   -6.695  1.00 19.51 ? 300 VS2 A C20 1 
HETATM 1670 C C21 . VS2 B 2 .   ? 13.574  1.966   -7.702  1.00 24.05 ? 300 VS2 A C21 1 
HETATM 1671 C C22 . VS2 B 2 .   ? 13.920  3.326   -7.764  1.00 27.42 ? 300 VS2 A C22 1 
HETATM 1672 C C23 . VS2 B 2 .   ? 14.802  3.794   -8.757  1.00 28.70 ? 300 VS2 A C23 1 
HETATM 1673 C C24 . VS2 B 2 .   ? 15.343  2.890   -9.689  1.00 27.97 ? 300 VS2 A C24 1 
HETATM 1674 C C25 . VS2 B 2 .   ? 15.018  1.526   -9.623  1.00 27.13 ? 300 VS2 A C25 1 
HETATM 1675 C C26 . VS2 B 2 .   ? 14.134  1.068   -8.632  1.00 26.37 ? 300 VS2 A C26 1 
HETATM 1676 C C28 . VS2 B 2 .   ? 8.402   1.990   -7.630  1.00 17.28 ? 300 VS2 A C28 1 
HETATM 1677 S S1  . VS2 B 2 .   ? 7.869   3.379   -8.518  1.00 16.11 ? 300 VS2 A S1  1 
HETATM 1678 O O4  . VS2 B 2 .   ? 8.912   4.384   -8.384  1.00 17.73 ? 300 VS2 A O4  1 
HETATM 1679 O O5  . VS2 B 2 .   ? 6.531   3.810   -8.175  1.00 15.13 ? 300 VS2 A O5  1 
HETATM 1680 C C29 . VS2 B 2 .   ? 7.867   2.792   -10.247 1.00 22.66 ? 300 VS2 A C29 1 
HETATM 1681 C C30 . VS2 B 2 .   ? 9.226   2.343   -10.815 1.00 27.50 ? 300 VS2 A C30 1 
HETATM 1682 C C31 . VS2 B 2 .   ? 10.243  3.296   -10.995 1.00 30.37 ? 300 VS2 A C31 1 
HETATM 1683 C C32 . VS2 B 2 .   ? 11.546  2.909   -11.363 1.00 32.87 ? 300 VS2 A C32 1 
HETATM 1684 C C33 . VS2 B 2 .   ? 11.852  1.554   -11.570 1.00 32.50 ? 300 VS2 A C33 1 
HETATM 1685 C C34 . VS2 B 2 .   ? 10.844  0.590   -11.439 1.00 30.50 ? 300 VS2 A C34 1 
HETATM 1686 C C35 . VS2 B 2 .   ? 9.538   0.986   -11.068 1.00 29.42 ? 300 VS2 A C35 1 
HETATM 1687 C C27 . VS2 B 2 .   ? 8.747   2.046   -6.329  1.00 13.71 ? 300 VS2 A C27 1 
HETATM 1688 O O   . HOH C 3 .   ? -16.500 -3.576  -5.221  1.00 24.92 ? 301 HOH A O   1 
HETATM 1689 O O   . HOH C 3 .   ? -19.840 3.176   5.519   1.00 19.41 ? 302 HOH A O   1 
HETATM 1690 O O   . HOH C 3 .   ? -12.441 5.382   2.505   1.00 36.01 ? 303 HOH A O   1 
HETATM 1691 O O   . HOH C 3 .   ? -8.773  7.414   -1.500  1.00 25.03 ? 304 HOH A O   1 
HETATM 1692 O O   . HOH C 3 .   ? -5.154  4.309   3.509   1.00 16.81 ? 305 HOH A O   1 
HETATM 1693 O O   . HOH C 3 .   ? -5.972  13.283  -2.736  1.00 57.18 ? 306 HOH A O   1 
HETATM 1694 O O   . HOH C 3 .   ? -1.957  6.936   -2.424  1.00 14.72 ? 307 HOH A O   1 
HETATM 1695 O O   . HOH C 3 .   ? 1.219   16.931  5.015   1.00 47.81 ? 308 HOH A O   1 
HETATM 1696 O O   . HOH C 3 .   ? 2.016   2.830   -3.670  1.00 13.95 ? 309 HOH A O   1 
HETATM 1697 O O   . HOH C 3 .   ? -2.410  5.833   2.151   1.00 45.74 ? 310 HOH A O   1 
HETATM 1698 O O   . HOH C 3 .   ? 0.363   5.515   1.682   1.00 20.20 ? 311 HOH A O   1 
HETATM 1699 O O   . HOH C 3 .   ? -7.169  -4.187  12.519  1.00 22.78 ? 312 HOH A O   1 
HETATM 1700 O O   . HOH C 3 .   ? -8.170  -5.977  10.454  1.00 17.23 ? 313 HOH A O   1 
HETATM 1701 O O   . HOH C 3 .   ? -8.465  -8.611  11.809  1.00 39.39 ? 314 HOH A O   1 
HETATM 1702 O O   . HOH C 3 .   ? -12.447 8.177   11.316  1.00 28.35 ? 315 HOH A O   1 
HETATM 1703 O O   . HOH C 3 .   ? -1.712  12.995  10.214  1.00 22.97 ? 316 HOH A O   1 
HETATM 1704 O O   . HOH C 3 .   ? 5.103   11.385  5.238   1.00 16.36 ? 317 HOH A O   1 
HETATM 1705 O O   . HOH C 3 .   ? 14.572  3.892   3.826   1.00 15.82 ? 318 HOH A O   1 
HETATM 1706 O O   . HOH C 3 .   ? 17.316  5.355   11.495  1.00 38.13 ? 319 HOH A O   1 
HETATM 1707 O O   . HOH C 3 .   ? 13.495  -4.790  8.569   1.00 17.15 ? 320 HOH A O   1 
HETATM 1708 O O   . HOH C 3 .   ? 7.262   -6.762  0.817   1.00 14.04 ? 321 HOH A O   1 
HETATM 1709 O O   . HOH C 3 .   ? 4.412   -7.496  0.587   1.00 15.32 ? 322 HOH A O   1 
HETATM 1710 O O   . HOH C 3 .   ? 6.416   -6.825  11.675  1.00 24.11 ? 323 HOH A O   1 
HETATM 1711 O O   . HOH C 3 .   ? 11.714  -1.553  18.866  1.00 36.40 ? 324 HOH A O   1 
HETATM 1712 O O   . HOH C 3 .   ? 2.917   14.940  3.752   1.00 23.56 ? 325 HOH A O   1 
HETATM 1713 O O   . HOH C 3 .   ? 9.745   16.166  7.010   1.00 32.16 ? 326 HOH A O   1 
HETATM 1714 O O   . HOH C 3 .   ? 9.617   16.222  10.034  1.00 41.47 ? 327 HOH A O   1 
HETATM 1715 O O   . HOH C 3 .   ? 8.986   18.990  5.785   1.00 37.84 ? 328 HOH A O   1 
HETATM 1716 O O   . HOH C 3 .   ? 17.558  9.883   5.118   1.00 61.78 ? 329 HOH A O   1 
HETATM 1717 O O   . HOH C 3 .   ? 19.260  9.471   8.684   1.00 49.47 ? 330 HOH A O   1 
HETATM 1718 O O   . HOH C 3 .   ? 5.388   -7.740  19.044  1.00 61.71 ? 331 HOH A O   1 
HETATM 1719 O O   . HOH C 3 .   ? 5.583   -10.469 12.820  1.00 33.24 ? 332 HOH A O   1 
HETATM 1720 O O   . HOH C 3 .   ? -5.414  -16.169 3.045   1.00 24.69 ? 333 HOH A O   1 
HETATM 1721 O O   . HOH C 3 .   ? -13.567 -14.432 3.415   1.00 18.89 ? 334 HOH A O   1 
HETATM 1722 O O   . HOH C 3 .   ? 2.663   -4.303  -15.801 1.00 16.18 ? 335 HOH A O   1 
HETATM 1723 O O   . HOH C 3 .   ? -13.674 -1.362  -18.101 1.00 41.88 ? 336 HOH A O   1 
HETATM 1724 O O   . HOH C 3 .   ? 3.144   -10.905 -19.278 1.00 39.29 ? 337 HOH A O   1 
HETATM 1725 O O   . HOH C 3 .   ? 8.476   -6.078  -16.604 1.00 47.30 ? 338 HOH A O   1 
HETATM 1726 O O   . HOH C 3 .   ? 9.647   -10.836 -9.829  1.00 33.38 ? 339 HOH A O   1 
HETATM 1727 O O   . HOH C 3 .   ? 9.190   -4.869  -13.911 1.00 34.17 ? 340 HOH A O   1 
HETATM 1728 O O   . HOH C 3 .   ? 1.888   -9.151  -4.725  1.00 15.60 ? 341 HOH A O   1 
HETATM 1729 O O   . HOH C 3 .   ? -16.503 -14.037 -4.177  1.00 37.36 ? 342 HOH A O   1 
HETATM 1730 O O   . HOH C 3 .   ? -12.777 -14.218 -4.254  1.00 40.05 ? 343 HOH A O   1 
HETATM 1731 O O   . HOH C 3 .   ? -2.155  7.231   -7.834  1.00 15.35 ? 344 HOH A O   1 
HETATM 1732 O O   . HOH C 3 .   ? -5.482  -11.383 -11.687 1.00 14.26 ? 345 HOH A O   1 
HETATM 1733 O O   . HOH C 3 .   ? -11.483 5.571   -8.198  1.00 33.78 ? 346 HOH A O   1 
HETATM 1734 O O   . HOH C 3 .   ? -9.241  9.217   -5.461  1.00 33.44 ? 347 HOH A O   1 
HETATM 1735 O O   . HOH C 3 .   ? 1.782   -13.500 -1.579  1.00 15.61 ? 348 HOH A O   1 
HETATM 1736 O O   . HOH C 3 .   ? 4.670   -11.060 1.588   1.00 33.33 ? 349 HOH A O   1 
HETATM 1737 O O   . HOH C 3 .   ? -4.622  -5.928  12.377  1.00 30.27 ? 350 HOH A O   1 
HETATM 1738 O O   . HOH C 3 .   ? -0.813  -2.723  18.322  1.00 54.88 ? 351 HOH A O   1 
HETATM 1739 O O   . HOH C 3 .   ? -16.009 -16.930 -2.936  1.00 34.42 ? 352 HOH A O   1 
HETATM 1740 O O   . HOH C 3 .   ? -7.294  11.221  4.021   1.00 39.89 ? 353 HOH A O   1 
HETATM 1741 O O   . HOH C 3 .   ? 4.009   11.468  -9.362  1.00 55.01 ? 354 HOH A O   1 
HETATM 1742 O O   . HOH C 3 .   ? -5.381  5.213   10.223  1.00 25.73 ? 355 HOH A O   1 
HETATM 1743 O O   . HOH C 3 .   ? -0.557  2.499   -2.503  1.00 14.12 ? 356 HOH A O   1 
HETATM 1744 O O   . HOH C 3 .   ? 17.017  7.832   -0.553  1.00 29.39 ? 357 HOH A O   1 
HETATM 1745 O O   . HOH C 3 .   ? 14.138  -5.045  11.424  1.00 25.84 ? 358 HOH A O   1 
HETATM 1746 O O   . HOH C 3 .   ? 4.743   -3.553  18.886  1.00 42.89 ? 359 HOH A O   1 
HETATM 1747 O O   . HOH C 3 .   ? 7.953   -3.200  19.347  1.00 47.72 ? 360 HOH A O   1 
HETATM 1748 O O   . HOH C 3 .   ? 2.929   11.692  2.658   1.00 49.92 ? 361 HOH A O   1 
HETATM 1749 O O   . HOH C 3 .   ? 9.106   11.839  18.116  1.00 34.94 ? 362 HOH A O   1 
HETATM 1750 O O   . HOH C 3 .   ? -1.191  -15.317 5.969   1.00 52.02 ? 363 HOH A O   1 
HETATM 1751 O O   . HOH C 3 .   ? -12.145 -16.376 -1.872  1.00 59.54 ? 364 HOH A O   1 
HETATM 1752 O O   . HOH C 3 .   ? -15.455 -5.839  -15.430 1.00 31.77 ? 365 HOH A O   1 
HETATM 1753 O O   . HOH C 3 .   ? -7.831  10.945  -12.672 1.00 37.32 ? 366 HOH A O   1 
HETATM 1754 O O   . HOH C 3 .   ? -8.418  10.340  -2.839  1.00 36.93 ? 367 HOH A O   1 
HETATM 1755 O O   . HOH C 3 .   ? -17.199 -0.099  -5.371  1.00 49.70 ? 368 HOH A O   1 
HETATM 1756 O O   . HOH C 3 .   ? -18.854 -2.901  -3.649  1.00 47.43 ? 369 HOH A O   1 
HETATM 1757 O O   . HOH C 3 .   ? -10.642 9.310   2.550   1.00 55.27 ? 370 HOH A O   1 
HETATM 1758 O O   . HOH C 3 .   ? -0.813  4.888   -0.945  1.00 33.37 ? 371 HOH A O   1 
HETATM 1759 O O   . HOH C 3 .   ? -14.011 7.209   13.815  1.00 58.17 ? 372 HOH A O   1 
HETATM 1760 O O   . HOH C 3 .   ? -5.289  12.437  9.676   1.00 39.78 ? 373 HOH A O   1 
HETATM 1761 O O   . HOH C 3 .   ? 8.959   -8.909  -0.455  1.00 37.92 ? 374 HOH A O   1 
HETATM 1762 O O   . HOH C 3 .   ? 20.412  2.733   -4.711  1.00 61.35 ? 375 HOH A O   1 
HETATM 1763 O O   . HOH C 3 .   ? 15.982  -1.233  -6.080  1.00 64.93 ? 376 HOH A O   1 
HETATM 1764 O O   . HOH C 3 .   ? 13.992  15.563  -2.115  1.00 51.60 ? 377 HOH A O   1 
HETATM 1765 O O   . HOH C 3 .   ? -4.565  -17.437 -7.710  1.00 44.85 ? 378 HOH A O   1 
HETATM 1766 O O   . HOH C 3 .   ? -9.740  -14.866 -7.861  1.00 62.85 ? 379 HOH A O   1 
HETATM 1767 O O   . HOH C 3 .   ? -14.595 -7.534  8.881   1.00 63.31 ? 380 HOH A O   1 
HETATM 1768 O O   . HOH C 3 .   ? -3.294  -7.133  -24.550 1.00 66.57 ? 381 HOH A O   1 
# 
